data_1YCF
#
_entry.id   1YCF
#
_cell.length_a   159.670
_cell.length_b   159.670
_cell.length_c   276.798
_cell.angle_alpha   90.00
_cell.angle_beta   90.00
_cell.angle_gamma   90.00
#
_symmetry.space_group_name_H-M   'P 43 21 2'
#
loop_
_entity.id
_entity.type
_entity.pdbx_description
1 polymer 'Nitric oxide reductase'
2 non-polymer 'ZINC ION'
3 non-polymer MU-OXO-DIIRON
4 non-polymer 'OXYGEN MOLECULE'
5 non-polymer 'FLAVIN MONONUCLEOTIDE'
6 water water
#
_entity_poly.entity_id   1
_entity_poly.type   'polypeptide(L)'
_entity_poly.pdbx_seq_one_letter_code
;SQPVAITDGIYWVGAVDWNIRYFHGPAFSTHRGTTYNAYLIVDDKTALVDTVYEPFKEELIAKLKQIKDPVKLDYLVVNH
TESDHAGAFPAIMELCPDAHVLCTQRAFDSLKAHYSHIDFNYTIVKTGTSVSLGKRSLTFIEAPMLHWPDSMFTYVPEEA
LLLPNDAFGQHIATSVRFDDQVDAGLIMDEAAKYYANILMPFSNLITKKLDEIQKINLAIKTIAPSHGIIWRKDPGRIIE
AYARWAEGQGKAKAVIAYDTMWLSTEKMAHALMDGLVAGGCEVKLFKLSVSDRNDVIKEILDARAVLVGSPTINNDILPV
VSPLLDDLVGLRPKNKVGLAFGAYGWGGGAQKILEERLKAAKIELIAEPGPTVQWVPRGEDLQRCYELGRKIAARIAD
;
_entity_poly.pdbx_strand_id   A,B,C,D
#
# COMPACT_ATOMS: atom_id res chain seq x y z
N SER A 1 -4.24 -32.75 6.08
CA SER A 1 -5.37 -32.72 7.01
C SER A 1 -4.89 -32.46 8.43
N GLN A 2 -4.79 -33.52 9.24
CA GLN A 2 -4.40 -33.42 10.65
C GLN A 2 -3.07 -32.77 11.01
N PRO A 3 -3.02 -32.13 12.19
CA PRO A 3 -1.80 -31.48 12.64
C PRO A 3 -1.04 -32.58 13.40
N VAL A 4 0.25 -32.37 13.65
CA VAL A 4 0.99 -33.37 14.37
C VAL A 4 1.67 -32.70 15.55
N ALA A 5 1.48 -33.27 16.72
CA ALA A 5 2.07 -32.71 17.93
C ALA A 5 3.51 -33.13 18.09
N ILE A 6 4.41 -32.14 18.19
CA ILE A 6 5.83 -32.39 18.40
C ILE A 6 5.95 -32.72 19.88
N THR A 7 5.06 -32.11 20.65
CA THR A 7 4.97 -32.27 22.10
C THR A 7 3.77 -31.47 22.56
N ASP A 8 3.19 -31.86 23.69
CA ASP A 8 2.02 -31.18 24.23
C ASP A 8 2.08 -29.64 24.12
N GLY A 9 1.13 -29.07 23.40
CA GLY A 9 1.07 -27.63 23.25
C GLY A 9 1.81 -27.08 22.03
N ILE A 10 2.62 -27.93 21.40
CA ILE A 10 3.37 -27.52 20.21
C ILE A 10 3.01 -28.46 19.07
N TYR A 11 2.49 -27.89 17.99
CA TYR A 11 2.06 -28.70 16.85
C TYR A 11 2.64 -28.29 15.50
N TRP A 12 2.76 -29.29 14.63
CA TRP A 12 3.21 -29.05 13.26
C TRP A 12 1.89 -28.78 12.53
N VAL A 13 1.78 -27.62 11.89
CA VAL A 13 0.56 -27.28 11.17
C VAL A 13 0.85 -26.82 9.74
N GLY A 14 1.94 -27.34 9.17
CA GLY A 14 2.30 -26.98 7.82
C GLY A 14 1.57 -27.80 6.78
N ALA A 15 2.04 -27.74 5.55
CA ALA A 15 1.44 -28.49 4.44
C ALA A 15 2.49 -29.27 3.64
N VAL A 16 2.09 -30.43 3.15
CA VAL A 16 2.97 -31.28 2.35
C VAL A 16 2.70 -31.06 0.88
N ASP A 17 3.74 -30.78 0.11
CA ASP A 17 3.61 -30.53 -1.31
C ASP A 17 4.17 -31.77 -2.03
N TRP A 18 3.29 -32.70 -2.35
CA TRP A 18 3.68 -33.94 -3.01
C TRP A 18 4.03 -33.80 -4.49
N ASN A 19 3.29 -32.96 -5.20
CA ASN A 19 3.51 -32.85 -6.63
C ASN A 19 4.54 -31.84 -7.16
N ILE A 20 5.03 -30.95 -6.30
CA ILE A 20 6.02 -29.94 -6.72
C ILE A 20 7.29 -30.62 -7.25
N ARG A 21 7.85 -30.07 -8.32
CA ARG A 21 9.07 -30.65 -8.89
C ARG A 21 10.21 -29.65 -9.05
N TYR A 22 9.88 -28.36 -8.99
CA TYR A 22 10.88 -27.32 -9.11
C TYR A 22 10.64 -26.18 -8.14
N PHE A 23 11.44 -26.15 -7.09
CA PHE A 23 11.34 -25.12 -6.07
C PHE A 23 12.16 -23.91 -6.51
N HIS A 24 11.91 -22.76 -5.87
CA HIS A 24 12.60 -21.52 -6.22
C HIS A 24 12.44 -21.29 -7.71
N GLY A 25 11.26 -21.60 -8.24
CA GLY A 25 11.04 -21.43 -9.67
C GLY A 25 11.67 -22.62 -10.38
N PRO A 26 12.52 -22.38 -11.39
CA PRO A 26 13.16 -23.48 -12.13
C PRO A 26 14.51 -23.86 -11.51
N ALA A 27 14.87 -23.18 -10.43
CA ALA A 27 16.14 -23.41 -9.76
C ALA A 27 16.34 -24.82 -9.17
N PHE A 28 16.00 -24.98 -7.90
CA PHE A 28 16.15 -26.26 -7.21
C PHE A 28 15.06 -27.26 -7.57
N SER A 29 15.49 -28.44 -8.05
CA SER A 29 14.56 -29.49 -8.44
C SER A 29 14.25 -30.42 -7.26
N THR A 30 12.96 -30.63 -7.00
CA THR A 30 12.54 -31.50 -5.92
C THR A 30 11.93 -32.78 -6.50
N HIS A 31 12.80 -33.73 -6.81
CA HIS A 31 12.37 -35.00 -7.38
C HIS A 31 11.20 -35.57 -6.56
N ARG A 32 11.22 -35.30 -5.25
CA ARG A 32 10.18 -35.81 -4.35
C ARG A 32 9.36 -34.77 -3.62
N GLY A 33 9.08 -33.64 -4.27
CA GLY A 33 8.31 -32.58 -3.63
C GLY A 33 8.97 -32.11 -2.35
N THR A 34 8.21 -31.39 -1.51
CA THR A 34 8.71 -30.87 -0.22
C THR A 34 7.55 -30.64 0.71
N THR A 35 7.76 -29.78 1.70
CA THR A 35 6.74 -29.39 2.65
C THR A 35 7.06 -27.98 3.10
N TYR A 36 6.04 -27.31 3.60
CA TYR A 36 6.19 -25.96 4.12
C TYR A 36 5.73 -26.15 5.55
N ASN A 37 6.69 -26.25 6.46
CA ASN A 37 6.37 -26.47 7.86
C ASN A 37 6.04 -25.17 8.55
N ALA A 38 5.18 -25.28 9.55
CA ALA A 38 4.74 -24.16 10.36
C ALA A 38 4.38 -24.75 11.71
N TYR A 39 4.76 -24.08 12.78
CA TYR A 39 4.50 -24.59 14.13
C TYR A 39 3.67 -23.65 15.01
N LEU A 40 2.73 -24.25 15.73
CA LEU A 40 1.83 -23.52 16.63
C LEU A 40 2.10 -23.86 18.09
N ILE A 41 2.35 -22.85 18.91
CA ILE A 41 2.63 -23.05 20.33
C ILE A 41 1.46 -22.55 21.18
N VAL A 42 0.79 -23.47 21.85
CA VAL A 42 -0.36 -23.13 22.69
C VAL A 42 0.01 -23.00 24.16
N ASP A 43 0.13 -21.75 24.61
CA ASP A 43 0.45 -21.43 25.99
C ASP A 43 -0.59 -20.43 26.45
N ASP A 44 -0.35 -19.76 27.57
CA ASP A 44 -1.29 -18.77 28.07
C ASP A 44 -1.50 -17.77 26.93
N LYS A 45 -0.55 -17.78 26.00
CA LYS A 45 -0.62 -16.92 24.83
C LYS A 45 -0.06 -17.74 23.67
N THR A 46 -0.96 -18.24 22.81
CA THR A 46 -0.57 -19.05 21.67
C THR A 46 0.14 -18.24 20.60
N ALA A 47 1.17 -18.84 19.99
CA ALA A 47 1.96 -18.19 18.95
C ALA A 47 2.10 -19.07 17.70
N LEU A 48 2.34 -18.42 16.55
CA LEU A 48 2.52 -19.12 15.28
C LEU A 48 3.88 -18.76 14.67
N VAL A 49 4.65 -19.79 14.30
CA VAL A 49 5.95 -19.59 13.72
C VAL A 49 5.87 -19.81 12.23
N ASP A 50 5.96 -18.72 11.48
CA ASP A 50 5.89 -18.78 10.03
C ASP A 50 4.54 -19.23 9.57
N THR A 51 4.33 -19.11 8.27
CA THR A 51 3.09 -19.53 7.66
C THR A 51 3.36 -20.58 6.59
N VAL A 52 2.78 -20.37 5.41
CA VAL A 52 2.89 -21.38 4.38
C VAL A 52 2.76 -20.82 2.96
N TYR A 53 3.30 -21.54 1.98
CA TYR A 53 3.21 -21.14 0.57
C TYR A 53 1.73 -20.84 0.29
N GLU A 54 1.44 -19.64 -0.18
CA GLU A 54 0.06 -19.23 -0.40
C GLU A 54 -0.93 -20.32 -0.84
N PRO A 55 -0.58 -21.08 -1.89
CA PRO A 55 -1.43 -22.16 -2.40
C PRO A 55 -1.84 -23.22 -1.38
N PHE A 56 -1.30 -23.14 -0.17
CA PHE A 56 -1.64 -24.11 0.87
C PHE A 56 -2.16 -23.42 2.12
N LYS A 57 -2.60 -22.17 1.97
CA LYS A 57 -3.11 -21.41 3.11
C LYS A 57 -4.30 -22.10 3.75
N GLU A 58 -5.22 -22.57 2.91
CA GLU A 58 -6.40 -23.26 3.41
C GLU A 58 -5.98 -24.39 4.34
N GLU A 59 -4.95 -25.14 3.96
CA GLU A 59 -4.47 -26.25 4.79
C GLU A 59 -4.01 -25.74 6.15
N LEU A 60 -3.20 -24.68 6.14
CA LEU A 60 -2.70 -24.08 7.36
C LEU A 60 -3.85 -23.70 8.29
N ILE A 61 -4.68 -22.78 7.82
CA ILE A 61 -5.85 -22.33 8.58
C ILE A 61 -6.67 -23.53 9.04
N ALA A 62 -6.96 -24.42 8.12
CA ALA A 62 -7.73 -25.61 8.44
C ALA A 62 -7.11 -26.33 9.64
N LYS A 63 -5.79 -26.50 9.61
CA LYS A 63 -5.07 -27.17 10.70
C LYS A 63 -5.08 -26.39 12.02
N LEU A 64 -5.10 -25.05 11.92
CA LEU A 64 -5.12 -24.20 13.09
C LEU A 64 -6.46 -24.36 13.81
N LYS A 65 -7.54 -24.25 13.05
CA LYS A 65 -8.86 -24.39 13.63
C LYS A 65 -9.02 -25.74 14.29
N GLN A 66 -8.13 -26.67 13.97
CA GLN A 66 -8.22 -28.01 14.55
C GLN A 66 -7.64 -28.11 15.94
N ILE A 67 -6.85 -27.11 16.33
CA ILE A 67 -6.26 -27.10 17.67
C ILE A 67 -7.21 -26.29 18.55
N LYS A 68 -7.62 -25.13 18.04
CA LYS A 68 -8.53 -24.24 18.75
C LYS A 68 -9.30 -23.54 17.65
N ASP A 69 -10.61 -23.76 17.57
CA ASP A 69 -11.41 -23.16 16.50
C ASP A 69 -11.34 -21.65 16.43
N PRO A 70 -11.99 -20.93 17.36
CA PRO A 70 -11.81 -19.48 17.16
C PRO A 70 -10.30 -19.31 17.27
N VAL A 71 -9.65 -19.06 16.13
CA VAL A 71 -8.20 -18.92 16.10
C VAL A 71 -7.71 -17.75 16.95
N LYS A 72 -6.90 -18.09 17.96
CA LYS A 72 -6.37 -17.09 18.87
C LYS A 72 -5.25 -16.28 18.22
N LEU A 73 -4.03 -16.78 18.31
CA LEU A 73 -2.88 -16.10 17.72
C LEU A 73 -2.55 -14.74 18.33
N ASP A 74 -1.79 -14.75 19.42
CA ASP A 74 -1.37 -13.51 20.05
C ASP A 74 -0.14 -13.04 19.28
N TYR A 75 0.80 -13.95 19.10
CA TYR A 75 2.02 -13.64 18.38
C TYR A 75 2.12 -14.43 17.09
N LEU A 76 2.74 -13.80 16.09
CA LEU A 76 2.97 -14.39 14.77
C LEU A 76 4.44 -14.14 14.47
N VAL A 77 5.24 -15.20 14.54
CA VAL A 77 6.67 -15.07 14.28
C VAL A 77 7.07 -15.34 12.83
N VAL A 78 7.70 -14.34 12.22
CA VAL A 78 8.16 -14.45 10.84
C VAL A 78 9.68 -14.62 10.85
N ASN A 79 10.11 -15.88 10.88
CA ASN A 79 11.53 -16.24 10.89
C ASN A 79 12.19 -15.93 9.55
N HIS A 80 11.37 -15.88 8.50
CA HIS A 80 11.85 -15.65 7.15
C HIS A 80 10.65 -15.20 6.30
N THR A 81 10.89 -14.35 5.31
CA THR A 81 9.79 -13.86 4.48
C THR A 81 9.74 -14.41 3.06
N GLU A 82 10.75 -15.19 2.69
CA GLU A 82 10.86 -15.79 1.35
C GLU A 82 9.58 -15.84 0.51
N SER A 83 8.60 -16.64 0.94
CA SER A 83 7.33 -16.79 0.22
C SER A 83 6.75 -18.17 0.37
N ASP A 84 7.62 -19.17 0.33
CA ASP A 84 7.16 -20.53 0.53
C ASP A 84 6.83 -20.60 2.01
N HIS A 85 7.15 -19.52 2.71
CA HIS A 85 6.90 -19.43 4.14
C HIS A 85 5.95 -18.30 4.54
N ALA A 86 6.07 -17.15 3.88
CA ALA A 86 5.22 -16.01 4.22
C ALA A 86 4.07 -15.77 3.26
N GLY A 87 3.90 -16.64 2.28
CA GLY A 87 2.84 -16.48 1.31
C GLY A 87 1.45 -16.33 1.90
N ALA A 88 1.20 -17.04 3.00
CA ALA A 88 -0.10 -16.99 3.64
C ALA A 88 -0.14 -15.93 4.74
N PHE A 89 0.76 -14.95 4.65
CA PHE A 89 0.82 -13.88 5.64
C PHE A 89 -0.48 -13.08 5.59
N PRO A 90 -0.83 -12.54 4.43
CA PRO A 90 -2.07 -11.77 4.38
C PRO A 90 -3.28 -12.60 4.82
N ALA A 91 -3.30 -13.87 4.43
CA ALA A 91 -4.41 -14.74 4.80
C ALA A 91 -4.51 -14.91 6.31
N ILE A 92 -3.37 -15.15 6.97
CA ILE A 92 -3.35 -15.33 8.42
C ILE A 92 -3.60 -14.02 9.14
N MET A 93 -3.22 -12.93 8.49
CA MET A 93 -3.38 -11.59 9.05
C MET A 93 -4.83 -11.16 8.98
N GLU A 94 -5.56 -11.66 7.98
CA GLU A 94 -6.97 -11.35 7.84
C GLU A 94 -7.71 -12.19 8.89
N LEU A 95 -7.29 -13.44 9.05
CA LEU A 95 -7.89 -14.35 10.02
C LEU A 95 -7.77 -13.76 11.43
N CYS A 96 -6.63 -13.15 11.73
CA CYS A 96 -6.38 -12.53 13.03
C CYS A 96 -5.66 -11.18 12.85
N PRO A 97 -6.42 -10.09 12.63
CA PRO A 97 -5.81 -8.77 12.45
C PRO A 97 -5.07 -8.24 13.67
N ASP A 98 -5.55 -8.63 14.86
CA ASP A 98 -4.97 -8.21 16.13
C ASP A 98 -3.63 -8.88 16.48
N ALA A 99 -3.10 -9.69 15.57
CA ALA A 99 -1.85 -10.41 15.82
C ALA A 99 -0.61 -9.54 15.95
N HIS A 100 0.22 -9.89 16.94
CA HIS A 100 1.47 -9.21 17.26
C HIS A 100 2.58 -9.90 16.48
N VAL A 101 3.11 -9.24 15.44
CA VAL A 101 4.17 -9.82 14.62
C VAL A 101 5.55 -9.67 15.23
N LEU A 102 6.28 -10.77 15.29
CA LEU A 102 7.65 -10.79 15.83
C LEU A 102 8.58 -11.09 14.66
N CYS A 103 9.54 -10.23 14.40
CA CYS A 103 10.46 -10.47 13.30
C CYS A 103 11.71 -9.62 13.40
N THR A 104 12.60 -9.78 12.44
CA THR A 104 13.84 -9.00 12.43
C THR A 104 13.49 -7.67 11.79
N GLN A 105 14.50 -6.84 11.58
CA GLN A 105 14.28 -5.55 10.96
C GLN A 105 14.12 -5.75 9.46
N ARG A 106 15.08 -6.44 8.85
CA ARG A 106 15.05 -6.68 7.42
C ARG A 106 13.77 -7.44 7.03
N ALA A 107 13.28 -8.27 7.95
CA ALA A 107 12.06 -9.04 7.71
C ALA A 107 10.92 -8.04 7.56
N PHE A 108 10.78 -7.19 8.57
CA PHE A 108 9.77 -6.15 8.60
C PHE A 108 9.76 -5.36 7.28
N ASP A 109 10.93 -4.90 6.87
CA ASP A 109 11.07 -4.12 5.64
C ASP A 109 10.56 -4.91 4.45
N SER A 110 11.01 -6.15 4.33
CA SER A 110 10.60 -7.03 3.23
C SER A 110 9.10 -7.25 3.27
N LEU A 111 8.59 -7.52 4.47
CA LEU A 111 7.18 -7.75 4.68
C LEU A 111 6.37 -6.52 4.22
N LYS A 112 6.80 -5.34 4.63
CA LYS A 112 6.09 -4.12 4.24
C LYS A 112 6.20 -3.88 2.74
N ALA A 113 7.24 -4.41 2.11
CA ALA A 113 7.45 -4.24 0.67
C ALA A 113 6.64 -5.24 -0.14
N HIS A 114 6.63 -6.49 0.32
CA HIS A 114 5.90 -7.57 -0.34
C HIS A 114 4.41 -7.51 -0.09
N TYR A 115 3.99 -6.69 0.87
CA TYR A 115 2.56 -6.63 1.16
C TYR A 115 1.92 -5.27 1.29
N SER A 116 2.42 -4.43 2.18
CA SER A 116 1.83 -3.11 2.38
C SER A 116 0.33 -3.37 2.44
N HIS A 117 -0.49 -2.33 2.30
CA HIS A 117 -1.94 -2.51 2.36
C HIS A 117 -2.32 -3.46 3.51
N ILE A 118 -1.34 -3.78 4.33
CA ILE A 118 -1.51 -4.66 5.48
C ILE A 118 -0.70 -4.12 6.65
N ASP A 119 -1.40 -3.54 7.61
CA ASP A 119 -0.76 -3.00 8.79
C ASP A 119 -0.89 -4.02 9.89
N PHE A 120 0.08 -4.01 10.80
CA PHE A 120 0.08 -4.96 11.88
C PHE A 120 0.92 -4.50 13.05
N ASN A 121 0.46 -4.83 14.25
CA ASN A 121 1.17 -4.49 15.47
C ASN A 121 2.40 -5.39 15.46
N TYR A 122 3.58 -4.80 15.33
CA TYR A 122 4.80 -5.57 15.32
C TYR A 122 5.73 -5.23 16.47
N THR A 123 7.01 -5.54 16.30
CA THR A 123 8.02 -5.30 17.32
C THR A 123 9.31 -6.01 16.91
N ILE A 124 10.18 -5.28 16.22
CA ILE A 124 11.45 -5.82 15.78
C ILE A 124 12.15 -6.61 16.88
N VAL A 125 12.77 -7.71 16.48
CA VAL A 125 13.47 -8.57 17.40
C VAL A 125 14.95 -8.65 17.04
N LYS A 126 15.76 -8.99 18.04
CA LYS A 126 17.21 -9.10 17.87
C LYS A 126 17.70 -10.30 18.65
N THR A 127 18.93 -10.72 18.38
CA THR A 127 19.48 -11.88 19.08
C THR A 127 19.38 -11.71 20.59
N GLY A 128 18.93 -12.76 21.27
CA GLY A 128 18.79 -12.70 22.70
C GLY A 128 17.42 -12.30 23.18
N THR A 129 16.81 -11.31 22.54
CA THR A 129 15.48 -10.83 22.92
C THR A 129 14.57 -12.01 23.27
N SER A 130 13.66 -11.82 24.22
CA SER A 130 12.78 -12.89 24.64
C SER A 130 11.34 -12.46 24.95
N VAL A 131 10.39 -13.27 24.47
CA VAL A 131 8.96 -13.03 24.68
C VAL A 131 8.42 -14.23 25.45
N SER A 132 7.58 -14.00 26.44
CA SER A 132 7.01 -15.09 27.22
C SER A 132 5.57 -15.34 26.80
N LEU A 133 5.15 -16.60 26.87
CA LEU A 133 3.80 -17.00 26.48
C LEU A 133 3.11 -17.67 27.66
N GLY A 134 3.82 -17.74 28.78
CA GLY A 134 3.29 -18.39 29.96
C GLY A 134 4.30 -19.41 30.44
N LYS A 135 3.89 -20.68 30.52
CA LYS A 135 4.80 -21.74 30.94
C LYS A 135 6.04 -21.64 30.04
N ARG A 136 5.79 -21.71 28.74
CA ARG A 136 6.85 -21.64 27.74
C ARG A 136 7.04 -20.21 27.25
N SER A 137 8.24 -19.94 26.75
CA SER A 137 8.59 -18.62 26.24
C SER A 137 9.38 -18.85 24.96
N LEU A 138 9.72 -17.77 24.24
CA LEU A 138 10.49 -17.94 23.04
C LEU A 138 11.52 -16.86 22.77
N THR A 139 12.78 -17.29 22.73
CA THR A 139 13.91 -16.42 22.47
C THR A 139 14.35 -16.54 21.02
N PHE A 140 14.81 -15.43 20.44
CA PHE A 140 15.21 -15.42 19.03
C PHE A 140 16.71 -15.25 18.83
N ILE A 141 17.19 -15.75 17.69
CA ILE A 141 18.60 -15.65 17.33
C ILE A 141 18.68 -15.19 15.88
N GLU A 142 19.23 -14.01 15.67
CA GLU A 142 19.36 -13.47 14.32
C GLU A 142 20.32 -14.35 13.51
N ALA A 143 19.97 -14.60 12.26
CA ALA A 143 20.81 -15.42 11.39
C ALA A 143 21.00 -14.76 10.02
N PRO A 144 21.44 -13.49 10.01
CA PRO A 144 21.67 -12.71 8.79
C PRO A 144 22.44 -13.46 7.70
N MET A 145 21.89 -13.40 6.49
CA MET A 145 22.47 -14.02 5.32
C MET A 145 22.52 -15.55 5.37
N LEU A 146 21.97 -16.15 6.42
CA LEU A 146 21.93 -17.59 6.48
C LEU A 146 20.73 -17.93 5.63
N HIS A 147 20.96 -17.69 4.35
CA HIS A 147 20.06 -17.85 3.22
C HIS A 147 19.64 -16.44 2.82
N TRP A 148 18.99 -15.75 3.75
CA TRP A 148 18.50 -14.38 3.52
C TRP A 148 18.78 -13.42 4.69
N PRO A 149 18.90 -12.11 4.39
CA PRO A 149 19.17 -11.05 5.36
C PRO A 149 18.24 -11.08 6.58
N ASP A 150 16.94 -11.19 6.32
CA ASP A 150 15.93 -11.21 7.37
C ASP A 150 15.85 -12.52 8.15
N SER A 151 16.65 -13.51 7.76
CA SER A 151 16.64 -14.81 8.42
C SER A 151 16.95 -14.72 9.92
N MET A 152 16.41 -15.67 10.68
CA MET A 152 16.62 -15.75 12.12
C MET A 152 15.96 -17.03 12.64
N PHE A 153 16.41 -17.52 13.79
CA PHE A 153 15.84 -18.73 14.38
C PHE A 153 15.02 -18.38 15.60
N THR A 154 14.09 -19.26 15.94
CA THR A 154 13.24 -19.09 17.11
C THR A 154 13.56 -20.26 18.03
N TYR A 155 13.87 -19.97 19.28
CA TYR A 155 14.23 -20.99 20.25
C TYR A 155 13.28 -21.01 21.44
N VAL A 156 12.76 -22.20 21.76
CA VAL A 156 11.87 -22.38 22.90
C VAL A 156 12.67 -23.15 23.94
N PRO A 157 13.32 -22.43 24.87
CA PRO A 157 14.15 -23.01 25.94
C PRO A 157 13.49 -24.10 26.80
N GLU A 158 12.24 -23.89 27.19
CA GLU A 158 11.54 -24.86 28.03
C GLU A 158 11.57 -26.26 27.42
N GLU A 159 11.58 -26.34 26.10
CA GLU A 159 11.58 -27.64 25.44
C GLU A 159 12.86 -27.93 24.65
N ALA A 160 13.78 -26.98 24.62
CA ALA A 160 15.03 -27.18 23.90
C ALA A 160 14.74 -27.34 22.42
N LEU A 161 13.64 -26.74 21.98
CA LEU A 161 13.20 -26.83 20.61
C LEU A 161 13.80 -25.69 19.77
N LEU A 162 14.28 -26.01 18.57
CA LEU A 162 14.86 -24.99 17.69
C LEU A 162 14.11 -24.90 16.37
N LEU A 163 13.62 -23.71 16.03
CA LEU A 163 12.89 -23.49 14.80
C LEU A 163 13.73 -22.58 13.89
N PRO A 164 14.73 -23.15 13.19
CA PRO A 164 15.63 -22.42 12.30
C PRO A 164 15.12 -22.03 10.90
N ASN A 165 13.88 -22.42 10.57
CA ASN A 165 13.30 -22.14 9.26
C ASN A 165 14.00 -23.00 8.19
N ASP A 166 14.62 -22.36 7.19
CA ASP A 166 15.27 -23.10 6.12
C ASP A 166 16.47 -23.96 6.55
N ALA A 167 17.31 -23.43 7.44
CA ALA A 167 18.49 -24.16 7.89
C ALA A 167 18.16 -25.52 8.51
N PHE A 168 18.88 -26.56 8.09
CA PHE A 168 18.70 -27.92 8.57
C PHE A 168 17.50 -28.60 7.92
N GLY A 169 16.92 -27.93 6.93
CA GLY A 169 15.76 -28.50 6.25
C GLY A 169 16.14 -29.25 4.99
N GLN A 170 15.24 -30.11 4.54
CA GLN A 170 15.47 -30.88 3.34
C GLN A 170 14.19 -30.85 2.53
N HIS A 171 14.31 -30.75 1.22
CA HIS A 171 13.14 -30.73 0.34
C HIS A 171 12.66 -32.15 0.08
N ILE A 172 11.66 -32.58 0.83
CA ILE A 172 11.12 -33.92 0.67
C ILE A 172 9.72 -34.06 1.26
N ALA A 173 8.80 -34.63 0.48
CA ALA A 173 7.43 -34.83 0.92
C ALA A 173 7.14 -36.24 1.43
N THR A 174 6.77 -36.34 2.71
CA THR A 174 6.44 -37.62 3.35
C THR A 174 5.20 -37.45 4.22
N SER A 175 4.47 -38.53 4.46
CA SER A 175 3.27 -38.45 5.30
C SER A 175 3.74 -38.49 6.75
N VAL A 176 4.94 -39.01 6.94
CA VAL A 176 5.54 -39.13 8.26
C VAL A 176 6.28 -37.81 8.55
N ARG A 177 6.41 -37.44 9.83
CA ARG A 177 7.04 -36.17 10.17
C ARG A 177 8.43 -36.13 10.81
N PHE A 178 8.84 -37.18 11.51
CA PHE A 178 10.14 -37.17 12.19
C PHE A 178 11.24 -38.05 11.62
N ASP A 179 12.49 -37.62 11.82
CA ASP A 179 13.67 -38.33 11.31
C ASP A 179 13.72 -39.81 11.70
N ASP A 180 13.31 -40.15 12.91
CA ASP A 180 13.35 -41.53 13.33
C ASP A 180 12.38 -42.40 12.52
N GLN A 181 11.53 -41.76 11.72
CA GLN A 181 10.54 -42.47 10.90
C GLN A 181 10.94 -42.44 9.41
N VAL A 182 12.21 -42.17 9.16
CA VAL A 182 12.72 -42.07 7.81
C VAL A 182 14.10 -42.72 7.66
N ASP A 183 14.43 -43.18 6.46
CA ASP A 183 15.74 -43.79 6.23
C ASP A 183 16.81 -42.75 6.53
N ALA A 184 17.69 -43.06 7.47
CA ALA A 184 18.76 -42.15 7.85
C ALA A 184 19.63 -41.78 6.67
N GLY A 185 19.93 -42.76 5.83
CA GLY A 185 20.77 -42.49 4.67
C GLY A 185 20.14 -41.59 3.63
N LEU A 186 18.91 -41.91 3.24
CA LEU A 186 18.18 -41.15 2.25
C LEU A 186 17.86 -39.74 2.69
N ILE A 187 17.48 -39.58 3.95
CA ILE A 187 17.14 -38.26 4.48
C ILE A 187 18.35 -37.35 4.60
N MET A 188 19.49 -37.93 4.93
CA MET A 188 20.71 -37.14 5.08
C MET A 188 21.26 -36.72 3.71
N ASP A 189 20.91 -37.46 2.66
CA ASP A 189 21.37 -37.12 1.31
C ASP A 189 20.58 -35.90 0.85
N GLU A 190 19.30 -35.87 1.20
CA GLU A 190 18.46 -34.75 0.82
C GLU A 190 18.96 -33.52 1.58
N ALA A 191 19.21 -33.71 2.88
CA ALA A 191 19.73 -32.64 3.72
C ALA A 191 20.94 -32.00 3.05
N ALA A 192 21.77 -32.84 2.45
CA ALA A 192 22.97 -32.41 1.76
C ALA A 192 22.67 -31.70 0.45
N LYS A 193 21.73 -32.24 -0.32
CA LYS A 193 21.37 -31.63 -1.60
C LYS A 193 20.88 -30.22 -1.31
N TYR A 194 20.21 -30.06 -0.17
CA TYR A 194 19.69 -28.78 0.25
C TYR A 194 20.84 -27.81 0.52
N TYR A 195 21.72 -28.21 1.44
CA TYR A 195 22.87 -27.39 1.81
C TYR A 195 23.71 -27.04 0.59
N ALA A 196 24.10 -28.06 -0.16
CA ALA A 196 24.92 -27.87 -1.34
C ALA A 196 24.38 -26.85 -2.35
N ASN A 197 23.06 -26.79 -2.50
CA ASN A 197 22.48 -25.87 -3.47
C ASN A 197 22.04 -24.51 -2.96
N ILE A 198 21.85 -24.40 -1.65
CA ILE A 198 21.38 -23.14 -1.06
C ILE A 198 22.37 -22.47 -0.10
N LEU A 199 22.87 -23.21 0.87
CA LEU A 199 23.79 -22.66 1.87
C LEU A 199 25.28 -22.70 1.54
N MET A 200 25.64 -23.39 0.46
CA MET A 200 27.05 -23.52 0.09
C MET A 200 27.87 -22.24 0.15
N PRO A 201 27.33 -21.13 -0.39
CA PRO A 201 28.08 -19.88 -0.38
C PRO A 201 28.14 -19.15 0.97
N PHE A 202 27.54 -19.73 2.00
CA PHE A 202 27.55 -19.09 3.31
C PHE A 202 28.19 -20.00 4.35
N SER A 203 29.05 -20.90 3.88
CA SER A 203 29.73 -21.85 4.77
C SER A 203 30.35 -21.19 6.00
N ASN A 204 31.10 -20.12 5.79
CA ASN A 204 31.76 -19.42 6.90
C ASN A 204 30.76 -18.92 7.95
N LEU A 205 29.67 -18.30 7.50
CA LEU A 205 28.66 -17.81 8.41
C LEU A 205 28.02 -18.98 9.15
N ILE A 206 28.05 -20.15 8.50
CA ILE A 206 27.48 -21.35 9.08
C ILE A 206 28.29 -21.82 10.27
N THR A 207 29.59 -22.00 10.07
CA THR A 207 30.42 -22.46 11.18
C THR A 207 30.34 -21.45 12.32
N LYS A 208 30.46 -20.16 11.99
CA LYS A 208 30.39 -19.14 13.03
C LYS A 208 29.10 -19.26 13.82
N LYS A 209 27.96 -19.24 13.13
CA LYS A 209 26.68 -19.34 13.81
C LYS A 209 26.59 -20.61 14.65
N LEU A 210 27.16 -21.70 14.13
CA LEU A 210 27.13 -22.97 14.84
C LEU A 210 27.95 -22.85 16.11
N ASP A 211 29.10 -22.20 16.00
CA ASP A 211 29.99 -21.99 17.15
C ASP A 211 29.31 -21.08 18.16
N GLU A 212 28.71 -19.99 17.68
CA GLU A 212 28.01 -19.05 18.55
C GLU A 212 27.01 -19.78 19.44
N ILE A 213 26.24 -20.67 18.84
CA ILE A 213 25.25 -21.44 19.59
C ILE A 213 25.95 -22.39 20.57
N GLN A 214 27.18 -22.76 20.22
CA GLN A 214 27.99 -23.65 21.03
C GLN A 214 28.48 -22.94 22.30
N LYS A 215 28.83 -21.66 22.15
CA LYS A 215 29.30 -20.84 23.26
C LYS A 215 28.15 -20.62 24.22
N ILE A 216 27.05 -20.09 23.69
CA ILE A 216 25.84 -19.83 24.47
C ILE A 216 25.39 -21.12 25.14
N ASN A 217 25.94 -22.24 24.67
CA ASN A 217 25.62 -23.56 25.20
C ASN A 217 24.12 -23.86 25.16
N LEU A 218 23.52 -23.67 23.99
CA LEU A 218 22.10 -23.93 23.79
C LEU A 218 21.80 -25.41 23.80
N ALA A 219 20.78 -25.80 24.57
CA ALA A 219 20.38 -27.20 24.65
C ALA A 219 19.40 -27.53 23.52
N ILE A 220 19.91 -28.13 22.46
CA ILE A 220 19.07 -28.49 21.31
C ILE A 220 18.67 -29.95 21.36
N LYS A 221 17.44 -30.21 21.77
CA LYS A 221 16.92 -31.56 21.86
C LYS A 221 16.21 -31.99 20.57
N THR A 222 15.78 -31.00 19.78
CA THR A 222 15.09 -31.27 18.50
C THR A 222 15.14 -30.04 17.58
N ILE A 223 15.21 -30.27 16.28
CA ILE A 223 15.24 -29.19 15.29
C ILE A 223 14.13 -29.36 14.28
N ALA A 224 13.20 -28.40 14.26
CA ALA A 224 12.06 -28.41 13.35
C ALA A 224 12.18 -27.33 12.27
N PRO A 225 12.85 -27.65 11.16
CA PRO A 225 13.02 -26.69 10.07
C PRO A 225 11.74 -26.43 9.28
N SER A 226 11.80 -25.46 8.38
CA SER A 226 10.66 -25.06 7.59
C SER A 226 10.33 -25.99 6.45
N HIS A 227 11.29 -26.82 6.06
CA HIS A 227 11.11 -27.77 4.96
C HIS A 227 11.54 -29.16 5.37
N GLY A 228 10.72 -30.16 5.09
CA GLY A 228 11.12 -31.52 5.39
C GLY A 228 10.83 -32.13 6.74
N ILE A 229 11.67 -33.10 7.10
CA ILE A 229 11.55 -33.83 8.34
C ILE A 229 12.02 -33.06 9.58
N ILE A 230 11.54 -33.49 10.74
CA ILE A 230 11.89 -32.83 12.00
C ILE A 230 12.88 -33.66 12.79
N TRP A 231 14.11 -33.16 12.93
CA TRP A 231 15.15 -33.88 13.69
C TRP A 231 14.71 -33.94 15.16
N ARG A 232 14.06 -35.03 15.53
CA ARG A 232 13.56 -35.24 16.88
C ARG A 232 14.37 -36.25 17.66
N LYS A 233 14.79 -37.31 16.97
CA LYS A 233 15.55 -38.37 17.61
C LYS A 233 17.06 -38.13 17.65
N ASP A 234 17.59 -37.35 16.72
CA ASP A 234 19.02 -37.14 16.70
C ASP A 234 19.46 -35.86 15.97
N PRO A 235 19.29 -34.70 16.62
CA PRO A 235 19.66 -33.41 16.03
C PRO A 235 21.18 -33.30 15.91
N GLY A 236 21.88 -34.07 16.73
CA GLY A 236 23.33 -34.04 16.71
C GLY A 236 23.93 -34.34 15.35
N ARG A 237 23.49 -35.42 14.72
CA ARG A 237 24.00 -35.85 13.42
C ARG A 237 23.88 -34.79 12.33
N ILE A 238 22.77 -34.07 12.31
CA ILE A 238 22.59 -33.03 11.29
C ILE A 238 23.45 -31.81 11.62
N ILE A 239 23.66 -31.56 12.90
CA ILE A 239 24.49 -30.43 13.31
C ILE A 239 25.95 -30.74 12.98
N GLU A 240 26.35 -32.00 13.22
CA GLU A 240 27.71 -32.42 12.93
C GLU A 240 27.93 -32.29 11.43
N ALA A 241 26.94 -32.74 10.67
CA ALA A 241 26.98 -32.70 9.21
C ALA A 241 27.16 -31.27 8.68
N TYR A 242 26.33 -30.35 9.17
CA TYR A 242 26.42 -28.96 8.72
C TYR A 242 27.79 -28.40 9.06
N ALA A 243 28.26 -28.67 10.27
CA ALA A 243 29.56 -28.19 10.72
C ALA A 243 30.66 -28.67 9.79
N ARG A 244 30.56 -29.93 9.38
CA ARG A 244 31.52 -30.55 8.49
C ARG A 244 31.47 -29.90 7.10
N TRP A 245 30.28 -29.87 6.51
CA TRP A 245 30.13 -29.28 5.18
C TRP A 245 30.60 -27.83 5.17
N ALA A 246 30.31 -27.11 6.25
CA ALA A 246 30.70 -25.70 6.37
C ALA A 246 32.21 -25.55 6.32
N GLU A 247 32.94 -26.40 7.07
CA GLU A 247 34.41 -26.36 7.09
C GLU A 247 34.91 -26.51 5.66
N GLY A 248 34.48 -27.57 4.99
CA GLY A 248 34.88 -27.77 3.62
C GLY A 248 36.19 -28.50 3.47
N GLN A 249 36.50 -29.39 4.41
CA GLN A 249 37.74 -30.15 4.34
C GLN A 249 37.62 -31.05 3.11
N GLY A 250 36.38 -31.43 2.82
CA GLY A 250 36.11 -32.26 1.66
C GLY A 250 36.52 -33.71 1.78
N LYS A 251 36.55 -34.37 0.63
CA LYS A 251 36.90 -35.78 0.54
C LYS A 251 37.77 -35.96 -0.70
N ALA A 252 38.61 -37.00 -0.71
CA ALA A 252 39.48 -37.26 -1.86
C ALA A 252 38.61 -37.74 -3.02
N LYS A 253 37.69 -36.87 -3.43
CA LYS A 253 36.77 -37.14 -4.52
C LYS A 253 36.87 -36.04 -5.56
N ALA A 254 36.51 -36.37 -6.79
CA ALA A 254 36.55 -35.39 -7.87
C ALA A 254 35.31 -35.53 -8.74
N VAL A 255 34.73 -34.38 -9.09
CA VAL A 255 33.55 -34.35 -9.94
C VAL A 255 33.94 -33.81 -11.31
N ILE A 256 33.66 -34.59 -12.35
CA ILE A 256 33.94 -34.17 -13.70
C ILE A 256 32.60 -33.98 -14.40
N ALA A 257 32.32 -32.77 -14.81
CA ALA A 257 31.08 -32.45 -15.51
C ALA A 257 31.51 -31.98 -16.88
N TYR A 258 30.76 -32.35 -17.91
CA TYR A 258 31.12 -31.95 -19.27
C TYR A 258 29.99 -32.28 -20.24
N ASP A 259 30.28 -32.10 -21.52
CA ASP A 259 29.37 -32.48 -22.58
C ASP A 259 30.10 -32.25 -23.87
N THR A 260 29.68 -32.98 -24.90
CA THR A 260 30.33 -32.89 -26.19
C THR A 260 29.34 -33.07 -27.32
N MET A 261 29.86 -32.96 -28.54
CA MET A 261 29.07 -33.10 -29.73
C MET A 261 29.49 -34.36 -30.48
N TRP A 262 30.78 -34.62 -30.51
CA TRP A 262 31.29 -35.80 -31.21
C TRP A 262 32.24 -36.69 -30.42
N LEU A 263 32.19 -36.57 -29.09
CA LEU A 263 32.97 -37.43 -28.20
C LEU A 263 34.39 -37.10 -27.77
N SER A 264 35.19 -36.46 -28.63
CA SER A 264 36.57 -36.12 -28.26
C SER A 264 36.68 -35.61 -26.81
N THR A 265 35.83 -34.65 -26.46
CA THR A 265 35.86 -34.07 -25.12
C THR A 265 35.48 -35.12 -24.09
N GLU A 266 34.58 -36.02 -24.47
CA GLU A 266 34.13 -37.09 -23.60
C GLU A 266 35.33 -37.98 -23.30
N LYS A 267 36.08 -38.33 -24.33
CA LYS A 267 37.28 -39.15 -24.19
C LYS A 267 38.25 -38.50 -23.20
N MET A 268 38.46 -37.19 -23.33
CA MET A 268 39.34 -36.48 -22.41
C MET A 268 38.80 -36.63 -20.99
N ALA A 269 37.49 -36.52 -20.85
CA ALA A 269 36.86 -36.63 -19.56
C ALA A 269 37.21 -37.96 -18.95
N HIS A 270 37.18 -39.00 -19.80
CA HIS A 270 37.49 -40.36 -19.37
C HIS A 270 38.95 -40.47 -18.95
N ALA A 271 39.84 -40.02 -19.82
CA ALA A 271 41.27 -40.06 -19.53
C ALA A 271 41.50 -39.49 -18.13
N LEU A 272 41.10 -38.23 -17.95
CA LEU A 272 41.25 -37.57 -16.65
C LEU A 272 40.68 -38.41 -15.52
N MET A 273 39.55 -39.07 -15.80
CA MET A 273 38.92 -39.88 -14.79
C MET A 273 39.84 -41.02 -14.39
N ASP A 274 40.34 -41.75 -15.39
CA ASP A 274 41.23 -42.87 -15.13
C ASP A 274 42.43 -42.46 -14.28
N GLY A 275 43.08 -41.37 -14.67
CA GLY A 275 44.22 -40.88 -13.92
C GLY A 275 43.87 -40.55 -12.49
N LEU A 276 42.67 -40.01 -12.28
CA LEU A 276 42.21 -39.67 -10.95
C LEU A 276 41.95 -40.92 -10.12
N VAL A 277 41.23 -41.89 -10.70
CA VAL A 277 40.92 -43.13 -9.99
C VAL A 277 42.24 -43.80 -9.64
N ALA A 278 43.17 -43.77 -10.59
CA ALA A 278 44.49 -44.34 -10.41
C ALA A 278 45.16 -43.69 -9.19
N GLY A 279 45.02 -42.38 -9.08
CA GLY A 279 45.60 -41.66 -7.97
C GLY A 279 44.87 -41.95 -6.67
N GLY A 280 43.96 -42.92 -6.72
CA GLY A 280 43.21 -43.30 -5.54
C GLY A 280 42.14 -42.31 -5.17
N CYS A 281 41.44 -41.81 -6.18
CA CYS A 281 40.39 -40.83 -5.98
C CYS A 281 39.04 -41.39 -6.45
N GLU A 282 37.96 -41.01 -5.77
CA GLU A 282 36.63 -41.44 -6.19
C GLU A 282 36.17 -40.42 -7.23
N VAL A 283 35.55 -40.90 -8.29
CA VAL A 283 35.10 -39.99 -9.34
C VAL A 283 33.63 -40.13 -9.70
N LYS A 284 33.02 -38.99 -10.00
CA LYS A 284 31.64 -38.89 -10.41
C LYS A 284 31.68 -38.25 -11.79
N LEU A 285 31.13 -38.93 -12.79
CA LEU A 285 31.13 -38.40 -14.15
C LEU A 285 29.73 -37.92 -14.54
N PHE A 286 29.63 -36.69 -14.99
CA PHE A 286 28.34 -36.12 -15.37
C PHE A 286 28.29 -35.47 -16.74
N LYS A 287 27.51 -36.06 -17.64
CA LYS A 287 27.30 -35.49 -18.97
C LYS A 287 26.14 -34.51 -18.68
N LEU A 288 26.48 -33.24 -18.53
CA LEU A 288 25.50 -32.21 -18.18
C LEU A 288 24.13 -32.24 -18.85
N SER A 289 24.09 -32.48 -20.15
CA SER A 289 22.81 -32.52 -20.87
C SER A 289 21.89 -33.65 -20.46
N VAL A 290 22.36 -34.53 -19.58
CA VAL A 290 21.58 -35.68 -19.15
C VAL A 290 21.60 -35.86 -17.63
N SER A 291 22.07 -34.85 -16.92
CA SER A 291 22.11 -34.96 -15.48
C SER A 291 21.41 -33.77 -14.86
N ASP A 292 21.11 -33.87 -13.58
CA ASP A 292 20.44 -32.80 -12.85
C ASP A 292 21.51 -31.91 -12.23
N ARG A 293 21.56 -30.64 -12.66
CA ARG A 293 22.57 -29.73 -12.15
C ARG A 293 22.55 -29.69 -10.63
N ASN A 294 21.37 -29.83 -10.05
CA ASN A 294 21.24 -29.82 -8.60
C ASN A 294 21.87 -31.06 -8.00
N ASP A 295 21.68 -32.20 -8.66
CA ASP A 295 22.27 -33.45 -8.18
C ASP A 295 23.79 -33.32 -8.37
N VAL A 296 24.21 -32.75 -9.50
CA VAL A 296 25.64 -32.56 -9.72
C VAL A 296 26.25 -31.67 -8.62
N ILE A 297 25.65 -30.51 -8.38
CA ILE A 297 26.12 -29.59 -7.33
C ILE A 297 26.22 -30.29 -5.98
N LYS A 298 25.26 -31.15 -5.67
CA LYS A 298 25.28 -31.87 -4.40
C LYS A 298 26.58 -32.63 -4.30
N GLU A 299 26.92 -33.34 -5.37
CA GLU A 299 28.14 -34.12 -5.40
C GLU A 299 29.40 -33.27 -5.15
N ILE A 300 29.44 -32.07 -5.69
CA ILE A 300 30.60 -31.20 -5.50
C ILE A 300 30.84 -30.79 -4.04
N LEU A 301 29.78 -30.72 -3.25
CA LEU A 301 29.92 -30.34 -1.85
C LEU A 301 31.11 -31.06 -1.21
N ASP A 302 31.09 -32.39 -1.29
CA ASP A 302 32.14 -33.24 -0.72
C ASP A 302 33.43 -33.26 -1.53
N ALA A 303 33.32 -33.10 -2.85
CA ALA A 303 34.48 -33.15 -3.72
C ALA A 303 35.51 -32.06 -3.46
N ARG A 304 36.77 -32.40 -3.71
CA ARG A 304 37.87 -31.47 -3.52
C ARG A 304 38.34 -31.01 -4.90
N ALA A 305 37.79 -31.60 -5.94
CA ALA A 305 38.16 -31.23 -7.30
C ALA A 305 36.96 -31.12 -8.24
N VAL A 306 36.94 -30.08 -9.06
CA VAL A 306 35.86 -29.86 -10.00
C VAL A 306 36.42 -29.63 -11.40
N LEU A 307 36.13 -30.53 -12.32
CA LEU A 307 36.65 -30.43 -13.68
C LEU A 307 35.49 -30.22 -14.63
N VAL A 308 35.59 -29.24 -15.51
CA VAL A 308 34.52 -28.94 -16.45
C VAL A 308 35.07 -28.89 -17.87
N GLY A 309 34.47 -29.65 -18.76
CA GLY A 309 34.95 -29.67 -20.13
C GLY A 309 33.86 -29.32 -21.12
N SER A 310 34.27 -29.00 -22.35
CA SER A 310 33.32 -28.62 -23.39
C SER A 310 34.04 -28.28 -24.69
N PRO A 311 33.43 -28.65 -25.84
CA PRO A 311 34.06 -28.34 -27.13
C PRO A 311 33.85 -26.84 -27.31
N THR A 312 34.19 -26.31 -28.48
CA THR A 312 33.95 -24.89 -28.71
C THR A 312 33.05 -24.76 -29.94
N ILE A 313 31.91 -24.09 -29.77
CA ILE A 313 30.98 -23.86 -30.86
C ILE A 313 30.93 -22.36 -31.03
N ASN A 314 30.83 -21.89 -32.27
CA ASN A 314 30.79 -20.46 -32.54
C ASN A 314 31.65 -19.70 -31.52
N ASN A 315 32.94 -20.05 -31.46
CA ASN A 315 33.91 -19.42 -30.58
C ASN A 315 33.49 -19.27 -29.13
N ASP A 316 32.47 -20.01 -28.71
CA ASP A 316 31.98 -19.93 -27.34
C ASP A 316 31.84 -21.33 -26.76
N ILE A 317 31.48 -21.40 -25.48
CA ILE A 317 31.27 -22.67 -24.79
C ILE A 317 29.92 -23.23 -25.25
N LEU A 318 29.74 -24.55 -25.10
CA LEU A 318 28.49 -25.23 -25.46
C LEU A 318 27.47 -24.80 -24.40
N PRO A 319 26.37 -24.14 -24.81
CA PRO A 319 25.31 -23.64 -23.92
C PRO A 319 24.90 -24.54 -22.77
N VAL A 320 24.88 -25.84 -23.01
CA VAL A 320 24.48 -26.79 -21.98
C VAL A 320 25.36 -26.72 -20.73
N VAL A 321 26.60 -26.30 -20.89
CA VAL A 321 27.53 -26.20 -19.78
C VAL A 321 27.38 -24.90 -18.98
N SER A 322 26.84 -23.86 -19.63
CA SER A 322 26.64 -22.54 -19.01
C SER A 322 26.07 -22.57 -17.59
N PRO A 323 24.90 -23.21 -17.43
CA PRO A 323 24.25 -23.29 -16.12
C PRO A 323 25.17 -23.63 -14.96
N LEU A 324 25.84 -24.78 -15.04
CA LEU A 324 26.76 -25.21 -13.98
C LEU A 324 27.75 -24.11 -13.68
N LEU A 325 28.39 -23.59 -14.72
CA LEU A 325 29.37 -22.53 -14.55
C LEU A 325 28.82 -21.35 -13.77
N ASP A 326 27.67 -20.83 -14.20
CA ASP A 326 27.07 -19.68 -13.53
C ASP A 326 26.50 -19.99 -12.16
N ASP A 327 26.05 -21.21 -11.95
CA ASP A 327 25.50 -21.60 -10.65
C ASP A 327 26.68 -21.71 -9.67
N LEU A 328 27.84 -22.12 -10.17
CA LEU A 328 29.04 -22.26 -9.33
C LEU A 328 29.61 -20.90 -8.94
N VAL A 329 29.65 -19.98 -9.90
CA VAL A 329 30.15 -18.64 -9.64
C VAL A 329 29.34 -18.02 -8.51
N GLY A 330 28.03 -18.21 -8.57
CA GLY A 330 27.18 -17.66 -7.53
C GLY A 330 27.32 -18.40 -6.22
N LEU A 331 27.39 -19.74 -6.29
CA LEU A 331 27.51 -20.58 -5.10
C LEU A 331 28.84 -20.51 -4.35
N ARG A 332 29.91 -20.09 -5.05
CA ARG A 332 31.24 -19.95 -4.46
C ARG A 332 31.75 -21.13 -3.62
N PRO A 333 32.03 -22.29 -4.26
CA PRO A 333 32.51 -23.50 -3.59
C PRO A 333 33.79 -23.25 -2.81
N LYS A 334 33.78 -23.62 -1.54
CA LYS A 334 34.91 -23.42 -0.66
C LYS A 334 35.99 -24.49 -0.81
N ASN A 335 37.25 -24.05 -0.84
CA ASN A 335 38.39 -24.96 -0.93
C ASN A 335 38.25 -26.04 -2.00
N LYS A 336 38.31 -25.64 -3.26
CA LYS A 336 38.18 -26.57 -4.37
C LYS A 336 39.28 -26.34 -5.39
N VAL A 337 39.73 -27.41 -6.02
CA VAL A 337 40.75 -27.32 -7.06
C VAL A 337 39.99 -27.73 -8.31
N GLY A 338 40.47 -27.32 -9.48
CA GLY A 338 39.74 -27.68 -10.68
C GLY A 338 40.59 -27.65 -11.92
N LEU A 339 39.97 -27.88 -13.06
CA LEU A 339 40.67 -27.88 -14.33
C LEU A 339 39.64 -27.82 -15.44
N ALA A 340 39.93 -27.06 -16.49
CA ALA A 340 39.03 -26.95 -17.62
C ALA A 340 39.65 -27.72 -18.77
N PHE A 341 38.83 -28.21 -19.70
CA PHE A 341 39.33 -28.99 -20.83
C PHE A 341 38.32 -29.09 -21.97
N GLY A 342 38.77 -29.58 -23.11
CA GLY A 342 37.90 -29.75 -24.25
C GLY A 342 38.59 -29.68 -25.60
N ALA A 343 37.83 -29.95 -26.66
CA ALA A 343 38.37 -29.91 -28.02
C ALA A 343 37.92 -28.66 -28.77
N TYR A 344 38.49 -28.48 -29.96
CA TYR A 344 38.17 -27.37 -30.83
C TYR A 344 38.56 -27.83 -32.23
N GLY A 345 38.14 -27.11 -33.25
CA GLY A 345 38.45 -27.52 -34.60
C GLY A 345 39.36 -26.57 -35.37
N TRP A 346 39.48 -25.34 -34.89
CA TRP A 346 40.33 -24.38 -35.58
C TRP A 346 40.71 -23.15 -34.76
N GLY A 347 39.74 -22.50 -34.14
CA GLY A 347 40.04 -21.31 -33.36
C GLY A 347 40.06 -21.52 -31.86
N GLY A 348 39.10 -22.27 -31.34
CA GLY A 348 39.03 -22.51 -29.92
C GLY A 348 38.27 -21.37 -29.28
N GLY A 349 38.18 -21.35 -27.95
CA GLY A 349 37.47 -20.28 -27.29
C GLY A 349 36.73 -20.67 -26.03
N ALA A 350 36.29 -21.92 -25.95
CA ALA A 350 35.57 -22.35 -24.77
C ALA A 350 36.47 -22.52 -23.57
N GLN A 351 37.77 -22.66 -23.81
CA GLN A 351 38.71 -22.86 -22.72
C GLN A 351 38.87 -21.60 -21.88
N LYS A 352 38.86 -20.46 -22.54
CA LYS A 352 39.00 -19.17 -21.85
C LYS A 352 37.76 -18.90 -21.02
N ILE A 353 36.59 -19.16 -21.61
CA ILE A 353 35.33 -18.95 -20.91
C ILE A 353 35.26 -19.88 -19.71
N LEU A 354 35.74 -21.11 -19.89
CA LEU A 354 35.72 -22.10 -18.83
C LEU A 354 36.62 -21.69 -17.66
N GLU A 355 37.86 -21.33 -17.97
CA GLU A 355 38.81 -20.93 -16.94
C GLU A 355 38.39 -19.60 -16.33
N GLU A 356 37.74 -18.78 -17.14
CA GLU A 356 37.25 -17.48 -16.69
C GLU A 356 36.22 -17.73 -15.60
N ARG A 357 35.15 -18.43 -15.95
CA ARG A 357 34.08 -18.74 -15.02
C ARG A 357 34.61 -19.49 -13.80
N LEU A 358 35.36 -20.57 -14.05
CA LEU A 358 35.93 -21.37 -12.98
C LEU A 358 36.70 -20.56 -11.94
N LYS A 359 37.51 -19.61 -12.41
CA LYS A 359 38.25 -18.76 -11.50
C LYS A 359 37.27 -17.89 -10.73
N ALA A 360 36.35 -17.26 -11.47
CA ALA A 360 35.33 -16.40 -10.89
C ALA A 360 34.55 -17.11 -9.79
N ALA A 361 34.54 -18.44 -9.84
CA ALA A 361 33.83 -19.21 -8.83
C ALA A 361 34.78 -19.47 -7.66
N LYS A 362 36.00 -18.93 -7.77
CA LYS A 362 37.03 -19.07 -6.75
C LYS A 362 37.61 -20.47 -6.74
N ILE A 363 37.72 -21.09 -7.91
CA ILE A 363 38.26 -22.42 -8.01
C ILE A 363 39.72 -22.32 -8.44
N GLU A 364 40.61 -22.99 -7.72
CA GLU A 364 42.03 -22.96 -8.05
C GLU A 364 42.38 -23.91 -9.19
N LEU A 365 42.76 -23.36 -10.34
CA LEU A 365 43.12 -24.20 -11.46
C LEU A 365 44.44 -24.90 -11.20
N ILE A 366 44.49 -26.19 -11.49
CA ILE A 366 45.68 -26.99 -11.28
C ILE A 366 46.62 -26.79 -12.46
N ALA A 367 46.20 -26.00 -13.43
CA ALA A 367 47.01 -25.76 -14.61
C ALA A 367 46.38 -24.77 -15.60
N GLU A 368 46.36 -23.49 -15.23
CA GLU A 368 45.76 -22.44 -16.08
C GLU A 368 45.39 -22.92 -17.47
N PRO A 369 46.33 -22.91 -18.45
CA PRO A 369 45.80 -23.40 -19.73
C PRO A 369 45.55 -24.92 -19.60
N GLY A 370 44.29 -25.30 -19.53
CA GLY A 370 43.96 -26.70 -19.37
C GLY A 370 44.17 -27.52 -20.63
N PRO A 371 44.02 -28.85 -20.53
CA PRO A 371 44.19 -29.74 -21.68
C PRO A 371 43.24 -29.33 -22.80
N THR A 372 43.75 -29.32 -24.02
CA THR A 372 42.93 -28.98 -25.15
C THR A 372 43.38 -29.81 -26.33
N VAL A 373 42.42 -30.22 -27.16
CA VAL A 373 42.71 -31.05 -28.32
C VAL A 373 42.11 -30.44 -29.56
N GLN A 374 42.66 -30.78 -30.72
CA GLN A 374 42.12 -30.28 -31.97
C GLN A 374 41.53 -31.46 -32.72
N TRP A 375 40.21 -31.46 -32.87
CA TRP A 375 39.50 -32.52 -33.57
C TRP A 375 39.38 -33.83 -32.78
N VAL A 376 40.47 -34.58 -32.68
CA VAL A 376 40.44 -35.87 -31.98
C VAL A 376 41.65 -36.10 -31.10
N PRO A 377 41.45 -36.75 -29.94
CA PRO A 377 42.58 -37.01 -29.03
C PRO A 377 43.59 -37.96 -29.68
N ARG A 378 44.86 -37.74 -29.37
CA ARG A 378 45.92 -38.59 -29.88
C ARG A 378 46.43 -39.39 -28.67
N GLY A 379 47.33 -40.34 -28.90
CA GLY A 379 47.85 -41.13 -27.80
C GLY A 379 48.43 -40.30 -26.66
N GLU A 380 49.34 -39.40 -27.00
CA GLU A 380 49.98 -38.54 -26.01
C GLU A 380 48.95 -37.64 -25.34
N ASP A 381 47.98 -37.17 -26.13
CA ASP A 381 46.93 -36.32 -25.63
C ASP A 381 46.25 -36.98 -24.43
N LEU A 382 45.71 -38.17 -24.64
CA LEU A 382 45.06 -38.88 -23.56
C LEU A 382 46.05 -39.14 -22.43
N GLN A 383 47.23 -39.64 -22.78
CA GLN A 383 48.24 -39.91 -21.77
C GLN A 383 48.42 -38.67 -20.91
N ARG A 384 48.42 -37.52 -21.57
CA ARG A 384 48.59 -36.25 -20.88
C ARG A 384 47.45 -36.03 -19.87
N CYS A 385 46.21 -36.23 -20.32
CA CYS A 385 45.05 -36.07 -19.46
C CYS A 385 45.20 -37.01 -18.26
N TYR A 386 45.61 -38.24 -18.56
CA TYR A 386 45.83 -39.24 -17.53
C TYR A 386 46.75 -38.65 -16.46
N GLU A 387 47.93 -38.22 -16.91
CA GLU A 387 48.91 -37.66 -16.01
C GLU A 387 48.33 -36.51 -15.19
N LEU A 388 47.49 -35.71 -15.86
CA LEU A 388 46.86 -34.56 -15.20
C LEU A 388 45.88 -34.98 -14.10
N GLY A 389 45.10 -36.01 -14.38
CA GLY A 389 44.17 -36.50 -13.38
C GLY A 389 45.01 -37.07 -12.26
N ARG A 390 46.12 -37.68 -12.66
CA ARG A 390 47.07 -38.29 -11.73
C ARG A 390 47.62 -37.20 -10.82
N LYS A 391 47.89 -36.03 -11.40
CA LYS A 391 48.40 -34.89 -10.66
C LYS A 391 47.39 -34.31 -9.68
N ILE A 392 46.14 -34.17 -10.13
CA ILE A 392 45.09 -33.64 -9.25
C ILE A 392 44.87 -34.63 -8.11
N ALA A 393 44.87 -35.92 -8.46
CA ALA A 393 44.69 -36.98 -7.48
C ALA A 393 45.70 -36.78 -6.37
N ALA A 394 46.94 -36.54 -6.79
CA ALA A 394 48.03 -36.34 -5.85
C ALA A 394 47.82 -35.18 -4.90
N ARG A 395 47.32 -34.06 -5.43
CA ARG A 395 47.09 -32.88 -4.61
C ARG A 395 45.92 -33.00 -3.63
N ILE A 396 44.84 -33.64 -4.07
CA ILE A 396 43.66 -33.86 -3.23
C ILE A 396 44.01 -34.94 -2.19
N ALA A 397 45.13 -35.60 -2.46
CA ALA A 397 45.70 -36.66 -1.61
C ALA A 397 44.83 -37.27 -0.52
N ASP A 398 44.75 -36.58 0.61
CA ASP A 398 43.99 -37.07 1.75
C ASP A 398 44.79 -38.13 2.49
N SER B 1 16.00 -48.24 -47.15
CA SER B 1 16.25 -49.34 -48.12
C SER B 1 16.26 -48.80 -49.56
N GLN B 2 15.08 -48.68 -50.16
CA GLN B 2 14.91 -48.20 -51.53
C GLN B 2 15.53 -46.82 -51.81
N PRO B 3 16.45 -46.74 -52.79
CA PRO B 3 17.11 -45.48 -53.17
C PRO B 3 16.09 -44.66 -53.96
N VAL B 4 16.30 -43.37 -54.06
CA VAL B 4 15.34 -42.54 -54.80
C VAL B 4 16.02 -41.75 -55.90
N ALA B 5 15.42 -41.76 -57.08
CA ALA B 5 15.98 -41.08 -58.23
C ALA B 5 15.58 -39.62 -58.30
N ILE B 6 16.57 -38.75 -58.46
CA ILE B 6 16.29 -37.33 -58.61
C ILE B 6 16.01 -37.11 -60.09
N THR B 7 16.73 -37.86 -60.92
CA THR B 7 16.62 -37.83 -62.37
C THR B 7 17.30 -39.09 -62.88
N ASP B 8 17.14 -39.40 -64.16
CA ASP B 8 17.77 -40.58 -64.73
C ASP B 8 19.27 -40.58 -64.37
N GLY B 9 19.71 -41.60 -63.65
CA GLY B 9 21.12 -41.66 -63.31
C GLY B 9 21.55 -41.03 -62.00
N ILE B 10 20.87 -39.98 -61.54
CA ILE B 10 21.25 -39.37 -60.26
C ILE B 10 20.29 -39.86 -59.18
N TYR B 11 20.85 -40.43 -58.11
CA TYR B 11 20.03 -40.96 -57.04
C TYR B 11 20.35 -40.48 -55.64
N TRP B 12 19.34 -40.51 -54.79
CA TRP B 12 19.49 -40.15 -53.39
C TRP B 12 19.78 -41.49 -52.75
N VAL B 13 20.87 -41.58 -51.97
CA VAL B 13 21.22 -42.84 -51.33
C VAL B 13 21.62 -42.71 -49.87
N GLY B 14 21.06 -41.71 -49.18
CA GLY B 14 21.36 -41.51 -47.77
C GLY B 14 20.45 -42.34 -46.89
N ALA B 15 20.36 -41.96 -45.62
CA ALA B 15 19.52 -42.67 -44.65
C ALA B 15 18.71 -41.70 -43.81
N VAL B 16 17.58 -42.16 -43.29
CA VAL B 16 16.70 -41.35 -42.46
C VAL B 16 16.89 -41.75 -41.00
N ASP B 17 17.15 -40.77 -40.14
CA ASP B 17 17.35 -41.01 -38.70
C ASP B 17 16.08 -40.61 -37.93
N TRP B 18 15.05 -41.45 -37.99
CA TRP B 18 13.76 -41.19 -37.36
C TRP B 18 13.71 -40.93 -35.85
N ASN B 19 14.52 -41.64 -35.08
CA ASN B 19 14.45 -41.48 -33.63
C ASN B 19 15.38 -40.48 -32.97
N ILE B 20 16.26 -39.85 -33.74
CA ILE B 20 17.17 -38.89 -33.13
C ILE B 20 16.39 -37.64 -32.68
N ARG B 21 16.60 -37.22 -31.43
CA ARG B 21 15.92 -36.06 -30.89
C ARG B 21 16.87 -34.90 -30.62
N TYR B 22 18.16 -35.16 -30.78
CA TYR B 22 19.17 -34.14 -30.57
C TYR B 22 20.37 -34.33 -31.51
N PHE B 23 20.72 -33.26 -32.20
CA PHE B 23 21.84 -33.28 -33.15
C PHE B 23 22.96 -32.38 -32.64
N HIS B 24 24.16 -32.56 -33.19
CA HIS B 24 25.31 -31.77 -32.74
C HIS B 24 25.44 -31.92 -31.24
N GLY B 25 25.40 -33.16 -30.77
CA GLY B 25 25.49 -33.42 -29.35
C GLY B 25 24.17 -33.07 -28.70
N PRO B 26 24.14 -32.13 -27.75
CA PRO B 26 22.89 -31.76 -27.08
C PRO B 26 22.40 -30.40 -27.60
N ALA B 27 23.06 -29.91 -28.64
CA ALA B 27 22.75 -28.61 -29.22
C ALA B 27 21.41 -28.46 -29.94
N PHE B 28 21.37 -28.86 -31.21
CA PHE B 28 20.16 -28.74 -32.02
C PHE B 28 19.12 -29.83 -31.78
N SER B 29 17.97 -29.45 -31.22
CA SER B 29 16.93 -30.43 -30.96
C SER B 29 16.21 -30.77 -32.26
N THR B 30 16.06 -32.06 -32.54
CA THR B 30 15.36 -32.50 -33.74
C THR B 30 14.07 -33.22 -33.32
N HIS B 31 13.06 -32.42 -33.00
CA HIS B 31 11.77 -32.96 -32.58
C HIS B 31 11.29 -34.02 -33.57
N ARG B 32 11.67 -33.88 -34.84
CA ARG B 32 11.26 -34.84 -35.85
C ARG B 32 12.41 -35.53 -36.56
N GLY B 33 13.43 -35.93 -35.80
CA GLY B 33 14.58 -36.60 -36.38
C GLY B 33 15.23 -35.80 -37.49
N THR B 34 15.93 -36.50 -38.38
CA THR B 34 16.60 -35.86 -39.51
C THR B 34 17.09 -36.95 -40.44
N THR B 35 17.82 -36.55 -41.49
CA THR B 35 18.37 -37.52 -42.41
C THR B 35 19.75 -37.08 -42.88
N TYR B 36 20.55 -38.08 -43.25
CA TYR B 36 21.90 -37.86 -43.74
C TYR B 36 21.82 -38.20 -45.23
N ASN B 37 21.75 -37.17 -46.06
CA ASN B 37 21.64 -37.35 -47.50
C ASN B 37 22.99 -37.50 -48.18
N ALA B 38 23.04 -38.41 -49.15
CA ALA B 38 24.23 -38.69 -49.93
C ALA B 38 23.76 -38.91 -51.36
N TYR B 39 24.46 -38.33 -52.33
CA TYR B 39 24.04 -38.43 -53.72
C TYR B 39 24.98 -39.17 -54.68
N LEU B 40 24.42 -40.12 -55.43
CA LEU B 40 25.17 -40.91 -56.40
C LEU B 40 24.83 -40.54 -57.83
N ILE B 41 25.86 -40.30 -58.63
CA ILE B 41 25.69 -39.95 -60.04
C ILE B 41 26.31 -41.07 -60.87
N VAL B 42 25.47 -41.74 -61.67
CA VAL B 42 25.94 -42.85 -62.50
C VAL B 42 26.17 -42.45 -63.95
N ASP B 43 27.44 -42.28 -64.30
CA ASP B 43 27.84 -41.91 -65.67
C ASP B 43 29.00 -42.82 -66.05
N ASP B 44 29.61 -42.59 -67.21
CA ASP B 44 30.74 -43.40 -67.65
C ASP B 44 31.65 -43.56 -66.44
N LYS B 45 31.76 -42.47 -65.67
CA LYS B 45 32.52 -42.45 -64.45
C LYS B 45 31.51 -42.02 -63.39
N THR B 46 31.27 -42.90 -62.42
CA THR B 46 30.30 -42.63 -61.36
C THR B 46 30.92 -41.99 -60.12
N ALA B 47 30.20 -41.03 -59.53
CA ALA B 47 30.67 -40.33 -58.34
C ALA B 47 29.66 -40.41 -57.19
N LEU B 48 30.17 -40.30 -55.96
CA LEU B 48 29.33 -40.33 -54.77
C LEU B 48 29.62 -39.06 -53.97
N VAL B 49 28.63 -38.18 -53.87
CA VAL B 49 28.79 -36.93 -53.14
C VAL B 49 28.44 -37.09 -51.67
N ASP B 50 29.45 -36.98 -50.82
CA ASP B 50 29.28 -37.13 -49.39
C ASP B 50 28.82 -38.51 -49.02
N THR B 51 29.01 -38.87 -47.77
CA THR B 51 28.59 -40.19 -47.29
C THR B 51 27.43 -40.14 -46.28
N VAL B 52 27.59 -40.87 -45.18
CA VAL B 52 26.53 -40.96 -44.19
C VAL B 52 27.08 -41.04 -42.77
N TYR B 53 26.22 -40.76 -41.81
CA TYR B 53 26.57 -40.83 -40.39
C TYR B 53 26.92 -42.29 -40.13
N GLU B 54 28.09 -42.54 -39.55
CA GLU B 54 28.55 -43.91 -39.33
C GLU B 54 27.48 -44.98 -39.09
N PRO B 55 26.70 -44.85 -38.00
CA PRO B 55 25.65 -45.82 -37.66
C PRO B 55 24.63 -46.14 -38.76
N PHE B 56 24.77 -45.52 -39.92
CA PHE B 56 23.84 -45.76 -41.01
C PHE B 56 24.56 -46.19 -42.29
N LYS B 57 25.85 -46.49 -42.18
CA LYS B 57 26.64 -46.92 -43.33
C LYS B 57 26.03 -48.13 -44.03
N GLU B 58 25.44 -49.02 -43.25
CA GLU B 58 24.82 -50.20 -43.84
C GLU B 58 23.77 -49.75 -44.88
N GLU B 59 22.82 -48.93 -44.45
CA GLU B 59 21.78 -48.45 -45.35
C GLU B 59 22.36 -47.78 -46.58
N LEU B 60 23.50 -47.10 -46.43
CA LEU B 60 24.13 -46.43 -47.56
C LEU B 60 24.54 -47.47 -48.60
N ILE B 61 25.50 -48.29 -48.21
CA ILE B 61 26.03 -49.35 -49.06
C ILE B 61 24.89 -50.12 -49.72
N ALA B 62 23.90 -50.51 -48.92
CA ALA B 62 22.75 -51.24 -49.44
C ALA B 62 22.07 -50.48 -50.58
N LYS B 63 21.82 -49.19 -50.38
CA LYS B 63 21.19 -48.37 -51.41
C LYS B 63 22.11 -48.28 -52.61
N LEU B 64 23.40 -48.23 -52.34
CA LEU B 64 24.41 -48.15 -53.41
C LEU B 64 24.34 -49.40 -54.29
N LYS B 65 24.38 -50.57 -53.65
CA LYS B 65 24.31 -51.83 -54.38
C LYS B 65 22.95 -51.95 -55.06
N GLN B 66 22.01 -51.11 -54.62
CA GLN B 66 20.67 -51.11 -55.17
C GLN B 66 20.67 -50.49 -56.57
N ILE B 67 21.71 -49.73 -56.88
CA ILE B 67 21.82 -49.07 -58.18
C ILE B 67 22.66 -49.92 -59.13
N LYS B 68 23.75 -50.46 -58.61
CA LYS B 68 24.67 -51.30 -59.39
C LYS B 68 25.34 -52.29 -58.47
N ASP B 69 25.12 -53.58 -58.76
CA ASP B 69 25.67 -54.69 -57.98
C ASP B 69 27.04 -54.40 -57.35
N PRO B 70 28.15 -54.63 -58.07
CA PRO B 70 29.38 -54.30 -57.34
C PRO B 70 29.50 -52.79 -57.45
N VAL B 71 29.67 -52.11 -56.33
CA VAL B 71 29.78 -50.66 -56.36
C VAL B 71 31.01 -50.20 -57.12
N LYS B 72 30.79 -49.43 -58.20
CA LYS B 72 31.89 -48.92 -58.99
C LYS B 72 32.57 -47.82 -58.21
N LEU B 73 32.01 -46.61 -58.29
CA LEU B 73 32.58 -45.47 -57.58
C LEU B 73 33.97 -45.10 -58.04
N ASP B 74 34.04 -44.20 -59.02
CA ASP B 74 35.30 -43.74 -59.55
C ASP B 74 35.73 -42.49 -58.79
N TYR B 75 34.75 -41.71 -58.33
CA TYR B 75 35.01 -40.49 -57.56
C TYR B 75 34.24 -40.48 -56.24
N LEU B 76 34.77 -39.77 -55.25
CA LEU B 76 34.13 -39.65 -53.95
C LEU B 76 34.23 -38.20 -53.48
N VAL B 77 33.17 -37.44 -53.72
CA VAL B 77 33.16 -36.04 -53.32
C VAL B 77 32.90 -35.89 -51.83
N VAL B 78 33.60 -34.95 -51.20
CA VAL B 78 33.47 -34.70 -49.77
C VAL B 78 33.37 -33.19 -49.55
N ASN B 79 32.15 -32.66 -49.59
CA ASN B 79 31.96 -31.23 -49.41
C ASN B 79 32.15 -30.84 -47.96
N HIS B 80 31.97 -31.83 -47.08
CA HIS B 80 32.05 -31.57 -45.65
C HIS B 80 32.64 -32.80 -44.98
N THR B 81 33.14 -32.65 -43.76
CA THR B 81 33.71 -33.76 -43.01
C THR B 81 32.94 -34.05 -41.72
N GLU B 82 32.54 -32.98 -41.03
CA GLU B 82 31.77 -33.06 -39.77
C GLU B 82 31.75 -34.40 -39.03
N SER B 83 31.03 -35.37 -39.61
CA SER B 83 30.89 -36.69 -39.02
C SER B 83 29.57 -37.28 -39.44
N ASP B 84 28.54 -36.46 -39.33
CA ASP B 84 27.22 -36.87 -39.74
C ASP B 84 27.26 -37.08 -41.25
N HIS B 85 28.34 -36.62 -41.87
CA HIS B 85 28.50 -36.73 -43.32
C HIS B 85 29.69 -37.56 -43.80
N ALA B 86 30.72 -37.66 -42.97
CA ALA B 86 31.90 -38.43 -43.36
C ALA B 86 32.16 -39.67 -42.50
N GLY B 87 31.28 -39.93 -41.54
CA GLY B 87 31.47 -41.07 -40.67
C GLY B 87 31.66 -42.39 -41.39
N ALA B 88 31.02 -42.54 -42.55
CA ALA B 88 31.13 -43.76 -43.32
C ALA B 88 32.29 -43.69 -44.28
N PHE B 89 33.08 -42.63 -44.19
CA PHE B 89 34.24 -42.46 -45.07
C PHE B 89 35.08 -43.73 -45.12
N PRO B 90 35.50 -44.24 -43.95
CA PRO B 90 36.31 -45.47 -43.96
C PRO B 90 35.58 -46.62 -44.64
N ALA B 91 34.40 -46.94 -44.13
CA ALA B 91 33.62 -48.03 -44.68
C ALA B 91 33.56 -47.98 -46.20
N ILE B 92 33.37 -46.78 -46.73
CA ILE B 92 33.28 -46.59 -48.17
C ILE B 92 34.59 -46.81 -48.93
N MET B 93 35.70 -46.33 -48.38
CA MET B 93 36.99 -46.51 -49.03
C MET B 93 37.36 -47.99 -49.11
N GLU B 94 37.13 -48.71 -48.01
CA GLU B 94 37.42 -50.14 -48.00
C GLU B 94 36.55 -50.83 -49.04
N LEU B 95 35.37 -50.27 -49.28
CA LEU B 95 34.43 -50.80 -50.25
C LEU B 95 34.93 -50.55 -51.67
N CYS B 96 35.46 -49.36 -51.90
CA CYS B 96 36.00 -48.96 -53.19
C CYS B 96 37.32 -48.24 -52.97
N PRO B 97 38.39 -48.99 -52.67
CA PRO B 97 39.75 -48.54 -52.39
C PRO B 97 40.35 -47.52 -53.36
N ASP B 98 40.25 -47.80 -54.66
CA ASP B 98 40.83 -46.93 -55.66
C ASP B 98 40.01 -45.67 -55.93
N ALA B 99 38.86 -45.55 -55.27
CA ALA B 99 37.99 -44.39 -55.44
C ALA B 99 38.81 -43.12 -55.30
N HIS B 100 38.52 -42.12 -56.12
CA HIS B 100 39.26 -40.86 -56.09
C HIS B 100 38.52 -39.76 -55.30
N VAL B 101 39.16 -39.22 -54.28
CA VAL B 101 38.55 -38.18 -53.45
C VAL B 101 38.78 -36.76 -53.94
N LEU B 102 37.70 -36.01 -54.15
CA LEU B 102 37.80 -34.62 -54.59
C LEU B 102 37.28 -33.77 -53.43
N CYS B 103 38.08 -32.82 -52.96
CA CYS B 103 37.66 -31.98 -51.84
C CYS B 103 38.52 -30.72 -51.69
N THR B 104 38.11 -29.83 -50.79
CA THR B 104 38.86 -28.61 -50.55
C THR B 104 40.10 -28.99 -49.74
N GLN B 105 40.99 -28.03 -49.52
CA GLN B 105 42.21 -28.31 -48.77
C GLN B 105 41.91 -28.63 -47.32
N ARG B 106 41.25 -27.70 -46.63
CA ARG B 106 40.92 -27.91 -45.23
C ARG B 106 40.13 -29.22 -45.03
N ALA B 107 39.39 -29.61 -46.06
CA ALA B 107 38.61 -30.85 -45.98
C ALA B 107 39.58 -32.01 -45.92
N PHE B 108 40.59 -31.98 -46.78
CA PHE B 108 41.61 -33.02 -46.82
C PHE B 108 42.36 -33.13 -45.49
N ASP B 109 42.74 -32.00 -44.93
CA ASP B 109 43.45 -31.99 -43.66
C ASP B 109 42.56 -32.58 -42.57
N SER B 110 41.30 -32.16 -42.55
CA SER B 110 40.34 -32.63 -41.57
C SER B 110 40.13 -34.13 -41.73
N LEU B 111 39.98 -34.55 -42.98
CA LEU B 111 39.77 -35.94 -43.31
C LEU B 111 40.94 -36.79 -42.79
N LYS B 112 42.12 -36.19 -42.79
CA LYS B 112 43.35 -36.85 -42.34
C LYS B 112 43.44 -36.92 -40.82
N ALA B 113 42.81 -35.97 -40.15
CA ALA B 113 42.84 -35.92 -38.69
C ALA B 113 41.74 -36.76 -38.03
N HIS B 114 40.58 -36.81 -38.66
CA HIS B 114 39.48 -37.58 -38.09
C HIS B 114 39.51 -39.05 -38.46
N TYR B 115 40.44 -39.42 -39.32
CA TYR B 115 40.49 -40.82 -39.72
C TYR B 115 41.88 -41.40 -39.78
N SER B 116 42.75 -40.83 -40.60
CA SER B 116 44.12 -41.34 -40.73
C SER B 116 44.10 -42.86 -40.89
N HIS B 117 45.27 -43.48 -41.02
CA HIS B 117 45.31 -44.93 -41.19
C HIS B 117 44.55 -45.35 -42.45
N ILE B 118 43.90 -44.39 -43.10
CA ILE B 118 43.12 -44.65 -44.30
C ILE B 118 43.83 -44.11 -45.53
N ASP B 119 44.28 -45.01 -46.41
CA ASP B 119 44.99 -44.63 -47.63
C ASP B 119 43.97 -44.34 -48.74
N PHE B 120 44.23 -43.30 -49.54
CA PHE B 120 43.31 -42.94 -50.63
C PHE B 120 43.88 -41.88 -51.56
N ASN B 121 43.53 -42.00 -52.84
CA ASN B 121 43.99 -41.03 -53.84
C ASN B 121 43.09 -39.81 -53.72
N TYR B 122 43.68 -38.63 -53.81
CA TYR B 122 42.88 -37.42 -53.71
C TYR B 122 43.23 -36.40 -54.78
N THR B 123 42.77 -35.17 -54.59
CA THR B 123 43.02 -34.09 -55.53
C THR B 123 42.30 -32.83 -55.07
N ILE B 124 42.98 -32.02 -54.26
CA ILE B 124 42.36 -30.80 -53.76
C ILE B 124 41.68 -29.99 -54.86
N VAL B 125 40.39 -29.75 -54.63
CA VAL B 125 39.55 -29.00 -55.54
C VAL B 125 39.43 -27.56 -55.05
N LYS B 126 39.21 -26.63 -55.99
CA LYS B 126 39.06 -25.22 -55.67
C LYS B 126 37.82 -24.68 -56.36
N THR B 127 37.30 -23.58 -55.83
CA THR B 127 36.12 -22.96 -56.41
C THR B 127 36.37 -22.67 -57.88
N GLY B 128 35.57 -23.29 -58.74
CA GLY B 128 35.73 -23.09 -60.17
C GLY B 128 36.24 -24.31 -60.89
N THR B 129 36.96 -25.19 -60.19
CA THR B 129 37.50 -26.40 -60.81
C THR B 129 36.39 -27.20 -61.49
N SER B 130 36.75 -28.29 -62.14
CA SER B 130 35.77 -29.13 -62.82
C SER B 130 36.29 -30.48 -63.29
N VAL B 131 35.59 -31.54 -62.89
CA VAL B 131 35.94 -32.91 -63.27
C VAL B 131 34.78 -33.43 -64.11
N SER B 132 35.08 -34.25 -65.11
CA SER B 132 34.03 -34.80 -65.96
C SER B 132 33.78 -36.27 -65.63
N LEU B 133 32.57 -36.73 -65.93
CA LEU B 133 32.18 -38.10 -65.67
C LEU B 133 31.69 -38.69 -66.99
N GLY B 134 31.67 -37.85 -68.02
CA GLY B 134 31.20 -38.27 -69.33
C GLY B 134 30.13 -37.32 -69.84
N LYS B 135 28.89 -37.78 -69.81
CA LYS B 135 27.75 -36.97 -70.25
C LYS B 135 27.52 -35.84 -69.26
N ARG B 136 28.00 -36.03 -68.04
CA ARG B 136 27.85 -35.04 -66.98
C ARG B 136 29.17 -34.78 -66.27
N SER B 137 29.37 -33.54 -65.86
CA SER B 137 30.58 -33.16 -65.15
C SER B 137 30.15 -32.64 -63.79
N LEU B 138 31.11 -32.20 -62.99
CA LEU B 138 30.77 -31.64 -61.69
C LEU B 138 31.77 -30.58 -61.24
N THR B 139 31.40 -29.33 -61.47
CA THR B 139 32.22 -28.18 -61.10
C THR B 139 31.99 -27.92 -59.61
N PHE B 140 32.92 -27.21 -58.97
CA PHE B 140 32.81 -26.95 -57.53
C PHE B 140 32.81 -25.47 -57.15
N ILE B 141 32.43 -25.19 -55.90
CA ILE B 141 32.39 -23.83 -55.36
C ILE B 141 32.76 -23.86 -53.89
N GLU B 142 33.93 -23.34 -53.56
CA GLU B 142 34.37 -23.31 -52.16
C GLU B 142 33.32 -22.54 -51.37
N ALA B 143 33.05 -23.00 -50.15
CA ALA B 143 32.06 -22.33 -49.31
C ALA B 143 32.56 -22.20 -47.88
N PRO B 144 33.78 -21.67 -47.71
CA PRO B 144 34.38 -21.48 -46.38
C PRO B 144 33.42 -20.91 -45.35
N MET B 145 33.57 -21.38 -44.11
CA MET B 145 32.76 -20.94 -42.98
C MET B 145 31.25 -20.92 -43.18
N LEU B 146 30.78 -21.46 -44.30
CA LEU B 146 29.35 -21.55 -44.51
C LEU B 146 29.09 -22.85 -43.78
N HIS B 147 29.21 -22.69 -42.46
CA HIS B 147 29.09 -23.71 -41.44
C HIS B 147 30.51 -24.05 -40.98
N TRP B 148 31.31 -24.62 -41.87
CA TRP B 148 32.69 -25.00 -41.55
C TRP B 148 33.72 -24.51 -42.58
N PRO B 149 35.02 -24.56 -42.22
CA PRO B 149 36.11 -24.13 -43.11
C PRO B 149 36.27 -25.03 -44.34
N ASP B 150 36.16 -26.34 -44.16
CA ASP B 150 36.30 -27.28 -45.26
C ASP B 150 35.09 -27.31 -46.19
N SER B 151 34.00 -26.64 -45.78
CA SER B 151 32.76 -26.60 -46.56
C SER B 151 32.92 -26.15 -48.02
N MET B 152 32.05 -26.69 -48.87
CA MET B 152 32.01 -26.37 -50.31
C MET B 152 30.71 -26.93 -50.91
N PHE B 153 30.39 -26.52 -52.14
CA PHE B 153 29.21 -27.02 -52.84
C PHE B 153 29.66 -27.84 -54.05
N THR B 154 28.73 -28.57 -54.65
CA THR B 154 29.02 -29.36 -55.84
C THR B 154 27.91 -29.08 -56.83
N TYR B 155 28.27 -28.60 -58.00
CA TYR B 155 27.28 -28.25 -59.01
C TYR B 155 27.39 -29.12 -60.27
N VAL B 156 26.28 -29.75 -60.63
CA VAL B 156 26.24 -30.59 -61.83
C VAL B 156 25.48 -29.77 -62.88
N PRO B 157 26.18 -28.87 -63.60
CA PRO B 157 25.57 -28.02 -64.63
C PRO B 157 24.64 -28.71 -65.62
N GLU B 158 25.05 -29.87 -66.13
CA GLU B 158 24.25 -30.60 -67.11
C GLU B 158 22.77 -30.76 -66.71
N GLU B 159 22.49 -30.77 -65.41
CA GLU B 159 21.12 -30.91 -64.91
C GLU B 159 20.71 -29.74 -64.02
N ALA B 160 21.56 -28.72 -63.94
CA ALA B 160 21.28 -27.54 -63.12
C ALA B 160 21.05 -27.94 -61.66
N LEU B 161 21.69 -29.03 -61.25
CA LEU B 161 21.56 -29.57 -59.90
C LEU B 161 22.63 -29.03 -58.96
N LEU B 162 22.23 -28.61 -57.77
CA LEU B 162 23.16 -28.10 -56.77
C LEU B 162 23.17 -28.98 -55.52
N LEU B 163 24.36 -29.29 -55.04
CA LEU B 163 24.52 -30.12 -53.84
C LEU B 163 25.35 -29.25 -52.87
N PRO B 164 24.68 -28.42 -52.05
CA PRO B 164 25.33 -27.53 -51.09
C PRO B 164 25.65 -28.09 -49.71
N ASN B 165 25.33 -29.37 -49.51
CA ASN B 165 25.58 -30.03 -48.23
C ASN B 165 24.69 -29.43 -47.14
N ASP B 166 25.27 -29.12 -45.99
CA ASP B 166 24.51 -28.57 -44.87
C ASP B 166 23.60 -27.39 -45.19
N ALA B 167 24.05 -26.47 -46.04
CA ALA B 167 23.27 -25.29 -46.39
C ALA B 167 22.01 -25.63 -47.19
N PHE B 168 20.91 -24.98 -46.81
CA PHE B 168 19.60 -25.16 -47.46
C PHE B 168 18.88 -26.43 -47.01
N GLY B 169 19.44 -27.08 -45.99
CA GLY B 169 18.83 -28.29 -45.50
C GLY B 169 17.96 -27.99 -44.30
N GLN B 170 17.28 -29.01 -43.79
CA GLN B 170 16.41 -28.88 -42.63
C GLN B 170 16.46 -30.21 -41.93
N HIS B 171 16.35 -30.21 -40.60
CA HIS B 171 16.37 -31.45 -39.84
C HIS B 171 14.97 -32.07 -39.71
N ILE B 172 14.60 -32.88 -40.69
CA ILE B 172 13.30 -33.54 -40.71
C ILE B 172 13.40 -34.98 -41.18
N ALA B 173 12.66 -35.87 -40.53
CA ALA B 173 12.64 -37.27 -40.90
C ALA B 173 11.32 -37.53 -41.64
N THR B 174 11.42 -38.01 -42.87
CA THR B 174 10.25 -38.29 -43.71
C THR B 174 10.52 -39.40 -44.72
N SER B 175 9.50 -40.17 -45.04
CA SER B 175 9.64 -41.24 -46.02
C SER B 175 9.56 -40.61 -47.41
N VAL B 176 9.23 -39.33 -47.45
CA VAL B 176 9.11 -38.58 -48.70
C VAL B 176 10.41 -37.81 -48.90
N ARG B 177 10.77 -37.53 -50.15
CA ARG B 177 12.03 -36.85 -50.41
C ARG B 177 11.98 -35.43 -50.96
N PHE B 178 10.92 -35.08 -51.67
CA PHE B 178 10.88 -33.75 -52.27
C PHE B 178 9.92 -32.74 -51.66
N ASP B 179 10.28 -31.46 -51.77
CA ASP B 179 9.49 -30.38 -51.21
C ASP B 179 8.05 -30.27 -51.70
N ASP B 180 7.74 -30.82 -52.87
CA ASP B 180 6.38 -30.75 -53.34
C ASP B 180 5.56 -31.83 -52.65
N GLN B 181 6.22 -32.64 -51.83
CA GLN B 181 5.55 -33.72 -51.09
C GLN B 181 5.46 -33.44 -49.61
N VAL B 182 5.76 -32.20 -49.23
CA VAL B 182 5.74 -31.79 -47.82
C VAL B 182 4.95 -30.50 -47.73
N ASP B 183 4.44 -30.20 -46.54
CA ASP B 183 3.68 -28.96 -46.35
C ASP B 183 4.64 -27.79 -46.59
N ALA B 184 4.24 -26.88 -47.46
CA ALA B 184 5.06 -25.71 -47.79
C ALA B 184 5.36 -24.88 -46.56
N GLY B 185 4.36 -24.66 -45.74
CA GLY B 185 4.56 -23.85 -44.54
C GLY B 185 5.45 -24.50 -43.50
N LEU B 186 5.20 -25.76 -43.22
CA LEU B 186 5.95 -26.50 -42.22
C LEU B 186 7.40 -26.78 -42.58
N ILE B 187 7.68 -27.03 -43.86
CA ILE B 187 9.03 -27.31 -44.30
C ILE B 187 9.91 -26.07 -44.22
N MET B 188 9.32 -24.92 -44.53
CA MET B 188 10.04 -23.65 -44.48
C MET B 188 10.36 -23.28 -43.02
N ASP B 189 9.43 -23.60 -42.11
CA ASP B 189 9.66 -23.29 -40.70
C ASP B 189 10.87 -24.06 -40.20
N GLU B 190 10.98 -25.32 -40.60
CA GLU B 190 12.11 -26.17 -40.22
C GLU B 190 13.39 -25.57 -40.82
N ALA B 191 13.30 -25.11 -42.07
CA ALA B 191 14.43 -24.50 -42.75
C ALA B 191 14.92 -23.29 -41.98
N ALA B 192 13.98 -22.58 -41.36
CA ALA B 192 14.31 -21.39 -40.59
C ALA B 192 14.97 -21.79 -39.27
N LYS B 193 14.49 -22.87 -38.67
CA LYS B 193 15.05 -23.33 -37.41
C LYS B 193 16.49 -23.75 -37.62
N TYR B 194 16.77 -24.31 -38.78
CA TYR B 194 18.12 -24.73 -39.10
C TYR B 194 19.01 -23.51 -39.28
N TYR B 195 18.57 -22.56 -40.10
CA TYR B 195 19.34 -21.36 -40.35
C TYR B 195 19.58 -20.61 -39.06
N ALA B 196 18.53 -20.37 -38.30
CA ALA B 196 18.65 -19.64 -37.04
C ALA B 196 19.67 -20.23 -36.09
N ASN B 197 19.74 -21.55 -36.02
CA ASN B 197 20.67 -22.20 -35.10
C ASN B 197 22.05 -22.53 -35.64
N ILE B 198 22.21 -22.51 -36.96
CA ILE B 198 23.50 -22.84 -37.54
C ILE B 198 24.16 -21.73 -38.31
N LEU B 199 23.49 -21.24 -39.35
CA LEU B 199 24.05 -20.20 -40.21
C LEU B 199 23.82 -18.75 -39.79
N MET B 200 23.19 -18.52 -38.64
CA MET B 200 22.93 -17.15 -38.22
C MET B 200 24.14 -16.23 -38.17
N PRO B 201 25.24 -16.70 -37.56
CA PRO B 201 26.44 -15.85 -37.47
C PRO B 201 27.22 -15.64 -38.78
N PHE B 202 26.88 -16.41 -39.82
CA PHE B 202 27.56 -16.30 -41.12
C PHE B 202 26.66 -15.66 -42.17
N SER B 203 25.72 -14.85 -41.72
CA SER B 203 24.79 -14.18 -42.62
C SER B 203 25.46 -13.39 -43.75
N ASN B 204 26.44 -12.56 -43.40
CA ASN B 204 27.15 -11.77 -44.41
C ASN B 204 27.89 -12.66 -45.40
N LEU B 205 28.50 -13.71 -44.91
CA LEU B 205 29.19 -14.62 -45.80
C LEU B 205 28.15 -15.23 -46.72
N ILE B 206 26.93 -15.37 -46.21
CA ILE B 206 25.86 -15.95 -47.01
C ILE B 206 25.38 -15.03 -48.12
N THR B 207 25.15 -13.77 -47.81
CA THR B 207 24.68 -12.86 -48.85
C THR B 207 25.73 -12.85 -49.95
N LYS B 208 27.00 -12.92 -49.54
CA LYS B 208 28.09 -12.93 -50.50
C LYS B 208 28.00 -14.12 -51.44
N LYS B 209 28.19 -15.33 -50.91
CA LYS B 209 28.12 -16.52 -51.75
C LYS B 209 26.85 -16.54 -52.58
N LEU B 210 25.78 -15.94 -52.06
CA LEU B 210 24.52 -15.90 -52.79
C LEU B 210 24.67 -15.04 -54.04
N ASP B 211 25.04 -13.78 -53.86
CA ASP B 211 25.22 -12.87 -54.99
C ASP B 211 26.16 -13.46 -56.03
N GLU B 212 27.23 -14.09 -55.54
CA GLU B 212 28.23 -14.73 -56.37
C GLU B 212 27.58 -15.72 -57.35
N ILE B 213 26.75 -16.61 -56.80
CA ILE B 213 26.05 -17.60 -57.62
C ILE B 213 25.11 -16.91 -58.61
N GLN B 214 24.77 -15.66 -58.30
CA GLN B 214 23.88 -14.87 -59.13
C GLN B 214 24.66 -14.18 -60.25
N LYS B 215 25.82 -13.64 -59.91
CA LYS B 215 26.67 -12.95 -60.88
C LYS B 215 27.06 -13.90 -62.01
N ILE B 216 27.23 -15.17 -61.66
CA ILE B 216 27.61 -16.18 -62.63
C ILE B 216 26.42 -16.77 -63.37
N ASN B 217 25.21 -16.33 -63.01
CA ASN B 217 24.00 -16.82 -63.64
C ASN B 217 23.96 -18.34 -63.66
N LEU B 218 24.15 -18.96 -62.51
CA LEU B 218 24.12 -20.42 -62.41
C LEU B 218 22.67 -20.87 -62.36
N ALA B 219 22.27 -21.66 -63.34
CA ALA B 219 20.91 -22.15 -63.39
C ALA B 219 20.66 -23.21 -62.33
N ILE B 220 20.01 -22.82 -61.24
CA ILE B 220 19.71 -23.76 -60.16
C ILE B 220 18.27 -24.25 -60.29
N LYS B 221 18.11 -25.45 -60.86
CA LYS B 221 16.81 -26.05 -61.08
C LYS B 221 16.34 -26.91 -59.90
N THR B 222 17.30 -27.40 -59.12
CA THR B 222 17.01 -28.23 -57.96
C THR B 222 18.16 -28.21 -56.94
N ILE B 223 17.82 -28.14 -55.65
CA ILE B 223 18.81 -28.11 -54.59
C ILE B 223 18.65 -29.32 -53.68
N ALA B 224 19.72 -30.11 -53.54
CA ALA B 224 19.69 -31.29 -52.71
C ALA B 224 20.68 -31.19 -51.55
N PRO B 225 20.23 -30.68 -50.40
CA PRO B 225 21.08 -30.53 -49.21
C PRO B 225 21.40 -31.88 -48.56
N SER B 226 22.23 -31.87 -47.54
CA SER B 226 22.62 -33.10 -46.86
C SER B 226 21.70 -33.51 -45.73
N HIS B 227 20.71 -32.66 -45.42
CA HIS B 227 19.74 -32.97 -44.36
C HIS B 227 18.35 -32.58 -44.84
N GLY B 228 17.39 -33.47 -44.66
CA GLY B 228 16.03 -33.14 -45.06
C GLY B 228 15.62 -33.30 -46.51
N ILE B 229 14.55 -32.57 -46.84
CA ILE B 229 13.95 -32.57 -48.17
C ILE B 229 14.78 -31.94 -49.27
N ILE B 230 14.63 -32.50 -50.47
CA ILE B 230 15.33 -32.00 -51.65
C ILE B 230 14.43 -30.96 -52.30
N TRP B 231 14.94 -29.74 -52.49
CA TRP B 231 14.17 -28.67 -53.13
C TRP B 231 14.15 -28.86 -54.65
N ARG B 232 13.07 -29.44 -55.14
CA ARG B 232 12.92 -29.73 -56.57
C ARG B 232 11.92 -28.80 -57.25
N LYS B 233 10.79 -28.56 -56.59
CA LYS B 233 9.77 -27.70 -57.19
C LYS B 233 10.16 -26.24 -57.17
N ASP B 234 10.10 -25.62 -55.99
CA ASP B 234 10.41 -24.21 -55.84
C ASP B 234 11.74 -23.98 -55.06
N PRO B 235 12.88 -24.13 -55.74
CA PRO B 235 14.15 -23.92 -55.04
C PRO B 235 14.47 -22.45 -54.86
N GLY B 236 13.79 -21.58 -55.60
CA GLY B 236 14.03 -20.15 -55.48
C GLY B 236 13.50 -19.63 -54.16
N ARG B 237 12.54 -20.36 -53.62
CA ARG B 237 11.90 -20.02 -52.36
C ARG B 237 12.86 -19.98 -51.16
N ILE B 238 13.74 -20.97 -51.01
CA ILE B 238 14.68 -20.96 -49.89
C ILE B 238 15.88 -20.10 -50.24
N ILE B 239 16.18 -20.02 -51.53
CA ILE B 239 17.29 -19.19 -51.94
C ILE B 239 16.91 -17.78 -51.52
N GLU B 240 15.68 -17.40 -51.81
CA GLU B 240 15.19 -16.07 -51.46
C GLU B 240 15.05 -15.89 -49.94
N ALA B 241 14.61 -16.93 -49.24
CA ALA B 241 14.46 -16.85 -47.79
C ALA B 241 15.83 -16.60 -47.18
N TYR B 242 16.79 -17.44 -47.55
CA TYR B 242 18.15 -17.29 -47.07
C TYR B 242 18.60 -15.87 -47.32
N ALA B 243 18.32 -15.39 -48.53
CA ALA B 243 18.67 -14.04 -48.90
C ALA B 243 18.09 -13.06 -47.89
N ARG B 244 16.80 -13.21 -47.61
CA ARG B 244 16.09 -12.36 -46.66
C ARG B 244 16.60 -12.46 -45.23
N TRP B 245 16.79 -13.70 -44.76
CA TRP B 245 17.27 -13.92 -43.40
C TRP B 245 18.69 -13.39 -43.23
N ALA B 246 19.51 -13.57 -44.26
CA ALA B 246 20.89 -13.11 -44.22
C ALA B 246 20.96 -11.59 -44.10
N GLU B 247 20.10 -10.86 -44.83
CA GLU B 247 20.10 -9.41 -44.74
C GLU B 247 19.65 -9.00 -43.35
N GLY B 248 18.66 -9.70 -42.82
CA GLY B 248 18.17 -9.44 -41.48
C GLY B 248 17.43 -8.14 -41.21
N GLN B 249 16.67 -7.67 -42.19
CA GLN B 249 15.91 -6.45 -42.02
C GLN B 249 14.92 -6.70 -40.88
N GLY B 250 14.49 -7.95 -40.76
CA GLY B 250 13.55 -8.33 -39.71
C GLY B 250 12.10 -7.97 -39.96
N LYS B 251 11.28 -8.19 -38.93
CA LYS B 251 9.85 -7.89 -38.97
C LYS B 251 9.58 -7.17 -37.66
N ALA B 252 8.47 -6.44 -37.59
CA ALA B 252 8.13 -5.74 -36.37
C ALA B 252 7.69 -6.75 -35.32
N LYS B 253 8.61 -7.65 -34.98
CA LYS B 253 8.36 -8.70 -34.01
C LYS B 253 9.36 -8.57 -32.86
N ALA B 254 8.95 -9.00 -31.66
CA ALA B 254 9.82 -8.92 -30.49
C ALA B 254 9.73 -10.19 -29.64
N VAL B 255 10.90 -10.77 -29.36
CA VAL B 255 10.97 -11.98 -28.54
C VAL B 255 11.39 -11.62 -27.12
N ILE B 256 10.65 -12.15 -26.14
CA ILE B 256 10.97 -11.91 -24.74
C ILE B 256 11.21 -13.27 -24.09
N ALA B 257 12.47 -13.59 -23.78
CA ALA B 257 12.81 -14.84 -23.12
C ALA B 257 13.09 -14.47 -21.68
N TYR B 258 12.70 -15.30 -20.72
CA TYR B 258 12.93 -14.96 -19.32
C TYR B 258 12.63 -16.13 -18.40
N ASP B 259 12.76 -15.86 -17.11
CA ASP B 259 12.39 -16.82 -16.10
C ASP B 259 12.40 -16.15 -14.75
N THR B 260 11.69 -16.75 -13.80
CA THR B 260 11.56 -16.17 -12.49
C THR B 260 11.33 -17.21 -11.42
N MET B 261 11.55 -16.82 -10.17
CA MET B 261 11.36 -17.69 -9.02
C MET B 261 10.05 -17.39 -8.32
N TRP B 262 9.73 -16.11 -8.17
CA TRP B 262 8.50 -15.72 -7.50
C TRP B 262 7.55 -14.80 -8.29
N LEU B 263 7.71 -14.76 -9.61
CA LEU B 263 6.82 -13.98 -10.48
C LEU B 263 7.02 -12.49 -10.70
N SER B 264 7.85 -11.84 -9.89
CA SER B 264 8.07 -10.40 -10.08
C SER B 264 8.62 -10.11 -11.45
N THR B 265 9.56 -10.93 -11.89
CA THR B 265 10.17 -10.72 -13.20
C THR B 265 9.18 -11.04 -14.29
N GLU B 266 8.26 -11.94 -13.97
CA GLU B 266 7.25 -12.35 -14.94
C GLU B 266 6.31 -11.18 -15.21
N LYS B 267 5.88 -10.50 -14.16
CA LYS B 267 4.98 -9.35 -14.29
C LYS B 267 5.66 -8.34 -15.21
N MET B 268 6.92 -8.05 -14.94
CA MET B 268 7.68 -7.10 -15.74
C MET B 268 7.65 -7.54 -17.19
N ALA B 269 7.61 -8.86 -17.39
CA ALA B 269 7.58 -9.41 -18.73
C ALA B 269 6.24 -9.10 -19.41
N HIS B 270 5.12 -9.26 -18.68
CA HIS B 270 3.79 -8.99 -19.25
C HIS B 270 3.71 -7.51 -19.61
N ALA B 271 4.12 -6.65 -18.68
CA ALA B 271 4.11 -5.21 -18.87
C ALA B 271 4.88 -4.79 -20.14
N LEU B 272 6.05 -5.39 -20.35
CA LEU B 272 6.84 -5.06 -21.52
C LEU B 272 6.14 -5.51 -22.78
N MET B 273 5.55 -6.69 -22.73
CA MET B 273 4.85 -7.21 -23.90
C MET B 273 3.58 -6.43 -24.17
N ASP B 274 2.86 -6.08 -23.10
CA ASP B 274 1.62 -5.31 -23.26
C ASP B 274 1.98 -4.01 -24.01
N GLY B 275 3.01 -3.31 -23.56
CA GLY B 275 3.41 -2.09 -24.23
C GLY B 275 3.88 -2.34 -25.66
N LEU B 276 4.62 -3.41 -25.86
CA LEU B 276 5.11 -3.76 -27.18
C LEU B 276 3.97 -4.03 -28.16
N VAL B 277 2.96 -4.78 -27.71
CA VAL B 277 1.82 -5.12 -28.55
C VAL B 277 1.10 -3.83 -28.91
N ALA B 278 1.06 -2.90 -27.96
CA ALA B 278 0.42 -1.60 -28.17
C ALA B 278 1.13 -0.82 -29.28
N GLY B 279 2.44 -0.99 -29.39
CA GLY B 279 3.18 -0.29 -30.42
C GLY B 279 2.97 -0.95 -31.78
N GLY B 280 2.00 -1.85 -31.83
CA GLY B 280 1.70 -2.55 -33.06
C GLY B 280 2.81 -3.49 -33.47
N CYS B 281 3.34 -4.21 -32.49
CA CYS B 281 4.44 -5.14 -32.72
C CYS B 281 4.04 -6.53 -32.21
N GLU B 282 4.36 -7.58 -32.97
CA GLU B 282 4.04 -8.94 -32.54
C GLU B 282 5.02 -9.35 -31.44
N VAL B 283 4.61 -10.28 -30.60
CA VAL B 283 5.46 -10.70 -29.50
C VAL B 283 5.39 -12.20 -29.21
N LYS B 284 6.55 -12.79 -28.94
CA LYS B 284 6.65 -14.21 -28.58
C LYS B 284 7.18 -14.17 -27.15
N LEU B 285 6.45 -14.76 -26.22
CA LEU B 285 6.86 -14.76 -24.82
C LEU B 285 7.31 -16.17 -24.42
N PHE B 286 8.59 -16.31 -24.11
CA PHE B 286 9.17 -17.61 -23.72
C PHE B 286 9.69 -17.68 -22.29
N LYS B 287 9.11 -18.58 -21.50
CA LYS B 287 9.58 -18.81 -20.14
C LYS B 287 10.61 -19.92 -20.39
N LEU B 288 11.88 -19.53 -20.42
CA LEU B 288 13.01 -20.43 -20.69
C LEU B 288 12.99 -21.87 -20.13
N SER B 289 12.68 -22.02 -18.85
CA SER B 289 12.66 -23.35 -18.23
C SER B 289 11.59 -24.30 -18.75
N VAL B 290 10.84 -23.87 -19.77
CA VAL B 290 9.80 -24.73 -20.35
C VAL B 290 9.70 -24.49 -21.84
N SER B 291 10.75 -23.90 -22.41
CA SER B 291 10.77 -23.61 -23.83
C SER B 291 12.04 -24.20 -24.45
N ASP B 292 11.97 -24.49 -25.73
CA ASP B 292 13.10 -25.06 -26.48
C ASP B 292 14.06 -23.92 -26.86
N ARG B 293 15.25 -23.89 -26.29
CA ARG B 293 16.21 -22.82 -26.62
C ARG B 293 16.30 -22.71 -28.14
N ASN B 294 16.37 -23.87 -28.79
CA ASN B 294 16.47 -23.91 -30.24
C ASN B 294 15.32 -23.27 -30.96
N ASP B 295 14.12 -23.40 -30.41
CA ASP B 295 12.95 -22.80 -31.03
C ASP B 295 12.92 -21.30 -30.70
N VAL B 296 13.43 -20.94 -29.52
CA VAL B 296 13.48 -19.54 -29.15
C VAL B 296 14.42 -18.83 -30.13
N ILE B 297 15.56 -19.43 -30.44
CA ILE B 297 16.49 -18.80 -31.37
C ILE B 297 15.84 -18.62 -32.74
N LYS B 298 15.14 -19.66 -33.20
CA LYS B 298 14.47 -19.59 -34.50
C LYS B 298 13.55 -18.40 -34.56
N GLU B 299 12.87 -18.13 -33.45
CA GLU B 299 11.96 -16.99 -33.40
C GLU B 299 12.69 -15.66 -33.49
N ILE B 300 13.88 -15.59 -32.91
CA ILE B 300 14.68 -14.37 -32.93
C ILE B 300 15.19 -13.98 -34.33
N LEU B 301 15.56 -14.95 -35.13
CA LEU B 301 16.06 -14.66 -36.49
C LEU B 301 15.21 -13.58 -37.19
N ASP B 302 13.89 -13.66 -37.00
CA ASP B 302 12.92 -12.75 -37.60
C ASP B 302 12.65 -11.47 -36.81
N ALA B 303 12.75 -11.56 -35.49
CA ALA B 303 12.49 -10.43 -34.60
C ALA B 303 13.54 -9.34 -34.67
N ARG B 304 13.11 -8.10 -34.48
CA ARG B 304 14.04 -6.98 -34.49
C ARG B 304 14.37 -6.57 -33.07
N ALA B 305 13.78 -7.26 -32.10
CA ALA B 305 14.02 -6.96 -30.70
C ALA B 305 14.15 -8.22 -29.86
N VAL B 306 15.05 -8.20 -28.89
CA VAL B 306 15.29 -9.33 -28.02
C VAL B 306 15.40 -8.85 -26.57
N LEU B 307 14.47 -9.28 -25.71
CA LEU B 307 14.52 -8.84 -24.32
C LEU B 307 14.66 -10.05 -23.41
N VAL B 308 15.75 -10.09 -22.64
CA VAL B 308 15.99 -11.18 -21.73
C VAL B 308 15.87 -10.72 -20.29
N GLY B 309 15.19 -11.50 -19.46
CA GLY B 309 15.03 -11.13 -18.07
C GLY B 309 15.34 -12.25 -17.10
N SER B 310 15.66 -11.86 -15.87
CA SER B 310 16.00 -12.80 -14.80
C SER B 310 16.20 -12.05 -13.49
N PRO B 311 15.80 -12.66 -12.37
CA PRO B 311 15.95 -12.04 -11.04
C PRO B 311 17.42 -12.30 -10.71
N THR B 312 17.84 -12.06 -9.48
CA THR B 312 19.23 -12.36 -9.18
C THR B 312 19.34 -13.41 -8.06
N ILE B 313 20.25 -14.36 -8.23
CA ILE B 313 20.52 -15.41 -7.25
C ILE B 313 22.00 -15.32 -6.96
N ASN B 314 22.36 -15.26 -5.69
CA ASN B 314 23.77 -15.16 -5.31
C ASN B 314 24.52 -14.22 -6.23
N ASN B 315 24.04 -12.98 -6.32
CA ASN B 315 24.64 -11.92 -7.13
C ASN B 315 24.90 -12.28 -8.58
N ASP B 316 24.24 -13.35 -9.03
CA ASP B 316 24.41 -13.79 -10.40
C ASP B 316 23.03 -14.01 -11.03
N ILE B 317 23.05 -14.41 -12.30
CA ILE B 317 21.88 -14.71 -13.08
C ILE B 317 21.23 -16.03 -12.67
N LEU B 318 20.06 -16.31 -13.22
CA LEU B 318 19.33 -17.55 -12.96
C LEU B 318 19.88 -18.51 -14.01
N PRO B 319 20.60 -19.56 -13.59
CA PRO B 319 21.21 -20.56 -14.47
C PRO B 319 20.45 -20.91 -15.73
N VAL B 320 19.13 -21.07 -15.60
CA VAL B 320 18.25 -21.41 -16.71
C VAL B 320 18.36 -20.43 -17.88
N VAL B 321 18.79 -19.21 -17.57
CA VAL B 321 18.91 -18.16 -18.58
C VAL B 321 20.29 -18.14 -19.25
N SER B 322 21.26 -18.78 -18.59
CA SER B 322 22.61 -18.81 -19.12
C SER B 322 22.75 -19.35 -20.55
N PRO B 323 22.24 -20.56 -20.79
CA PRO B 323 22.34 -21.14 -22.13
C PRO B 323 21.92 -20.20 -23.25
N LEU B 324 20.74 -19.60 -23.11
CA LEU B 324 20.24 -18.69 -24.14
C LEU B 324 21.25 -17.60 -24.40
N LEU B 325 21.74 -16.99 -23.34
CA LEU B 325 22.71 -15.91 -23.43
C LEU B 325 24.00 -16.25 -24.18
N ASP B 326 24.73 -17.27 -23.71
CA ASP B 326 25.97 -17.67 -24.37
C ASP B 326 25.73 -18.17 -25.79
N ASP B 327 24.55 -18.71 -26.06
CA ASP B 327 24.25 -19.21 -27.40
C ASP B 327 24.05 -18.01 -28.33
N LEU B 328 23.57 -16.90 -27.76
CA LEU B 328 23.35 -15.69 -28.52
C LEU B 328 24.68 -15.02 -28.82
N VAL B 329 25.59 -15.05 -27.84
CA VAL B 329 26.90 -14.45 -28.01
C VAL B 329 27.67 -15.09 -29.16
N GLY B 330 27.53 -16.40 -29.31
CA GLY B 330 28.23 -17.08 -30.37
C GLY B 330 27.53 -16.98 -31.72
N LEU B 331 26.20 -16.97 -31.70
CA LEU B 331 25.42 -16.88 -32.92
C LEU B 331 25.41 -15.47 -33.52
N ARG B 332 25.61 -14.48 -32.67
CA ARG B 332 25.66 -13.08 -33.09
C ARG B 332 24.51 -12.67 -34.03
N PRO B 333 23.35 -12.34 -33.44
CA PRO B 333 22.16 -11.92 -34.20
C PRO B 333 22.43 -10.63 -34.96
N LYS B 334 22.41 -10.71 -36.28
CA LYS B 334 22.67 -9.55 -37.12
C LYS B 334 21.64 -8.46 -36.94
N ASN B 335 22.10 -7.27 -36.58
CA ASN B 335 21.21 -6.13 -36.42
C ASN B 335 19.98 -6.40 -35.56
N LYS B 336 20.09 -6.15 -34.26
CA LYS B 336 18.98 -6.35 -33.35
C LYS B 336 18.99 -5.33 -32.21
N VAL B 337 17.81 -5.04 -31.70
CA VAL B 337 17.67 -4.12 -30.58
C VAL B 337 17.18 -4.94 -29.39
N GLY B 338 17.61 -4.60 -28.19
CA GLY B 338 17.16 -5.37 -27.05
C GLY B 338 17.17 -4.64 -25.73
N LEU B 339 16.70 -5.32 -24.68
CA LEU B 339 16.66 -4.76 -23.34
C LEU B 339 16.84 -5.89 -22.32
N ALA B 340 17.22 -5.55 -21.11
CA ALA B 340 17.39 -6.52 -20.06
C ALA B 340 16.55 -6.03 -18.88
N PHE B 341 16.03 -6.95 -18.08
CA PHE B 341 15.20 -6.56 -16.94
C PHE B 341 15.18 -7.67 -15.92
N GLY B 342 14.61 -7.38 -14.76
CA GLY B 342 14.53 -8.38 -13.71
C GLY B 342 14.39 -7.75 -12.34
N ALA B 343 14.21 -8.59 -11.33
CA ALA B 343 14.06 -8.12 -9.97
C ALA B 343 15.25 -8.55 -9.10
N TYR B 344 15.20 -8.16 -7.83
CA TYR B 344 16.23 -8.48 -6.85
C TYR B 344 15.70 -8.12 -5.48
N GLY B 345 16.36 -8.58 -4.43
CA GLY B 345 15.90 -8.29 -3.09
C GLY B 345 16.75 -7.28 -2.34
N TRP B 346 18.00 -7.13 -2.74
CA TRP B 346 18.87 -6.19 -2.06
C TRP B 346 20.03 -5.66 -2.90
N GLY B 347 20.97 -6.53 -3.24
CA GLY B 347 22.12 -6.10 -4.02
C GLY B 347 21.96 -6.15 -5.53
N GLY B 348 21.41 -7.24 -6.03
CA GLY B 348 21.27 -7.36 -7.47
C GLY B 348 22.53 -7.95 -8.06
N GLY B 349 22.65 -7.93 -9.38
CA GLY B 349 23.82 -8.49 -10.03
C GLY B 349 23.51 -9.12 -11.37
N ALA B 350 22.27 -9.58 -11.53
CA ALA B 350 21.87 -10.22 -12.78
C ALA B 350 21.88 -9.25 -13.97
N GLN B 351 21.38 -8.05 -13.71
CA GLN B 351 21.27 -6.98 -14.72
C GLN B 351 22.59 -6.68 -15.44
N LYS B 352 23.70 -6.63 -14.70
CA LYS B 352 25.00 -6.35 -15.30
C LYS B 352 25.41 -7.53 -16.18
N ILE B 353 25.28 -8.73 -15.63
CA ILE B 353 25.63 -9.94 -16.35
C ILE B 353 24.84 -9.99 -17.65
N LEU B 354 23.53 -9.80 -17.55
CA LEU B 354 22.65 -9.81 -18.71
C LEU B 354 23.07 -8.81 -19.79
N GLU B 355 23.29 -7.56 -19.39
CA GLU B 355 23.67 -6.51 -20.32
C GLU B 355 25.05 -6.68 -20.94
N GLU B 356 25.96 -7.32 -20.22
CA GLU B 356 27.29 -7.53 -20.77
C GLU B 356 27.19 -8.61 -21.83
N ARG B 357 26.45 -9.67 -21.50
CA ARG B 357 26.26 -10.80 -22.41
C ARG B 357 25.53 -10.31 -23.66
N LEU B 358 24.47 -9.55 -23.45
CA LEU B 358 23.68 -9.01 -24.56
C LEU B 358 24.54 -8.13 -25.47
N LYS B 359 25.37 -7.29 -24.86
CA LYS B 359 26.24 -6.42 -25.63
C LYS B 359 27.28 -7.25 -26.37
N ALA B 360 27.75 -8.33 -25.72
CA ALA B 360 28.73 -9.22 -26.33
C ALA B 360 28.12 -9.90 -27.55
N ALA B 361 26.80 -10.08 -27.52
CA ALA B 361 26.09 -10.70 -28.63
C ALA B 361 25.83 -9.65 -29.71
N LYS B 362 26.23 -8.41 -29.42
CA LYS B 362 26.05 -7.29 -30.35
C LYS B 362 24.60 -6.85 -30.49
N ILE B 363 23.89 -6.82 -29.36
CA ILE B 363 22.49 -6.41 -29.36
C ILE B 363 22.43 -5.01 -28.78
N GLU B 364 22.07 -4.04 -29.62
CA GLU B 364 21.99 -2.66 -29.21
C GLU B 364 20.93 -2.43 -28.14
N LEU B 365 21.36 -2.27 -26.90
CA LEU B 365 20.43 -2.05 -25.79
C LEU B 365 19.65 -0.75 -25.97
N ILE B 366 18.33 -0.85 -26.07
CA ILE B 366 17.48 0.32 -26.25
C ILE B 366 17.41 1.20 -24.99
N ALA B 367 18.11 0.80 -23.92
CA ALA B 367 18.11 1.58 -22.68
C ALA B 367 19.07 1.03 -21.61
N GLU B 368 20.38 1.10 -21.89
CA GLU B 368 21.40 0.60 -20.98
C GLU B 368 20.88 0.14 -19.62
N PRO B 369 20.92 0.99 -18.56
CA PRO B 369 20.37 0.36 -17.36
C PRO B 369 18.89 -0.01 -17.53
N GLY B 370 18.63 -1.29 -17.73
CA GLY B 370 17.27 -1.74 -17.94
C GLY B 370 16.41 -1.65 -16.70
N PRO B 371 15.11 -1.93 -16.83
CA PRO B 371 14.11 -1.89 -15.77
C PRO B 371 14.32 -2.95 -14.71
N THR B 372 14.95 -2.59 -13.61
CA THR B 372 15.15 -3.53 -12.53
C THR B 372 14.16 -3.15 -11.41
N VAL B 373 13.78 -4.10 -10.57
CA VAL B 373 12.83 -3.85 -9.50
C VAL B 373 13.22 -4.57 -8.21
N GLN B 374 12.96 -3.95 -7.06
CA GLN B 374 13.28 -4.61 -5.80
C GLN B 374 12.05 -5.30 -5.20
N TRP B 375 12.18 -6.59 -4.92
CA TRP B 375 11.11 -7.41 -4.33
C TRP B 375 9.87 -7.63 -5.20
N VAL B 376 9.10 -6.57 -5.45
CA VAL B 376 7.86 -6.66 -6.21
C VAL B 376 7.67 -5.46 -7.11
N PRO B 377 7.05 -5.64 -8.29
CA PRO B 377 6.85 -4.47 -9.16
C PRO B 377 5.81 -3.57 -8.55
N ARG B 378 5.96 -2.27 -8.78
CA ARG B 378 5.05 -1.27 -8.28
C ARG B 378 4.36 -0.72 -9.52
N GLY B 379 3.20 -0.08 -9.35
CA GLY B 379 2.48 0.47 -10.49
C GLY B 379 3.34 1.37 -11.36
N GLU B 380 4.07 2.27 -10.71
CA GLU B 380 4.94 3.20 -11.41
C GLU B 380 5.95 2.39 -12.21
N ASP B 381 6.36 1.26 -11.63
CA ASP B 381 7.33 0.36 -12.25
C ASP B 381 6.76 -0.30 -13.50
N LEU B 382 5.64 -1.00 -13.33
CA LEU B 382 5.01 -1.68 -14.45
C LEU B 382 4.72 -0.67 -15.56
N GLN B 383 4.30 0.54 -15.18
CA GLN B 383 4.03 1.57 -16.16
C GLN B 383 5.32 1.86 -16.94
N ARG B 384 6.44 1.94 -16.22
CA ARG B 384 7.74 2.20 -16.82
C ARG B 384 8.07 1.10 -17.86
N CYS B 385 7.88 -0.15 -17.47
CA CYS B 385 8.14 -1.28 -18.37
C CYS B 385 7.23 -1.17 -19.58
N TYR B 386 5.98 -0.80 -19.33
CA TYR B 386 5.01 -0.63 -20.41
C TYR B 386 5.50 0.36 -21.48
N GLU B 387 5.79 1.58 -21.06
CA GLU B 387 6.24 2.62 -21.99
C GLU B 387 7.55 2.23 -22.66
N LEU B 388 8.36 1.48 -21.92
CA LEU B 388 9.64 1.01 -22.43
C LEU B 388 9.41 0.07 -23.62
N GLY B 389 8.43 -0.82 -23.48
CA GLY B 389 8.13 -1.74 -24.56
C GLY B 389 7.52 -0.94 -25.69
N ARG B 390 6.77 0.08 -25.27
CA ARG B 390 6.09 0.99 -26.17
C ARG B 390 7.17 1.69 -27.00
N LYS B 391 8.27 2.04 -26.33
CA LYS B 391 9.41 2.71 -26.94
C LYS B 391 10.09 1.81 -27.97
N ILE B 392 10.39 0.58 -27.57
CA ILE B 392 11.05 -0.38 -28.44
C ILE B 392 10.16 -0.59 -29.67
N ALA B 393 8.86 -0.78 -29.44
CA ALA B 393 7.93 -0.99 -30.53
C ALA B 393 8.13 0.09 -31.58
N ALA B 394 8.08 1.33 -31.13
CA ALA B 394 8.25 2.48 -32.01
C ALA B 394 9.56 2.46 -32.81
N ARG B 395 10.63 1.93 -32.23
CA ARG B 395 11.91 1.88 -32.94
C ARG B 395 11.91 0.78 -33.99
N ILE B 396 11.39 -0.39 -33.62
CA ILE B 396 11.29 -1.52 -34.53
C ILE B 396 10.33 -1.09 -35.65
N ALA B 397 9.56 -0.05 -35.34
CA ALA B 397 8.59 0.59 -36.21
C ALA B 397 8.01 -0.22 -37.36
N ASP B 398 8.74 -0.24 -38.47
CA ASP B 398 8.35 -0.95 -39.69
C ASP B 398 7.44 -0.05 -40.52
N SER C 1 -50.31 13.38 0.82
CA SER C 1 -51.59 14.12 0.62
C SER C 1 -51.91 14.24 -0.88
N GLN C 2 -52.60 15.32 -1.26
CA GLN C 2 -52.98 15.57 -2.66
C GLN C 2 -52.14 16.72 -3.24
N PRO C 3 -51.99 16.74 -4.58
CA PRO C 3 -51.22 17.81 -5.22
C PRO C 3 -51.99 19.11 -5.27
N VAL C 4 -51.27 20.22 -5.45
CA VAL C 4 -51.90 21.53 -5.53
C VAL C 4 -51.50 22.19 -6.83
N ALA C 5 -52.51 22.72 -7.53
CA ALA C 5 -52.30 23.36 -8.81
C ALA C 5 -51.91 24.83 -8.67
N ILE C 6 -50.85 25.21 -9.36
CA ILE C 6 -50.37 26.58 -9.36
C ILE C 6 -51.23 27.31 -10.37
N THR C 7 -51.53 26.62 -11.47
CA THR C 7 -52.39 27.13 -12.53
C THR C 7 -52.75 25.95 -13.42
N ASP C 8 -53.65 26.15 -14.37
CA ASP C 8 -54.08 25.07 -15.27
C ASP C 8 -52.88 24.31 -15.86
N GLY C 9 -52.77 23.03 -15.50
CA GLY C 9 -51.68 22.21 -16.03
C GLY C 9 -50.34 22.21 -15.33
N ILE C 10 -50.19 23.04 -14.31
CA ILE C 10 -48.94 23.10 -13.55
C ILE C 10 -49.26 22.80 -12.08
N TYR C 11 -48.65 21.74 -11.55
CA TYR C 11 -48.93 21.32 -10.17
C TYR C 11 -47.74 21.19 -9.24
N TRP C 12 -48.00 21.57 -7.99
CA TRP C 12 -47.01 21.42 -6.93
C TRP C 12 -47.21 19.96 -6.56
N VAL C 13 -46.14 19.18 -6.61
CA VAL C 13 -46.23 17.76 -6.29
C VAL C 13 -45.14 17.36 -5.29
N GLY C 14 -44.87 18.27 -4.35
CA GLY C 14 -43.84 18.03 -3.36
C GLY C 14 -44.31 17.39 -2.07
N ALA C 15 -43.43 17.42 -1.08
CA ALA C 15 -43.72 16.84 0.22
C ALA C 15 -43.46 17.87 1.33
N VAL C 16 -44.24 17.77 2.40
CA VAL C 16 -44.06 18.66 3.55
C VAL C 16 -43.39 17.87 4.66
N ASP C 17 -42.31 18.41 5.21
CA ASP C 17 -41.58 17.74 6.29
C ASP C 17 -41.82 18.46 7.63
N TRP C 18 -42.93 18.12 8.28
CA TRP C 18 -43.30 18.76 9.54
C TRP C 18 -42.36 18.54 10.74
N ASN C 19 -41.78 17.36 10.83
CA ASN C 19 -40.94 17.06 11.98
C ASN C 19 -39.45 17.34 11.90
N ILE C 20 -38.92 17.58 10.70
CA ILE C 20 -37.51 17.90 10.54
C ILE C 20 -37.18 19.10 11.42
N ARG C 21 -36.10 19.00 12.19
CA ARG C 21 -35.71 20.10 13.07
C ARG C 21 -34.35 20.68 12.72
N TYR C 22 -33.57 19.91 11.96
CA TYR C 22 -32.25 20.35 11.51
C TYR C 22 -31.96 19.90 10.10
N PHE C 23 -31.90 20.88 9.20
CA PHE C 23 -31.63 20.65 7.78
C PHE C 23 -30.11 20.73 7.55
N HIS C 24 -29.67 20.27 6.38
CA HIS C 24 -28.24 20.29 6.05
C HIS C 24 -27.43 19.53 7.10
N GLY C 25 -28.11 18.78 7.95
CA GLY C 25 -27.43 18.07 9.02
C GLY C 25 -27.63 18.82 10.32
N PRO C 26 -26.55 19.26 10.98
CA PRO C 26 -26.67 20.00 12.24
C PRO C 26 -26.57 21.52 12.03
N ALA C 27 -26.35 21.92 10.77
CA ALA C 27 -26.20 23.31 10.38
C ALA C 27 -27.39 24.24 10.60
N PHE C 28 -28.32 24.23 9.66
CA PHE C 28 -29.52 25.07 9.70
C PHE C 28 -30.64 24.46 10.53
N SER C 29 -31.11 25.19 11.53
CA SER C 29 -32.19 24.69 12.37
C SER C 29 -33.52 25.15 11.79
N THR C 30 -34.45 24.21 11.66
CA THR C 30 -35.76 24.51 11.13
C THR C 30 -36.80 24.28 12.23
N HIS C 31 -36.97 25.30 13.08
CA HIS C 31 -37.91 25.21 14.18
C HIS C 31 -39.26 24.72 13.71
N ARG C 32 -39.65 25.10 12.49
CA ARG C 32 -40.95 24.72 11.95
C ARG C 32 -40.94 23.67 10.85
N GLY C 33 -39.84 22.94 10.71
CA GLY C 33 -39.76 21.94 9.66
C GLY C 33 -39.61 22.66 8.33
N THR C 34 -39.83 21.95 7.23
CA THR C 34 -39.73 22.53 5.90
C THR C 34 -40.45 21.66 4.87
N THR C 35 -40.23 21.94 3.59
CA THR C 35 -40.88 21.16 2.53
C THR C 35 -39.91 20.93 1.40
N TYR C 36 -40.24 19.99 0.53
CA TYR C 36 -39.41 19.71 -0.62
C TYR C 36 -40.32 19.89 -1.82
N ASN C 37 -40.30 21.08 -2.40
CA ASN C 37 -41.15 21.37 -3.53
C ASN C 37 -40.64 20.78 -4.83
N ALA C 38 -41.59 20.32 -5.65
CA ALA C 38 -41.35 19.72 -6.95
C ALA C 38 -42.57 20.10 -7.75
N TYR C 39 -42.37 20.42 -9.03
CA TYR C 39 -43.49 20.82 -9.87
C TYR C 39 -43.66 19.99 -11.13
N LEU C 40 -44.91 19.63 -11.43
CA LEU C 40 -45.23 18.84 -12.62
C LEU C 40 -45.96 19.67 -13.65
N ILE C 41 -45.37 19.79 -14.82
CA ILE C 41 -45.98 20.55 -15.91
C ILE C 41 -46.56 19.59 -16.94
N VAL C 42 -47.87 19.69 -17.16
CA VAL C 42 -48.55 18.81 -18.11
C VAL C 42 -48.86 19.48 -19.46
N ASP C 43 -48.21 18.97 -20.50
CA ASP C 43 -48.39 19.50 -21.84
C ASP C 43 -48.33 18.31 -22.79
N ASP C 44 -48.29 18.55 -24.09
CA ASP C 44 -48.20 17.42 -25.02
C ASP C 44 -47.06 16.58 -24.51
N LYS C 45 -46.05 17.25 -23.97
CA LYS C 45 -44.89 16.61 -23.37
C LYS C 45 -44.97 17.13 -21.95
N THR C 46 -44.90 16.23 -20.97
CA THR C 46 -44.96 16.66 -19.58
C THR C 46 -43.59 16.51 -18.93
N ALA C 47 -43.24 17.51 -18.14
CA ALA C 47 -41.96 17.52 -17.45
C ALA C 47 -42.14 17.66 -15.95
N LEU C 48 -41.14 17.17 -15.22
CA LEU C 48 -41.13 17.23 -13.77
C LEU C 48 -39.88 18.01 -13.35
N VAL C 49 -40.09 19.13 -12.66
CA VAL C 49 -38.99 19.95 -12.20
C VAL C 49 -38.57 19.50 -10.81
N ASP C 50 -37.36 18.98 -10.71
CA ASP C 50 -36.83 18.49 -9.44
C ASP C 50 -37.66 17.38 -8.87
N THR C 51 -37.02 16.60 -8.01
CA THR C 51 -37.71 15.52 -7.30
C THR C 51 -37.83 15.89 -5.81
N VAL C 52 -37.60 14.93 -4.93
CA VAL C 52 -37.80 15.18 -3.52
C VAL C 52 -36.78 14.47 -2.61
N TYR C 53 -36.79 14.82 -1.33
CA TYR C 53 -35.89 14.18 -0.35
C TYR C 53 -36.26 12.69 -0.26
N GLU C 54 -35.30 11.82 -0.55
CA GLU C 54 -35.53 10.38 -0.58
C GLU C 54 -36.59 9.82 0.39
N PRO C 55 -36.51 10.20 1.67
CA PRO C 55 -37.50 9.68 2.63
C PRO C 55 -38.95 10.04 2.27
N PHE C 56 -39.14 10.86 1.26
CA PHE C 56 -40.49 11.25 0.85
C PHE C 56 -40.84 10.89 -0.59
N LYS C 57 -40.02 10.08 -1.22
CA LYS C 57 -40.27 9.68 -2.60
C LYS C 57 -41.71 9.19 -2.78
N GLU C 58 -42.17 8.38 -1.84
CA GLU C 58 -43.53 7.84 -1.88
C GLU C 58 -44.57 8.94 -2.07
N GLU C 59 -44.45 10.03 -1.33
CA GLU C 59 -45.41 11.13 -1.45
C GLU C 59 -45.34 11.76 -2.84
N LEU C 60 -44.12 11.92 -3.35
CA LEU C 60 -43.94 12.50 -4.68
C LEU C 60 -44.68 11.67 -5.71
N ILE C 61 -44.29 10.41 -5.82
CA ILE C 61 -44.89 9.47 -6.75
C ILE C 61 -46.41 9.36 -6.60
N ALA C 62 -46.88 9.42 -5.36
CA ALA C 62 -48.31 9.33 -5.06
C ALA C 62 -49.03 10.57 -5.56
N LYS C 63 -48.46 11.71 -5.28
CA LYS C 63 -49.05 12.96 -5.70
C LYS C 63 -49.06 13.03 -7.23
N LEU C 64 -48.12 12.31 -7.84
CA LEU C 64 -48.01 12.27 -9.29
C LEU C 64 -49.18 11.54 -9.89
N LYS C 65 -49.41 10.31 -9.42
CA LYS C 65 -50.50 9.50 -9.91
C LYS C 65 -51.86 10.20 -9.83
N GLN C 66 -52.05 11.06 -8.84
CA GLN C 66 -53.32 11.77 -8.72
C GLN C 66 -53.53 12.75 -9.89
N ILE C 67 -52.51 12.93 -10.73
CA ILE C 67 -52.60 13.83 -11.88
C ILE C 67 -52.92 13.07 -13.16
N LYS C 68 -52.20 11.97 -13.37
CA LYS C 68 -52.36 11.10 -14.53
C LYS C 68 -51.71 9.81 -14.04
N ASP C 69 -52.50 8.78 -13.70
CA ASP C 69 -51.85 7.60 -13.13
C ASP C 69 -50.65 7.08 -13.88
N PRO C 70 -50.86 6.23 -14.91
CA PRO C 70 -49.63 5.79 -15.58
C PRO C 70 -48.80 7.06 -15.72
N VAL C 71 -47.76 7.17 -14.91
CA VAL C 71 -46.97 8.38 -14.92
C VAL C 71 -46.20 8.58 -16.21
N LYS C 72 -46.55 9.69 -16.85
CA LYS C 72 -45.98 10.16 -18.10
C LYS C 72 -44.48 10.42 -17.93
N LEU C 73 -44.12 11.69 -17.82
CA LEU C 73 -42.73 12.09 -17.64
C LEU C 73 -41.81 11.94 -18.86
N ASP C 74 -41.79 12.98 -19.69
CA ASP C 74 -40.93 12.99 -20.87
C ASP C 74 -39.65 13.71 -20.49
N TYR C 75 -39.77 14.62 -19.55
CA TYR C 75 -38.63 15.39 -19.09
C TYR C 75 -38.50 15.45 -17.56
N LEU C 76 -37.27 15.33 -17.10
CA LEU C 76 -36.96 15.38 -15.68
C LEU C 76 -35.91 16.48 -15.50
N VAL C 77 -36.36 17.68 -15.11
CA VAL C 77 -35.46 18.81 -14.89
C VAL C 77 -34.80 18.75 -13.51
N VAL C 78 -33.48 18.60 -13.49
CA VAL C 78 -32.72 18.57 -12.25
C VAL C 78 -32.05 19.94 -12.07
N ASN C 79 -32.76 20.84 -11.38
CA ASN C 79 -32.28 22.20 -11.13
C ASN C 79 -31.04 22.28 -10.25
N HIS C 80 -30.98 21.37 -9.28
CA HIS C 80 -29.94 21.29 -8.27
C HIS C 80 -29.87 19.80 -7.92
N THR C 81 -28.70 19.31 -7.54
CA THR C 81 -28.54 17.89 -7.20
C THR C 81 -28.26 17.61 -5.73
N GLU C 82 -28.58 18.54 -4.84
CA GLU C 82 -28.27 18.35 -3.43
C GLU C 82 -28.65 17.07 -2.68
N SER C 83 -29.92 16.67 -2.76
CA SER C 83 -30.40 15.45 -2.07
C SER C 83 -31.74 15.72 -1.47
N ASP C 84 -31.88 16.91 -0.90
CA ASP C 84 -33.15 17.31 -0.34
C ASP C 84 -34.04 17.54 -1.58
N HIS C 85 -33.43 17.41 -2.75
CA HIS C 85 -34.11 17.62 -4.03
C HIS C 85 -33.92 16.50 -5.05
N ALA C 86 -32.73 15.92 -5.09
CA ALA C 86 -32.45 14.85 -6.04
C ALA C 86 -32.38 13.50 -5.34
N GLY C 87 -32.88 13.44 -4.11
CA GLY C 87 -32.88 12.22 -3.35
C GLY C 87 -33.78 11.16 -3.94
N ALA C 88 -34.84 11.60 -4.62
CA ALA C 88 -35.79 10.69 -5.24
C ALA C 88 -35.46 10.37 -6.70
N PHE C 89 -34.30 10.80 -7.19
CA PHE C 89 -33.91 10.56 -8.57
C PHE C 89 -34.04 9.09 -8.93
N PRO C 90 -33.28 8.21 -8.27
CA PRO C 90 -33.38 6.79 -8.60
C PRO C 90 -34.82 6.23 -8.61
N ALA C 91 -35.65 6.66 -7.67
CA ALA C 91 -37.03 6.17 -7.63
C ALA C 91 -37.80 6.64 -8.87
N ILE C 92 -37.61 7.90 -9.26
CA ILE C 92 -38.32 8.45 -10.40
C ILE C 92 -37.82 7.89 -11.72
N MET C 93 -36.53 7.60 -11.82
CA MET C 93 -36.00 7.05 -13.05
C MET C 93 -36.50 5.62 -13.23
N GLU C 94 -36.77 4.94 -12.12
CA GLU C 94 -37.28 3.57 -12.21
C GLU C 94 -38.76 3.58 -12.58
N LEU C 95 -39.45 4.65 -12.23
CA LEU C 95 -40.87 4.79 -12.56
C LEU C 95 -40.98 5.13 -14.05
N CYS C 96 -39.94 5.78 -14.58
CA CYS C 96 -39.87 6.22 -15.97
C CYS C 96 -38.40 6.25 -16.43
N PRO C 97 -37.86 5.09 -16.84
CA PRO C 97 -36.47 4.92 -17.30
C PRO C 97 -36.08 5.71 -18.53
N ASP C 98 -37.03 5.92 -19.43
CA ASP C 98 -36.74 6.64 -20.65
C ASP C 98 -37.13 8.11 -20.59
N ALA C 99 -37.09 8.67 -19.38
CA ALA C 99 -37.42 10.08 -19.18
C ALA C 99 -36.17 10.85 -19.56
N HIS C 100 -36.36 12.05 -20.11
CA HIS C 100 -35.24 12.86 -20.54
C HIS C 100 -34.85 13.89 -19.49
N VAL C 101 -33.61 13.78 -19.03
CA VAL C 101 -33.07 14.66 -18.01
C VAL C 101 -32.54 15.97 -18.59
N LEU C 102 -32.93 17.07 -17.97
CA LEU C 102 -32.49 18.40 -18.38
C LEU C 102 -31.74 19.00 -17.20
N CYS C 103 -30.42 19.11 -17.29
CA CYS C 103 -29.64 19.64 -16.20
C CYS C 103 -28.36 20.32 -16.71
N THR C 104 -27.62 20.94 -15.81
CA THR C 104 -26.36 21.62 -16.16
C THR C 104 -25.22 20.62 -16.23
N GLN C 105 -24.08 21.05 -16.76
CA GLN C 105 -22.95 20.16 -16.87
C GLN C 105 -22.49 19.66 -15.52
N ARG C 106 -22.48 20.55 -14.53
CA ARG C 106 -22.05 20.18 -13.19
C ARG C 106 -23.05 19.23 -12.54
N ALA C 107 -24.34 19.55 -12.67
CA ALA C 107 -25.40 18.70 -12.12
C ALA C 107 -25.18 17.30 -12.67
N PHE C 108 -24.94 17.21 -13.96
CA PHE C 108 -24.71 15.94 -14.61
C PHE C 108 -23.61 15.13 -13.91
N ASP C 109 -22.46 15.76 -13.70
CA ASP C 109 -21.33 15.10 -13.05
C ASP C 109 -21.62 14.75 -11.59
N SER C 110 -22.50 15.51 -10.96
CA SER C 110 -22.88 15.25 -9.58
C SER C 110 -23.75 14.00 -9.58
N LEU C 111 -24.74 14.00 -10.47
CA LEU C 111 -25.66 12.89 -10.65
C LEU C 111 -24.88 11.59 -10.88
N LYS C 112 -23.86 11.67 -11.72
CA LYS C 112 -23.05 10.49 -12.01
C LYS C 112 -22.32 10.00 -10.77
N ALA C 113 -21.95 10.93 -9.90
CA ALA C 113 -21.21 10.58 -8.69
C ALA C 113 -22.15 10.04 -7.60
N HIS C 114 -23.15 10.84 -7.28
CA HIS C 114 -24.12 10.49 -6.26
C HIS C 114 -24.94 9.24 -6.61
N TYR C 115 -24.92 8.83 -7.87
CA TYR C 115 -25.73 7.67 -8.25
C TYR C 115 -25.11 6.62 -9.15
N SER C 116 -24.81 6.97 -10.40
CA SER C 116 -24.26 5.99 -11.33
C SER C 116 -25.19 4.79 -11.25
N HIS C 117 -24.79 3.65 -11.83
CA HIS C 117 -25.65 2.47 -11.79
C HIS C 117 -27.03 2.81 -12.38
N ILE C 118 -27.20 4.06 -12.77
CA ILE C 118 -28.44 4.54 -13.35
C ILE C 118 -28.11 5.22 -14.67
N ASP C 119 -28.49 4.57 -15.77
CA ASP C 119 -28.24 5.14 -17.09
C ASP C 119 -29.49 5.92 -17.48
N PHE C 120 -29.30 7.08 -18.09
CA PHE C 120 -30.43 7.92 -18.47
C PHE C 120 -30.11 8.88 -19.62
N ASN C 121 -31.14 9.25 -20.39
CA ASN C 121 -30.94 10.17 -21.50
C ASN C 121 -30.95 11.57 -20.92
N TYR C 122 -30.02 12.39 -21.37
CA TYR C 122 -29.92 13.73 -20.86
C TYR C 122 -29.64 14.73 -21.95
N THR C 123 -29.49 15.98 -21.52
CA THR C 123 -29.18 17.05 -22.42
C THR C 123 -28.68 18.21 -21.55
N ILE C 124 -27.34 18.31 -21.46
CA ILE C 124 -26.70 19.37 -20.70
C ILE C 124 -27.18 20.70 -21.22
N VAL C 125 -27.87 21.44 -20.36
CA VAL C 125 -28.43 22.74 -20.66
C VAL C 125 -27.47 23.88 -20.37
N LYS C 126 -27.64 24.98 -21.10
CA LYS C 126 -26.85 26.18 -20.90
C LYS C 126 -27.84 27.35 -20.85
N THR C 127 -27.42 28.50 -20.36
CA THR C 127 -28.34 29.64 -20.27
C THR C 127 -28.78 30.04 -21.67
N GLY C 128 -30.09 29.97 -21.91
CA GLY C 128 -30.60 30.32 -23.22
C GLY C 128 -31.24 29.14 -23.93
N THR C 129 -30.73 27.94 -23.69
CA THR C 129 -31.32 26.77 -24.31
C THR C 129 -32.75 26.66 -23.78
N SER C 130 -33.70 26.38 -24.65
CA SER C 130 -35.09 26.23 -24.21
C SER C 130 -35.74 25.02 -24.89
N VAL C 131 -36.49 24.25 -24.11
CA VAL C 131 -37.16 23.06 -24.62
C VAL C 131 -38.66 23.18 -24.71
N SER C 132 -39.19 22.86 -25.89
CA SER C 132 -40.62 22.92 -26.15
C SER C 132 -41.38 21.74 -25.52
N LEU C 133 -42.58 22.01 -25.04
CA LEU C 133 -43.40 20.96 -24.43
C LEU C 133 -44.75 20.85 -25.13
N GLY C 134 -45.13 21.90 -25.86
CA GLY C 134 -46.40 21.93 -26.54
C GLY C 134 -46.95 23.34 -26.39
N LYS C 135 -48.05 23.50 -25.68
CA LYS C 135 -48.62 24.83 -25.45
C LYS C 135 -47.58 25.68 -24.73
N ARG C 136 -46.74 25.01 -23.94
CA ARG C 136 -45.71 25.68 -23.15
C ARG C 136 -44.32 25.12 -23.40
N SER C 137 -43.33 25.89 -22.96
CA SER C 137 -41.94 25.52 -23.09
C SER C 137 -41.21 25.95 -21.81
N LEU C 138 -40.02 25.40 -21.59
CA LEU C 138 -39.26 25.75 -20.42
C LEU C 138 -37.82 26.12 -20.75
N THR C 139 -37.52 27.40 -20.62
CA THR C 139 -36.18 27.91 -20.87
C THR C 139 -35.34 27.91 -19.58
N PHE C 140 -34.02 27.81 -19.73
CA PHE C 140 -33.13 27.75 -18.58
C PHE C 140 -32.14 28.90 -18.36
N ILE C 141 -31.89 29.18 -17.09
CA ILE C 141 -30.95 30.21 -16.66
C ILE C 141 -29.93 29.58 -15.73
N GLU C 142 -28.67 29.51 -16.14
CA GLU C 142 -27.65 28.95 -15.27
C GLU C 142 -27.46 29.92 -14.07
N ALA C 143 -27.18 29.36 -12.90
CA ALA C 143 -26.98 30.18 -11.70
C ALA C 143 -25.94 29.52 -10.80
N PRO C 144 -24.70 29.39 -11.30
CA PRO C 144 -23.57 28.78 -10.58
C PRO C 144 -23.33 29.47 -9.26
N MET C 145 -23.02 28.68 -8.23
CA MET C 145 -22.76 29.18 -6.89
C MET C 145 -23.91 29.95 -6.27
N LEU C 146 -25.06 29.95 -6.91
CA LEU C 146 -26.21 30.58 -6.29
C LEU C 146 -26.67 29.37 -5.54
N HIS C 147 -25.83 29.10 -4.54
CA HIS C 147 -25.85 28.02 -3.58
C HIS C 147 -24.81 27.03 -4.07
N TRP C 148 -25.07 26.36 -5.20
CA TRP C 148 -24.11 25.38 -5.72
C TRP C 148 -23.67 25.62 -7.15
N PRO C 149 -22.61 24.92 -7.60
CA PRO C 149 -22.04 25.01 -8.95
C PRO C 149 -23.02 24.52 -10.01
N ASP C 150 -23.74 23.46 -9.68
CA ASP C 150 -24.73 22.87 -10.58
C ASP C 150 -26.03 23.66 -10.60
N SER C 151 -26.29 24.47 -9.59
CA SER C 151 -27.52 25.26 -9.52
C SER C 151 -27.88 25.98 -10.82
N MET C 152 -29.18 26.13 -11.07
CA MET C 152 -29.72 26.83 -12.25
C MET C 152 -31.22 27.00 -12.04
N PHE C 153 -31.82 27.97 -12.72
CA PHE C 153 -33.25 28.20 -12.60
C PHE C 153 -33.93 27.68 -13.87
N THR C 154 -35.25 27.54 -13.81
CA THR C 154 -36.05 27.09 -14.94
C THR C 154 -37.16 28.12 -15.12
N TYR C 155 -37.43 28.49 -16.36
CA TYR C 155 -38.46 29.49 -16.62
C TYR C 155 -39.49 29.02 -17.63
N VAL C 156 -40.76 29.20 -17.28
CA VAL C 156 -41.88 28.84 -18.16
C VAL C 156 -42.40 30.20 -18.61
N PRO C 157 -41.83 30.73 -19.72
CA PRO C 157 -42.18 32.02 -20.32
C PRO C 157 -43.66 32.24 -20.55
N GLU C 158 -44.34 31.21 -21.02
CA GLU C 158 -45.76 31.34 -21.28
C GLU C 158 -46.53 31.79 -20.03
N GLU C 159 -46.12 31.31 -18.86
CA GLU C 159 -46.80 31.65 -17.63
C GLU C 159 -46.04 32.61 -16.71
N ALA C 160 -44.88 33.09 -17.15
CA ALA C 160 -44.07 34.01 -16.36
C ALA C 160 -43.76 33.37 -15.00
N LEU C 161 -43.60 32.06 -15.02
CA LEU C 161 -43.32 31.28 -13.82
C LEU C 161 -41.84 31.03 -13.67
N LEU C 162 -41.31 31.35 -12.49
CA LEU C 162 -39.90 31.11 -12.22
C LEU C 162 -39.75 30.02 -11.16
N LEU C 163 -39.00 28.97 -11.53
CA LEU C 163 -38.73 27.83 -10.65
C LEU C 163 -37.24 27.90 -10.35
N PRO C 164 -36.85 28.64 -9.29
CA PRO C 164 -35.48 28.86 -8.82
C PRO C 164 -34.82 27.82 -7.93
N ASN C 165 -35.57 26.82 -7.50
CA ASN C 165 -35.03 25.82 -6.59
C ASN C 165 -34.79 26.55 -5.26
N ASP C 166 -33.59 26.42 -4.68
CA ASP C 166 -33.30 27.05 -3.39
C ASP C 166 -33.55 28.56 -3.27
N ALA C 167 -33.02 29.35 -4.20
CA ALA C 167 -33.23 30.80 -4.10
C ALA C 167 -34.70 31.18 -3.96
N PHE C 168 -34.96 32.17 -3.10
CA PHE C 168 -36.30 32.68 -2.87
C PHE C 168 -37.12 31.71 -2.01
N GLY C 169 -36.45 30.70 -1.48
CA GLY C 169 -37.16 29.73 -0.66
C GLY C 169 -37.09 30.03 0.83
N GLN C 170 -37.94 29.37 1.61
CA GLN C 170 -37.95 29.53 3.06
C GLN C 170 -38.22 28.16 3.63
N HIS C 171 -37.61 27.86 4.76
CA HIS C 171 -37.80 26.57 5.42
C HIS C 171 -38.97 26.60 6.38
N ILE C 172 -40.17 26.41 5.86
CA ILE C 172 -41.37 26.39 6.68
C ILE C 172 -42.13 25.14 6.28
N ALA C 173 -42.99 24.66 7.18
CA ALA C 173 -43.82 23.50 6.87
C ALA C 173 -45.25 23.99 7.11
N THR C 174 -46.08 23.88 6.10
CA THR C 174 -47.47 24.32 6.20
C THR C 174 -48.33 23.46 5.28
N SER C 175 -49.64 23.44 5.49
CA SER C 175 -50.53 22.66 4.64
C SER C 175 -50.80 23.57 3.45
N VAL C 176 -50.93 24.86 3.77
CA VAL C 176 -51.16 25.92 2.81
C VAL C 176 -49.96 26.01 1.86
N ARG C 177 -50.14 26.58 0.67
CA ARG C 177 -49.06 26.63 -0.32
C ARG C 177 -48.59 27.99 -0.84
N PHE C 178 -49.39 29.04 -0.71
CA PHE C 178 -48.96 30.33 -1.26
C PHE C 178 -48.78 31.49 -0.28
N ASP C 179 -47.92 32.43 -0.66
CA ASP C 179 -47.63 33.59 0.18
C ASP C 179 -48.84 34.40 0.59
N ASP C 180 -49.94 34.29 -0.13
CA ASP C 180 -51.14 35.04 0.20
C ASP C 180 -51.96 34.35 1.28
N GLN C 181 -51.51 33.18 1.71
CA GLN C 181 -52.21 32.40 2.74
C GLN C 181 -51.33 32.27 3.98
N VAL C 182 -50.43 33.22 4.16
CA VAL C 182 -49.48 33.22 5.26
C VAL C 182 -49.25 34.66 5.75
N ASP C 183 -48.82 34.82 7.00
CA ASP C 183 -48.56 36.17 7.53
C ASP C 183 -47.38 36.77 6.76
N ALA C 184 -47.60 37.94 6.18
CA ALA C 184 -46.54 38.61 5.42
C ALA C 184 -45.29 38.81 6.27
N GLY C 185 -45.48 39.27 7.50
CA GLY C 185 -44.36 39.49 8.39
C GLY C 185 -43.58 38.23 8.71
N LEU C 186 -44.29 37.18 9.11
CA LEU C 186 -43.62 35.93 9.45
C LEU C 186 -42.93 35.25 8.28
N ILE C 187 -43.57 35.22 7.13
CA ILE C 187 -42.97 34.57 5.97
C ILE C 187 -41.70 35.27 5.51
N MET C 188 -41.70 36.60 5.54
CA MET C 188 -40.52 37.34 5.13
C MET C 188 -39.37 37.10 6.11
N ASP C 189 -39.71 36.86 7.37
CA ASP C 189 -38.72 36.60 8.41
C ASP C 189 -38.00 35.29 8.08
N GLU C 190 -38.79 34.24 7.87
CA GLU C 190 -38.26 32.92 7.53
C GLU C 190 -37.37 33.01 6.29
N ALA C 191 -37.80 33.83 5.33
CA ALA C 191 -37.09 34.04 4.09
C ALA C 191 -35.72 34.64 4.37
N ALA C 192 -35.69 35.57 5.32
CA ALA C 192 -34.45 36.25 5.69
C ALA C 192 -33.53 35.32 6.46
N LYS C 193 -34.10 34.45 7.28
CA LYS C 193 -33.28 33.52 8.03
C LYS C 193 -32.56 32.63 7.01
N TYR C 194 -33.29 32.28 5.95
CA TYR C 194 -32.79 31.44 4.87
C TYR C 194 -31.65 32.12 4.12
N TYR C 195 -31.94 33.30 3.58
CA TYR C 195 -30.94 34.06 2.83
C TYR C 195 -29.68 34.22 3.67
N ALA C 196 -29.86 34.69 4.90
CA ALA C 196 -28.76 34.94 5.82
C ALA C 196 -27.84 33.75 6.06
N ASN C 197 -28.42 32.59 6.33
CA ASN C 197 -27.63 31.41 6.60
C ASN C 197 -27.06 30.69 5.39
N ILE C 198 -27.66 30.90 4.22
CA ILE C 198 -27.21 30.19 3.03
C ILE C 198 -26.64 30.99 1.86
N LEU C 199 -27.27 32.10 1.51
CA LEU C 199 -26.82 32.91 0.39
C LEU C 199 -25.92 34.09 0.74
N MET C 200 -25.87 34.47 2.02
CA MET C 200 -25.06 35.59 2.45
C MET C 200 -23.69 35.71 1.79
N PRO C 201 -22.94 34.60 1.69
CA PRO C 201 -21.61 34.66 1.06
C PRO C 201 -21.61 34.81 -0.47
N PHE C 202 -22.79 34.89 -1.07
CA PHE C 202 -22.89 35.03 -2.52
C PHE C 202 -23.70 36.26 -2.88
N SER C 203 -23.75 37.21 -1.97
CA SER C 203 -24.50 38.44 -2.19
C SER C 203 -24.20 39.07 -3.54
N ASN C 204 -22.93 39.04 -3.94
CA ASN C 204 -22.54 39.65 -5.21
C ASN C 204 -23.20 38.93 -6.39
N LEU C 205 -23.03 37.61 -6.46
CA LEU C 205 -23.64 36.83 -7.52
C LEU C 205 -25.15 37.08 -7.53
N ILE C 206 -25.73 37.26 -6.35
CA ILE C 206 -27.15 37.51 -6.25
C ILE C 206 -27.52 38.82 -6.93
N THR C 207 -26.77 39.88 -6.68
CA THR C 207 -27.07 41.15 -7.32
C THR C 207 -26.86 41.02 -8.81
N LYS C 208 -25.76 40.40 -9.21
CA LYS C 208 -25.49 40.21 -10.63
C LYS C 208 -26.66 39.51 -11.30
N LYS C 209 -26.93 38.28 -10.89
CA LYS C 209 -28.01 37.49 -11.47
C LYS C 209 -29.34 38.24 -11.46
N LEU C 210 -29.53 39.09 -10.48
CA LEU C 210 -30.76 39.85 -10.43
C LEU C 210 -30.78 40.85 -11.59
N ASP C 211 -29.67 41.53 -11.81
CA ASP C 211 -29.57 42.51 -12.91
C ASP C 211 -29.79 41.80 -14.25
N GLU C 212 -29.15 40.65 -14.42
CA GLU C 212 -29.29 39.86 -15.62
C GLU C 212 -30.78 39.67 -15.91
N ILE C 213 -31.47 39.02 -14.99
CA ILE C 213 -32.90 38.77 -15.12
C ILE C 213 -33.64 40.05 -15.46
N GLN C 214 -33.09 41.19 -15.04
CA GLN C 214 -33.71 42.48 -15.30
C GLN C 214 -33.50 42.98 -16.73
N LYS C 215 -32.28 42.83 -17.26
CA LYS C 215 -32.01 43.27 -18.63
C LYS C 215 -32.89 42.47 -19.59
N ILE C 216 -32.85 41.15 -19.47
CA ILE C 216 -33.65 40.25 -20.30
C ILE C 216 -35.13 40.62 -20.15
N ASN C 217 -35.39 41.60 -19.28
CA ASN C 217 -36.74 42.07 -19.01
C ASN C 217 -37.74 40.93 -18.82
N LEU C 218 -37.32 39.91 -18.05
CA LEU C 218 -38.17 38.77 -17.76
C LEU C 218 -39.39 39.14 -16.93
N ALA C 219 -40.55 38.64 -17.34
CA ALA C 219 -41.77 38.91 -16.59
C ALA C 219 -41.93 37.79 -15.58
N ILE C 220 -41.86 38.13 -14.30
CA ILE C 220 -41.99 37.14 -13.26
C ILE C 220 -43.32 37.35 -12.53
N LYS C 221 -44.28 36.51 -12.84
CA LYS C 221 -45.61 36.57 -12.21
C LYS C 221 -45.69 35.77 -10.93
N THR C 222 -44.96 34.66 -10.87
CA THR C 222 -44.95 33.80 -9.69
C THR C 222 -43.61 33.09 -9.52
N ILE C 223 -43.12 33.03 -8.29
CA ILE C 223 -41.86 32.34 -8.01
C ILE C 223 -42.17 31.13 -7.16
N ALA C 224 -41.73 29.95 -7.59
CA ALA C 224 -41.97 28.72 -6.86
C ALA C 224 -40.65 28.05 -6.49
N PRO C 225 -40.10 28.39 -5.31
CA PRO C 225 -38.83 27.83 -4.84
C PRO C 225 -38.94 26.37 -4.43
N SER C 226 -37.80 25.77 -4.13
CA SER C 226 -37.77 24.36 -3.77
C SER C 226 -38.10 24.08 -2.32
N HIS C 227 -38.18 25.13 -1.51
CA HIS C 227 -38.50 25.00 -0.09
C HIS C 227 -39.58 26.03 0.27
N GLY C 228 -40.60 25.57 0.99
CA GLY C 228 -41.65 26.47 1.45
C GLY C 228 -42.71 27.04 0.53
N ILE C 229 -43.22 28.19 0.97
CA ILE C 229 -44.26 28.93 0.28
C ILE C 229 -43.93 29.40 -1.14
N ILE C 230 -44.97 29.43 -1.97
CA ILE C 230 -44.82 29.87 -3.36
C ILE C 230 -45.26 31.33 -3.46
N TRP C 231 -44.38 32.19 -3.98
CA TRP C 231 -44.69 33.61 -4.12
C TRP C 231 -45.61 33.76 -5.32
N ARG C 232 -46.91 33.73 -5.05
CA ARG C 232 -47.92 33.82 -6.09
C ARG C 232 -48.51 35.22 -6.19
N LYS C 233 -48.65 35.91 -5.06
CA LYS C 233 -49.23 37.25 -5.06
C LYS C 233 -48.20 38.37 -5.24
N ASP C 234 -47.28 38.54 -4.29
CA ASP C 234 -46.30 39.60 -4.42
C ASP C 234 -44.85 39.13 -4.57
N PRO C 235 -44.53 38.44 -5.69
CA PRO C 235 -43.16 37.96 -5.91
C PRO C 235 -42.14 39.10 -5.97
N GLY C 236 -42.63 40.31 -6.18
CA GLY C 236 -41.74 41.46 -6.22
C GLY C 236 -41.13 41.71 -4.86
N ARG C 237 -41.90 41.45 -3.80
CA ARG C 237 -41.45 41.64 -2.42
C ARG C 237 -40.15 40.91 -2.12
N ILE C 238 -40.14 39.61 -2.41
CA ILE C 238 -38.97 38.80 -2.16
C ILE C 238 -37.79 39.16 -3.07
N ILE C 239 -38.07 39.70 -4.25
CA ILE C 239 -36.99 40.06 -5.16
C ILE C 239 -36.32 41.34 -4.69
N GLU C 240 -37.11 42.32 -4.25
CA GLU C 240 -36.55 43.57 -3.76
C GLU C 240 -35.76 43.22 -2.50
N ALA C 241 -36.36 42.40 -1.65
CA ALA C 241 -35.73 41.97 -0.41
C ALA C 241 -34.36 41.36 -0.70
N TYR C 242 -34.30 40.44 -1.66
CA TYR C 242 -33.04 39.81 -2.03
C TYR C 242 -32.08 40.86 -2.56
N ALA C 243 -32.62 41.83 -3.27
CA ALA C 243 -31.80 42.91 -3.81
C ALA C 243 -31.13 43.63 -2.64
N ARG C 244 -31.94 44.06 -1.67
CA ARG C 244 -31.45 44.76 -0.48
C ARG C 244 -30.41 43.97 0.28
N TRP C 245 -30.79 42.79 0.75
CA TRP C 245 -29.87 41.95 1.50
C TRP C 245 -28.56 41.74 0.73
N ALA C 246 -28.65 41.69 -0.59
CA ALA C 246 -27.48 41.49 -1.44
C ALA C 246 -26.62 42.74 -1.54
N GLU C 247 -27.27 43.91 -1.54
CA GLU C 247 -26.51 45.15 -1.62
C GLU C 247 -25.68 45.21 -0.34
N GLY C 248 -26.36 45.28 0.80
CA GLY C 248 -25.65 45.29 2.07
C GLY C 248 -25.61 46.57 2.87
N GLN C 249 -26.48 47.53 2.57
CA GLN C 249 -26.47 48.77 3.31
C GLN C 249 -26.77 48.55 4.78
N GLY C 250 -27.61 47.56 5.08
CA GLY C 250 -27.95 47.28 6.46
C GLY C 250 -28.74 48.41 7.11
N LYS C 251 -28.90 48.33 8.42
CA LYS C 251 -29.62 49.33 9.16
C LYS C 251 -28.74 49.80 10.30
N ALA C 252 -29.14 50.88 10.98
CA ALA C 252 -28.39 51.37 12.13
C ALA C 252 -28.74 50.37 13.23
N LYS C 253 -28.09 49.22 13.19
CA LYS C 253 -28.36 48.14 14.14
C LYS C 253 -27.12 47.28 14.36
N ALA C 254 -26.85 46.98 15.62
CA ALA C 254 -25.69 46.17 15.97
C ALA C 254 -26.12 44.90 16.70
N VAL C 255 -25.32 43.85 16.53
CA VAL C 255 -25.59 42.58 17.18
C VAL C 255 -24.42 42.19 18.06
N ILE C 256 -24.70 41.92 19.32
CA ILE C 256 -23.68 41.53 20.27
C ILE C 256 -23.88 40.06 20.65
N ALA C 257 -22.90 39.24 20.36
CA ALA C 257 -22.93 37.82 20.68
C ALA C 257 -21.76 37.58 21.64
N TYR C 258 -21.97 36.77 22.66
CA TYR C 258 -20.93 36.53 23.65
C TYR C 258 -21.30 35.40 24.60
N ASP C 259 -20.50 35.25 25.64
CA ASP C 259 -20.75 34.31 26.71
C ASP C 259 -19.69 34.51 27.77
N THR C 260 -20.01 34.13 28.99
CA THR C 260 -19.12 34.33 30.10
C THR C 260 -19.16 33.20 31.08
N MET C 261 -18.23 33.20 32.04
CA MET C 261 -18.18 32.18 33.07
C MET C 261 -18.60 32.82 34.39
N TRP C 262 -18.13 34.04 34.62
CA TRP C 262 -18.44 34.74 35.85
C TRP C 262 -18.97 36.17 35.70
N LEU C 263 -19.62 36.41 34.56
CA LEU C 263 -20.29 37.69 34.26
C LEU C 263 -19.49 38.93 33.88
N SER C 264 -18.16 38.91 34.06
CA SER C 264 -17.37 40.09 33.72
C SER C 264 -17.56 40.51 32.27
N THR C 265 -17.49 39.54 31.36
CA THR C 265 -17.65 39.81 29.94
C THR C 265 -19.06 40.29 29.68
N GLU C 266 -20.00 39.74 30.43
CA GLU C 266 -21.40 40.11 30.29
C GLU C 266 -21.55 41.59 30.64
N LYS C 267 -20.82 42.04 31.66
CA LYS C 267 -20.87 43.44 32.09
C LYS C 267 -20.38 44.30 30.93
N MET C 268 -19.24 43.91 30.35
CA MET C 268 -18.68 44.64 29.24
C MET C 268 -19.66 44.69 28.08
N ALA C 269 -20.41 43.61 27.90
CA ALA C 269 -21.39 43.56 26.82
C ALA C 269 -22.48 44.60 27.08
N HIS C 270 -22.96 44.64 28.32
CA HIS C 270 -24.01 45.59 28.69
C HIS C 270 -23.53 47.02 28.45
N ALA C 271 -22.31 47.32 28.88
CA ALA C 271 -21.76 48.65 28.70
C ALA C 271 -21.80 49.02 27.22
N LEU C 272 -21.20 48.15 26.39
CA LEU C 272 -21.16 48.35 24.95
C LEU C 272 -22.55 48.61 24.40
N MET C 273 -23.51 47.80 24.83
CA MET C 273 -24.88 47.97 24.37
C MET C 273 -25.43 49.35 24.74
N ASP C 274 -25.23 49.75 25.99
CA ASP C 274 -25.70 51.05 26.46
C ASP C 274 -25.17 52.18 25.58
N GLY C 275 -23.86 52.20 25.35
CA GLY C 275 -23.30 53.25 24.51
C GLY C 275 -23.98 53.22 23.15
N LEU C 276 -24.02 52.05 22.54
CA LEU C 276 -24.65 51.85 21.24
C LEU C 276 -26.06 52.43 21.19
N VAL C 277 -26.90 52.03 22.15
CA VAL C 277 -28.28 52.50 22.18
C VAL C 277 -28.25 54.01 22.27
N ALA C 278 -27.40 54.53 23.16
CA ALA C 278 -27.26 55.97 23.34
C ALA C 278 -26.88 56.61 22.02
N GLY C 279 -26.32 55.82 21.11
CA GLY C 279 -25.92 56.32 19.82
C GLY C 279 -27.02 56.16 18.77
N GLY C 280 -28.23 55.85 19.24
CA GLY C 280 -29.36 55.68 18.33
C GLY C 280 -29.35 54.43 17.48
N CYS C 281 -28.81 53.33 17.99
CA CYS C 281 -28.77 52.07 17.27
C CYS C 281 -29.62 51.02 17.94
N GLU C 282 -30.17 50.10 17.16
CA GLU C 282 -30.97 49.03 17.72
C GLU C 282 -29.93 47.98 18.09
N VAL C 283 -30.15 47.29 19.21
CA VAL C 283 -29.20 46.28 19.61
C VAL C 283 -29.89 44.95 19.94
N LYS C 284 -29.23 43.86 19.57
CA LYS C 284 -29.71 42.52 19.84
C LYS C 284 -28.60 41.88 20.65
N LEU C 285 -28.92 41.46 21.87
CA LEU C 285 -27.93 40.86 22.75
C LEU C 285 -28.20 39.36 22.75
N PHE C 286 -27.17 38.58 22.42
CA PHE C 286 -27.31 37.12 22.35
C PHE C 286 -26.28 36.36 23.17
N LYS C 287 -26.73 35.69 24.22
CA LYS C 287 -25.80 34.86 24.98
C LYS C 287 -25.77 33.53 24.21
N LEU C 288 -24.71 33.35 23.43
CA LEU C 288 -24.52 32.18 22.57
C LEU C 288 -24.89 30.79 23.11
N SER C 289 -24.64 30.52 24.39
CA SER C 289 -24.95 29.21 24.95
C SER C 289 -26.45 28.96 25.12
N VAL C 290 -27.26 29.97 24.87
CA VAL C 290 -28.71 29.83 25.00
C VAL C 290 -29.40 30.53 23.83
N SER C 291 -28.73 30.57 22.69
CA SER C 291 -29.29 31.20 21.53
C SER C 291 -29.03 30.35 20.30
N ASP C 292 -29.94 30.44 19.34
CA ASP C 292 -29.83 29.68 18.09
C ASP C 292 -28.88 30.42 17.16
N ARG C 293 -27.74 29.81 16.87
CA ARG C 293 -26.74 30.42 16.00
C ARG C 293 -27.38 30.90 14.72
N ASN C 294 -28.35 30.12 14.22
CA ASN C 294 -29.05 30.46 12.99
C ASN C 294 -29.89 31.71 13.16
N ASP C 295 -30.62 31.80 14.28
CA ASP C 295 -31.42 32.98 14.53
C ASP C 295 -30.45 34.15 14.74
N VAL C 296 -29.25 33.86 15.22
CA VAL C 296 -28.24 34.91 15.43
C VAL C 296 -27.79 35.51 14.11
N ILE C 297 -27.31 34.65 13.20
CA ILE C 297 -26.87 35.11 11.89
C ILE C 297 -27.96 35.90 11.18
N LYS C 298 -29.21 35.43 11.27
CA LYS C 298 -30.29 36.15 10.62
C LYS C 298 -30.29 37.60 11.02
N GLU C 299 -30.01 37.85 12.31
CA GLU C 299 -29.97 39.20 12.84
C GLU C 299 -28.82 40.02 12.28
N ILE C 300 -27.71 39.33 11.99
CA ILE C 300 -26.53 39.99 11.46
C ILE C 300 -26.71 40.48 10.03
N LEU C 301 -27.45 39.73 9.20
CA LEU C 301 -27.69 40.12 7.82
C LEU C 301 -28.03 41.61 7.71
N ASP C 302 -29.08 42.00 8.41
CA ASP C 302 -29.57 43.37 8.43
C ASP C 302 -28.61 44.35 9.12
N ALA C 303 -27.93 43.90 10.17
CA ALA C 303 -27.01 44.71 10.97
C ALA C 303 -25.75 45.23 10.29
N ARG C 304 -25.25 46.38 10.78
CA ARG C 304 -24.05 46.99 10.24
C ARG C 304 -22.85 46.79 11.18
N ALA C 305 -23.13 46.34 12.40
CA ALA C 305 -22.08 46.13 13.38
C ALA C 305 -22.19 44.76 14.07
N VAL C 306 -21.04 44.11 14.23
CA VAL C 306 -20.99 42.82 14.88
C VAL C 306 -19.95 42.81 15.99
N LEU C 307 -20.41 42.69 17.24
CA LEU C 307 -19.53 42.68 18.42
C LEU C 307 -19.57 41.26 18.99
N VAL C 308 -18.40 40.68 19.21
CA VAL C 308 -18.30 39.33 19.77
C VAL C 308 -17.34 39.29 20.94
N GLY C 309 -17.81 38.81 22.08
CA GLY C 309 -16.95 38.75 23.24
C GLY C 309 -16.84 37.38 23.88
N SER C 310 -15.76 37.19 24.61
CA SER C 310 -15.49 35.93 25.30
C SER C 310 -14.37 36.12 26.28
N PRO C 311 -14.41 35.42 27.42
CA PRO C 311 -13.37 35.51 28.44
C PRO C 311 -12.33 34.58 27.85
N THR C 312 -11.19 34.41 28.51
CA THR C 312 -10.23 33.48 27.97
C THR C 312 -10.05 32.33 28.94
N ILE C 313 -10.16 31.11 28.40
CA ILE C 313 -10.00 29.91 29.18
C ILE C 313 -8.90 29.13 28.46
N ASN C 314 -7.96 28.59 29.23
CA ASN C 314 -6.83 27.85 28.69
C ASN C 314 -6.14 28.56 27.53
N ASN C 315 -5.96 29.88 27.66
CA ASN C 315 -5.31 30.69 26.65
C ASN C 315 -6.05 30.69 25.32
N ASP C 316 -7.28 30.20 25.33
CA ASP C 316 -8.10 30.14 24.12
C ASP C 316 -9.43 30.85 24.37
N ILE C 317 -10.41 30.60 23.51
CA ILE C 317 -11.73 31.20 23.67
C ILE C 317 -12.67 30.16 24.26
N LEU C 318 -13.85 30.62 24.67
CA LEU C 318 -14.85 29.74 25.24
C LEU C 318 -15.36 28.94 24.05
N PRO C 319 -15.27 27.60 24.10
CA PRO C 319 -15.73 26.76 22.99
C PRO C 319 -17.12 27.07 22.43
N VAL C 320 -17.98 27.68 23.24
CA VAL C 320 -19.34 28.03 22.82
C VAL C 320 -19.34 29.18 21.81
N VAL C 321 -18.22 29.89 21.73
CA VAL C 321 -18.11 31.02 20.81
C VAL C 321 -17.48 30.60 19.48
N SER C 322 -16.88 29.41 19.42
CA SER C 322 -16.25 28.91 18.20
C SER C 322 -17.20 28.86 17.01
N PRO C 323 -18.33 28.17 17.16
CA PRO C 323 -19.31 28.07 16.07
C PRO C 323 -19.63 29.41 15.40
N LEU C 324 -20.05 30.40 16.18
CA LEU C 324 -20.39 31.68 15.57
C LEU C 324 -19.24 32.16 14.71
N LEU C 325 -18.03 32.07 15.25
CA LEU C 325 -16.85 32.53 14.53
C LEU C 325 -16.51 31.77 13.25
N ASP C 326 -16.42 30.45 13.34
CA ASP C 326 -16.09 29.68 12.14
C ASP C 326 -17.24 29.70 11.14
N ASP C 327 -18.34 30.32 11.51
CA ASP C 327 -19.51 30.39 10.63
C ASP C 327 -19.46 31.71 9.87
N LEU C 328 -19.14 32.79 10.56
CA LEU C 328 -19.06 34.11 9.93
C LEU C 328 -17.93 34.15 8.91
N VAL C 329 -16.83 33.51 9.27
CA VAL C 329 -15.69 33.44 8.39
C VAL C 329 -16.16 32.87 7.07
N GLY C 330 -16.86 31.74 7.15
CA GLY C 330 -17.36 31.10 5.95
C GLY C 330 -18.48 31.84 5.24
N LEU C 331 -19.39 32.45 5.99
CA LEU C 331 -20.51 33.17 5.39
C LEU C 331 -20.12 34.54 4.86
N ARG C 332 -18.91 34.98 5.18
CA ARG C 332 -18.43 36.28 4.74
C ARG C 332 -19.45 37.41 4.72
N PRO C 333 -19.83 37.94 5.90
CA PRO C 333 -20.81 39.04 5.91
C PRO C 333 -20.27 40.13 4.99
N LYS C 334 -21.15 41.00 4.50
CA LYS C 334 -20.72 42.06 3.60
C LYS C 334 -20.94 43.46 4.16
N ASN C 335 -19.86 44.25 4.19
CA ASN C 335 -19.92 45.62 4.69
C ASN C 335 -20.33 45.66 6.16
N LYS C 336 -19.54 45.00 7.00
CA LYS C 336 -19.82 44.94 8.43
C LYS C 336 -18.68 45.48 9.27
N VAL C 337 -19.03 46.25 10.31
CA VAL C 337 -18.04 46.81 11.24
C VAL C 337 -18.05 45.92 12.46
N GLY C 338 -16.89 45.71 13.09
CA GLY C 338 -16.86 44.85 14.25
C GLY C 338 -15.99 45.23 15.44
N LEU C 339 -16.10 44.43 16.49
CA LEU C 339 -15.34 44.65 17.71
C LEU C 339 -15.29 43.36 18.53
N ALA C 340 -14.17 43.11 19.18
CA ALA C 340 -14.01 41.93 20.00
C ALA C 340 -13.76 42.39 21.44
N PHE C 341 -14.07 41.54 22.42
CA PHE C 341 -13.86 41.92 23.81
C PHE C 341 -13.93 40.73 24.75
N GLY C 342 -13.68 40.98 26.03
CA GLY C 342 -13.71 39.91 27.01
C GLY C 342 -12.77 40.18 28.18
N ALA C 343 -12.74 39.25 29.14
CA ALA C 343 -11.89 39.41 30.30
C ALA C 343 -10.90 38.25 30.44
N TYR C 344 -9.94 38.41 31.34
CA TYR C 344 -8.93 37.40 31.60
C TYR C 344 -8.44 37.47 33.05
N GLY C 345 -7.84 36.40 33.51
CA GLY C 345 -7.35 36.37 34.88
C GLY C 345 -5.86 36.64 34.96
N TRP C 346 -5.14 36.35 33.89
CA TRP C 346 -3.71 36.59 33.88
C TRP C 346 -3.04 36.74 32.52
N GLY C 347 -2.90 35.64 31.79
CA GLY C 347 -2.28 35.70 30.48
C GLY C 347 -3.15 36.26 29.38
N GLY C 348 -4.32 35.65 29.20
CA GLY C 348 -5.21 36.12 28.15
C GLY C 348 -4.91 35.30 26.92
N GLY C 349 -5.47 35.71 25.78
CA GLY C 349 -5.22 34.99 24.54
C GLY C 349 -6.47 34.72 23.74
N ALA C 350 -7.61 35.15 24.24
CA ALA C 350 -8.87 34.94 23.54
C ALA C 350 -9.15 36.11 22.63
N GLN C 351 -8.68 37.29 23.03
CA GLN C 351 -8.88 38.51 22.26
C GLN C 351 -8.18 38.45 20.91
N LYS C 352 -7.05 37.74 20.85
CA LYS C 352 -6.33 37.62 19.59
C LYS C 352 -7.14 36.70 18.68
N ILE C 353 -7.59 35.58 19.23
CA ILE C 353 -8.36 34.61 18.45
C ILE C 353 -9.64 35.24 17.94
N LEU C 354 -10.31 36.00 18.80
CA LEU C 354 -11.54 36.66 18.39
C LEU C 354 -11.30 37.55 17.18
N GLU C 355 -10.28 38.39 17.29
CA GLU C 355 -9.92 39.33 16.25
C GLU C 355 -9.35 38.71 14.98
N GLU C 356 -8.60 37.62 15.10
CA GLU C 356 -8.07 37.01 13.89
C GLU C 356 -9.26 36.50 13.09
N ARG C 357 -10.13 35.74 13.77
CA ARG C 357 -11.32 35.17 13.14
C ARG C 357 -12.23 36.27 12.62
N LEU C 358 -12.41 37.33 13.40
CA LEU C 358 -13.28 38.43 12.98
C LEU C 358 -12.77 39.07 11.69
N LYS C 359 -11.45 39.21 11.59
CA LYS C 359 -10.84 39.80 10.41
C LYS C 359 -10.98 38.82 9.24
N ALA C 360 -10.71 37.55 9.50
CA ALA C 360 -10.85 36.51 8.48
C ALA C 360 -12.23 36.57 7.85
N ALA C 361 -13.22 37.00 8.61
CA ALA C 361 -14.60 37.09 8.12
C ALA C 361 -14.83 38.38 7.35
N LYS C 362 -13.75 39.17 7.22
CA LYS C 362 -13.80 40.43 6.49
C LYS C 362 -14.63 41.47 7.22
N ILE C 363 -14.58 41.42 8.55
CA ILE C 363 -15.31 42.37 9.36
C ILE C 363 -14.24 43.39 9.74
N GLU C 364 -14.54 44.67 9.51
CA GLU C 364 -13.59 45.71 9.83
C GLU C 364 -13.71 46.09 11.30
N LEU C 365 -12.64 45.88 12.04
CA LEU C 365 -12.59 46.17 13.46
C LEU C 365 -12.53 47.67 13.74
N ILE C 366 -13.54 48.18 14.44
CA ILE C 366 -13.63 49.60 14.77
C ILE C 366 -12.48 50.05 15.66
N ALA C 367 -11.80 49.08 16.28
CA ALA C 367 -10.66 49.36 17.16
C ALA C 367 -9.91 48.07 17.42
N GLU C 368 -8.81 47.84 16.69
CA GLU C 368 -8.02 46.61 16.82
C GLU C 368 -7.89 46.07 18.25
N PRO C 369 -6.85 46.51 19.02
CA PRO C 369 -6.88 45.91 20.36
C PRO C 369 -8.19 46.30 21.03
N GLY C 370 -9.05 45.31 21.19
CA GLY C 370 -10.35 45.57 21.79
C GLY C 370 -10.38 45.62 23.30
N PRO C 371 -11.51 46.07 23.86
CA PRO C 371 -11.73 46.19 25.31
C PRO C 371 -11.48 44.91 26.10
N THR C 372 -10.40 44.85 26.87
CA THR C 372 -10.18 43.68 27.72
C THR C 372 -10.24 44.14 29.17
N VAL C 373 -10.44 43.19 30.07
CA VAL C 373 -10.56 43.48 31.48
C VAL C 373 -9.89 42.34 32.24
N GLN C 374 -9.20 42.66 33.33
CA GLN C 374 -8.60 41.59 34.10
C GLN C 374 -9.51 41.30 35.29
N TRP C 375 -10.01 40.07 35.37
CA TRP C 375 -10.89 39.65 36.44
C TRP C 375 -12.26 40.36 36.37
N VAL C 376 -12.31 41.58 36.89
CA VAL C 376 -13.56 42.35 36.92
C VAL C 376 -13.40 43.71 36.27
N PRO C 377 -14.48 44.23 35.68
CA PRO C 377 -14.41 45.54 35.03
C PRO C 377 -14.37 46.62 36.10
N ARG C 378 -13.42 47.53 35.98
CA ARG C 378 -13.28 48.62 36.93
C ARG C 378 -14.21 49.77 36.57
N GLY C 379 -14.07 50.87 37.31
CA GLY C 379 -14.92 52.02 37.06
C GLY C 379 -14.77 52.60 35.67
N GLU C 380 -13.54 52.84 35.24
CA GLU C 380 -13.32 53.40 33.91
C GLU C 380 -13.41 52.38 32.78
N ASP C 381 -13.30 51.11 33.13
CA ASP C 381 -13.38 50.05 32.14
C ASP C 381 -14.73 50.06 31.42
N LEU C 382 -15.82 50.03 32.18
CA LEU C 382 -17.13 50.01 31.57
C LEU C 382 -17.44 51.32 30.84
N GLN C 383 -16.88 52.42 31.34
CA GLN C 383 -17.09 53.71 30.71
C GLN C 383 -16.45 53.68 29.32
N ARG C 384 -15.27 53.09 29.26
CA ARG C 384 -14.54 53.00 28.00
C ARG C 384 -15.36 52.16 27.03
N CYS C 385 -16.04 51.15 27.55
CA CYS C 385 -16.88 50.27 26.74
C CYS C 385 -18.08 51.05 26.24
N TYR C 386 -18.71 51.80 27.13
CA TYR C 386 -19.85 52.62 26.76
C TYR C 386 -19.38 53.53 25.63
N GLU C 387 -18.24 54.17 25.83
CA GLU C 387 -17.66 55.07 24.85
C GLU C 387 -17.51 54.40 23.49
N LEU C 388 -17.07 53.15 23.50
CA LEU C 388 -16.89 52.41 22.26
C LEU C 388 -18.20 52.16 21.52
N GLY C 389 -19.23 51.74 22.24
CA GLY C 389 -20.51 51.51 21.59
C GLY C 389 -21.03 52.84 21.09
N ARG C 390 -20.57 53.89 21.75
CA ARG C 390 -20.96 55.25 21.40
C ARG C 390 -20.31 55.59 20.07
N LYS C 391 -19.04 55.23 19.94
CA LYS C 391 -18.30 55.48 18.73
C LYS C 391 -18.91 54.70 17.58
N ILE C 392 -18.94 53.38 17.74
CA ILE C 392 -19.50 52.47 16.75
C ILE C 392 -20.84 52.99 16.26
N ALA C 393 -21.75 53.23 17.20
CA ALA C 393 -23.07 53.72 16.83
C ALA C 393 -22.95 54.90 15.88
N ALA C 394 -21.96 55.74 16.12
CA ALA C 394 -21.73 56.92 15.30
C ALA C 394 -21.27 56.59 13.89
N ARG C 395 -20.47 55.54 13.76
CA ARG C 395 -19.99 55.16 12.44
C ARG C 395 -21.11 54.49 11.66
N ILE C 396 -22.00 53.84 12.38
CA ILE C 396 -23.14 53.18 11.78
C ILE C 396 -24.13 54.29 11.45
N ALA C 397 -23.98 55.41 12.14
CA ALA C 397 -24.80 56.60 11.96
C ALA C 397 -26.14 56.40 11.25
N ASP C 398 -26.12 56.39 9.92
CA ASP C 398 -27.33 56.22 9.12
C ASP C 398 -28.04 57.56 8.93
N SER D 1 -29.75 22.34 54.98
CA SER D 1 -29.78 22.33 56.48
C SER D 1 -28.55 22.01 57.37
N GLN D 2 -28.12 20.74 57.46
CA GLN D 2 -27.03 20.38 58.40
C GLN D 2 -25.60 19.98 58.02
N PRO D 3 -24.64 20.28 58.93
CA PRO D 3 -23.20 20.01 58.83
C PRO D 3 -22.92 18.53 58.97
N VAL D 4 -21.76 18.12 58.48
CA VAL D 4 -21.34 16.72 58.54
C VAL D 4 -19.91 16.64 59.02
N ALA D 5 -19.68 15.91 60.09
CA ALA D 5 -18.33 15.80 60.63
C ALA D 5 -17.49 14.84 59.82
N ILE D 6 -16.25 15.23 59.55
CA ILE D 6 -15.33 14.36 58.81
C ILE D 6 -14.67 13.57 59.92
N THR D 7 -14.49 14.24 61.04
CA THR D 7 -13.92 13.67 62.26
C THR D 7 -14.16 14.71 63.35
N ASP D 8 -13.82 14.39 64.59
CA ASP D 8 -14.05 15.34 65.68
C ASP D 8 -13.42 16.71 65.45
N GLY D 9 -14.21 17.76 65.67
CA GLY D 9 -13.71 19.11 65.50
C GLY D 9 -13.56 19.56 64.07
N ILE D 10 -13.63 18.62 63.14
CA ILE D 10 -13.52 18.90 61.71
C ILE D 10 -14.85 18.62 61.01
N TYR D 11 -15.50 19.70 60.56
CA TYR D 11 -16.81 19.59 59.91
C TYR D 11 -16.89 20.06 58.46
N TRP D 12 -17.73 19.35 57.70
CA TRP D 12 -18.01 19.71 56.32
C TRP D 12 -19.13 20.73 56.46
N VAL D 13 -18.91 21.96 56.02
CA VAL D 13 -19.96 22.96 56.13
C VAL D 13 -20.27 23.57 54.77
N GLY D 14 -20.27 22.71 53.77
CA GLY D 14 -20.53 23.15 52.41
C GLY D 14 -21.99 23.20 52.02
N ALA D 15 -22.22 23.47 50.74
CA ALA D 15 -23.55 23.56 50.17
C ALA D 15 -23.65 22.66 48.93
N VAL D 16 -24.79 22.03 48.76
CA VAL D 16 -25.02 21.16 47.61
C VAL D 16 -25.86 21.89 46.55
N ASP D 17 -25.45 21.80 45.30
CA ASP D 17 -26.17 22.46 44.21
C ASP D 17 -26.78 21.39 43.32
N TRP D 18 -28.02 21.02 43.63
CA TRP D 18 -28.74 19.99 42.89
C TRP D 18 -29.13 20.33 41.45
N ASN D 19 -29.66 21.54 41.25
CA ASN D 19 -30.16 21.97 39.96
C ASN D 19 -29.17 22.53 38.94
N ILE D 20 -27.98 22.93 39.39
CA ILE D 20 -26.99 23.47 38.47
C ILE D 20 -26.69 22.43 37.37
N ARG D 21 -26.83 22.84 36.13
CA ARG D 21 -26.58 21.92 35.03
C ARG D 21 -25.38 22.33 34.20
N TYR D 22 -24.90 23.55 34.44
CA TYR D 22 -23.73 24.07 33.73
C TYR D 22 -22.83 24.88 34.67
N PHE D 23 -21.60 24.40 34.82
CA PHE D 23 -20.61 25.04 35.69
C PHE D 23 -19.66 25.89 34.85
N HIS D 24 -18.97 26.83 35.50
CA HIS D 24 -18.04 27.74 34.80
C HIS D 24 -18.79 28.40 33.65
N GLY D 25 -20.09 28.57 33.82
CA GLY D 25 -20.92 29.15 32.78
C GLY D 25 -21.46 28.06 31.87
N PRO D 26 -21.15 28.11 30.57
CA PRO D 26 -21.62 27.08 29.64
C PRO D 26 -20.55 25.99 29.47
N ALA D 27 -19.37 26.27 29.98
CA ALA D 27 -18.22 25.37 29.89
C ALA D 27 -18.41 23.92 30.33
N PHE D 28 -18.60 23.69 31.63
CA PHE D 28 -18.73 22.34 32.16
C PHE D 28 -20.16 21.85 32.45
N SER D 29 -20.62 20.89 31.66
CA SER D 29 -21.97 20.36 31.87
C SER D 29 -21.95 19.43 33.08
N THR D 30 -22.73 19.80 34.10
CA THR D 30 -22.84 19.00 35.31
C THR D 30 -24.25 18.42 35.36
N HIS D 31 -24.42 17.27 34.69
CA HIS D 31 -25.71 16.59 34.62
C HIS D 31 -26.31 16.40 36.00
N ARG D 32 -25.48 16.05 36.98
CA ARG D 32 -25.98 15.80 38.32
C ARG D 32 -25.64 16.92 39.31
N GLY D 33 -25.48 18.14 38.82
CA GLY D 33 -25.14 19.24 39.70
C GLY D 33 -23.84 18.96 40.42
N THR D 34 -23.55 19.72 41.48
CA THR D 34 -22.33 19.53 42.26
C THR D 34 -22.52 20.10 43.65
N THR D 35 -21.41 20.30 44.34
CA THR D 35 -21.43 20.87 45.69
C THR D 35 -20.30 21.88 45.82
N TYR D 36 -20.41 22.71 46.83
CA TYR D 36 -19.38 23.69 47.10
C TYR D 36 -18.94 23.34 48.52
N ASN D 37 -17.87 22.56 48.62
CA ASN D 37 -17.34 22.14 49.91
C ASN D 37 -16.49 23.18 50.63
N ALA D 38 -16.72 23.28 51.94
CA ALA D 38 -16.00 24.18 52.82
C ALA D 38 -15.83 23.39 54.11
N TYR D 39 -14.80 23.71 54.87
CA TYR D 39 -14.55 22.95 56.09
C TYR D 39 -14.26 23.80 57.31
N LEU D 40 -14.82 23.39 58.44
CA LEU D 40 -14.61 24.09 59.69
C LEU D 40 -13.75 23.22 60.59
N ILE D 41 -12.61 23.76 60.99
CA ILE D 41 -11.70 23.05 61.87
C ILE D 41 -11.75 23.81 63.20
N VAL D 42 -12.23 23.12 64.24
CA VAL D 42 -12.38 23.70 65.57
C VAL D 42 -11.33 23.24 66.61
N ASP D 43 -10.50 24.18 67.03
CA ASP D 43 -9.47 23.90 68.01
C ASP D 43 -9.42 25.07 68.98
N ASP D 44 -8.33 25.22 69.72
CA ASP D 44 -8.21 26.32 70.65
C ASP D 44 -8.45 27.55 69.79
N LYS D 45 -8.23 27.38 68.50
CA LYS D 45 -8.43 28.43 67.52
C LYS D 45 -9.07 27.72 66.34
N THR D 46 -10.27 28.13 65.95
CA THR D 46 -10.92 27.46 64.82
C THR D 46 -10.70 28.20 63.50
N ALA D 47 -10.58 27.42 62.43
CA ALA D 47 -10.37 27.98 61.12
C ALA D 47 -11.37 27.43 60.09
N LEU D 48 -11.67 28.25 59.10
CA LEU D 48 -12.59 27.89 58.04
C LEU D 48 -11.77 27.80 56.74
N VAL D 49 -11.79 26.63 56.12
CA VAL D 49 -11.09 26.40 54.87
C VAL D 49 -12.04 26.65 53.71
N ASP D 50 -11.85 27.77 53.02
CA ASP D 50 -12.69 28.14 51.88
C ASP D 50 -14.11 28.46 52.25
N THR D 51 -14.74 29.27 51.41
CA THR D 51 -16.15 29.64 51.59
C THR D 51 -17.04 28.89 50.59
N VAL D 52 -18.03 29.57 50.04
CA VAL D 52 -18.97 28.93 49.14
C VAL D 52 -19.44 29.89 48.04
N TYR D 53 -20.04 29.32 46.99
CA TYR D 53 -20.58 30.11 45.88
C TYR D 53 -21.60 31.10 46.50
N GLU D 54 -21.42 32.39 46.22
CA GLU D 54 -22.28 33.44 46.81
C GLU D 54 -23.72 33.01 47.04
N PRO D 55 -24.42 32.56 45.98
CA PRO D 55 -25.81 32.12 46.10
C PRO D 55 -26.10 31.13 47.23
N PHE D 56 -25.05 30.57 47.84
CA PHE D 56 -25.26 29.62 48.94
C PHE D 56 -24.68 30.07 50.28
N LYS D 57 -24.28 31.34 50.38
CA LYS D 57 -23.69 31.83 51.62
C LYS D 57 -24.56 31.59 52.85
N GLU D 58 -25.87 31.67 52.68
CA GLU D 58 -26.78 31.44 53.80
C GLU D 58 -26.61 30.03 54.36
N GLU D 59 -26.65 29.02 53.51
CA GLU D 59 -26.50 27.65 53.98
C GLU D 59 -25.16 27.47 54.68
N LEU D 60 -24.15 28.25 54.26
CA LEU D 60 -22.82 28.15 54.87
C LEU D 60 -22.90 28.67 56.30
N ILE D 61 -23.11 29.99 56.41
CA ILE D 61 -23.22 30.66 57.70
C ILE D 61 -24.14 29.90 58.65
N ALA D 62 -25.25 29.40 58.10
CA ALA D 62 -26.20 28.65 58.90
C ALA D 62 -25.47 27.46 59.49
N LYS D 63 -24.94 26.59 58.64
CA LYS D 63 -24.22 25.41 59.09
C LYS D 63 -23.10 25.78 60.08
N LEU D 64 -22.55 26.98 59.93
CA LEU D 64 -21.51 27.43 60.85
C LEU D 64 -22.15 27.58 62.22
N LYS D 65 -23.10 28.51 62.31
CA LYS D 65 -23.82 28.80 63.55
C LYS D 65 -24.35 27.55 64.24
N GLN D 66 -24.65 26.54 63.45
CA GLN D 66 -25.15 25.29 63.98
C GLN D 66 -24.03 24.58 64.76
N ILE D 67 -22.81 25.13 64.68
CA ILE D 67 -21.64 24.57 65.38
C ILE D 67 -21.25 25.33 66.66
N LYS D 68 -21.29 26.65 66.59
CA LYS D 68 -20.96 27.51 67.73
C LYS D 68 -21.85 28.76 67.60
N ASP D 69 -22.83 28.88 68.49
CA ASP D 69 -23.79 30.00 68.48
C ASP D 69 -23.26 31.25 67.78
N PRO D 70 -22.40 32.04 68.46
CA PRO D 70 -21.93 33.19 67.66
C PRO D 70 -20.77 32.60 66.86
N VAL D 71 -20.61 32.98 65.60
CA VAL D 71 -19.54 32.41 64.81
C VAL D 71 -18.15 32.91 65.17
N LYS D 72 -17.33 31.95 65.60
CA LYS D 72 -15.95 32.11 66.01
C LYS D 72 -15.03 32.62 64.89
N LEU D 73 -14.28 31.70 64.30
CA LEU D 73 -13.38 32.01 63.19
C LEU D 73 -12.14 32.88 63.42
N ASP D 74 -11.03 32.22 63.72
CA ASP D 74 -9.75 32.89 63.93
C ASP D 74 -9.06 33.00 62.58
N TYR D 75 -9.08 31.89 61.85
CA TYR D 75 -8.44 31.83 60.54
C TYR D 75 -9.40 31.50 59.41
N LEU D 76 -9.19 32.16 58.27
CA LEU D 76 -9.98 31.95 57.06
C LEU D 76 -9.01 31.58 55.95
N VAL D 77 -8.90 30.28 55.68
CA VAL D 77 -8.02 29.76 54.64
C VAL D 77 -8.65 29.87 53.24
N VAL D 78 -7.96 30.52 52.31
CA VAL D 78 -8.46 30.67 50.95
C VAL D 78 -7.55 29.96 49.95
N ASN D 79 -7.73 28.65 49.82
CA ASN D 79 -6.91 27.83 48.92
C ASN D 79 -6.99 28.26 47.47
N HIS D 80 -8.16 28.77 47.09
CA HIS D 80 -8.44 29.14 45.71
C HIS D 80 -9.44 30.30 45.76
N THR D 81 -9.37 31.22 44.79
CA THR D 81 -10.28 32.38 44.79
C THR D 81 -11.32 32.44 43.67
N GLU D 82 -11.47 31.35 42.92
CA GLU D 82 -12.40 31.29 41.78
C GLU D 82 -13.74 32.00 41.83
N SER D 83 -14.55 31.74 42.86
CA SER D 83 -15.87 32.35 42.99
C SER D 83 -16.87 31.30 43.39
N ASP D 84 -16.69 30.10 42.86
CA ASP D 84 -17.56 29.01 43.25
C ASP D 84 -17.06 28.63 44.63
N HIS D 85 -16.01 29.32 45.08
CA HIS D 85 -15.40 29.05 46.38
C HIS D 85 -15.25 30.29 47.24
N ALA D 86 -14.89 31.42 46.62
CA ALA D 86 -14.70 32.65 47.36
C ALA D 86 -15.83 33.65 47.14
N GLY D 87 -16.99 33.15 46.74
CA GLY D 87 -18.12 34.03 46.50
C GLY D 87 -18.67 34.55 47.81
N ALA D 88 -18.64 33.68 48.82
CA ALA D 88 -19.12 34.02 50.16
C ALA D 88 -18.02 34.67 51.02
N PHE D 89 -16.96 35.17 50.37
CA PHE D 89 -15.86 35.80 51.10
C PHE D 89 -16.33 37.05 51.83
N PRO D 90 -16.93 38.01 51.12
CA PRO D 90 -17.35 39.19 51.89
C PRO D 90 -18.40 38.89 52.98
N ALA D 91 -19.38 38.07 52.66
CA ALA D 91 -20.39 37.73 53.65
C ALA D 91 -19.70 37.28 54.94
N ILE D 92 -18.70 36.43 54.81
CA ILE D 92 -17.96 35.91 55.95
C ILE D 92 -17.05 36.94 56.63
N MET D 93 -16.49 37.86 55.87
CA MET D 93 -15.61 38.85 56.47
C MET D 93 -16.37 39.90 57.23
N GLU D 94 -17.67 40.02 56.94
CA GLU D 94 -18.49 41.00 57.63
C GLU D 94 -19.03 40.34 58.89
N LEU D 95 -19.07 39.01 58.84
CA LEU D 95 -19.57 38.22 59.95
C LEU D 95 -18.48 38.06 61.02
N CYS D 96 -17.22 38.05 60.58
CA CYS D 96 -16.05 37.92 61.47
C CYS D 96 -14.99 38.85 60.88
N PRO D 97 -15.16 40.17 61.08
CA PRO D 97 -14.24 41.18 60.57
C PRO D 97 -12.75 40.95 60.83
N ASP D 98 -12.42 40.42 62.01
CA ASP D 98 -11.02 40.20 62.34
C ASP D 98 -10.58 38.75 62.22
N ALA D 99 -10.96 38.10 61.13
CA ALA D 99 -10.55 36.72 60.92
C ALA D 99 -9.26 36.84 60.14
N HIS D 100 -8.27 36.03 60.47
CA HIS D 100 -7.00 36.09 59.76
C HIS D 100 -7.03 35.22 58.52
N VAL D 101 -6.84 35.87 57.37
CA VAL D 101 -6.85 35.19 56.09
C VAL D 101 -5.49 34.59 55.75
N LEU D 102 -5.48 33.28 55.51
CA LEU D 102 -4.26 32.58 55.14
C LEU D 102 -4.37 32.25 53.64
N CYS D 103 -3.46 32.79 52.83
CA CYS D 103 -3.52 32.52 51.40
C CYS D 103 -2.19 32.77 50.67
N THR D 104 -2.17 32.49 49.37
CA THR D 104 -0.97 32.70 48.57
C THR D 104 -0.91 34.16 48.12
N GLN D 105 0.27 34.59 47.65
CA GLN D 105 0.43 35.96 47.18
C GLN D 105 -0.54 36.21 46.05
N ARG D 106 -0.56 35.29 45.09
CA ARG D 106 -1.46 35.45 43.94
C ARG D 106 -2.93 35.47 44.36
N ALA D 107 -3.32 34.61 45.30
CA ALA D 107 -4.70 34.57 45.79
C ALA D 107 -5.03 35.92 46.41
N PHE D 108 -4.11 36.42 47.22
CA PHE D 108 -4.27 37.70 47.87
C PHE D 108 -4.57 38.77 46.82
N ASP D 109 -3.79 38.79 45.75
CA ASP D 109 -3.99 39.77 44.69
C ASP D 109 -5.37 39.69 44.09
N SER D 110 -5.81 38.46 43.84
CA SER D 110 -7.11 38.16 43.25
C SER D 110 -8.23 38.66 44.15
N LEU D 111 -8.09 38.40 45.44
CA LEU D 111 -9.06 38.82 46.44
C LEU D 111 -9.23 40.33 46.35
N LYS D 112 -8.11 41.05 46.30
CA LYS D 112 -8.13 42.50 46.21
C LYS D 112 -8.78 43.01 44.93
N ALA D 113 -8.79 42.16 43.90
CA ALA D 113 -9.36 42.53 42.60
C ALA D 113 -10.85 42.19 42.51
N HIS D 114 -11.21 41.02 42.99
CA HIS D 114 -12.60 40.58 42.97
C HIS D 114 -13.45 41.28 44.02
N TYR D 115 -12.82 41.80 45.07
CA TYR D 115 -13.60 42.42 46.12
C TYR D 115 -13.19 43.81 46.59
N SER D 116 -11.94 43.97 47.02
CA SER D 116 -11.48 45.26 47.53
C SER D 116 -12.60 45.74 48.44
N HIS D 117 -12.63 47.03 48.76
CA HIS D 117 -13.69 47.53 49.63
C HIS D 117 -13.79 46.66 50.89
N ILE D 118 -12.83 45.75 51.06
CA ILE D 118 -12.82 44.85 52.21
C ILE D 118 -11.44 44.74 52.85
N ASP D 119 -11.30 45.26 54.06
CA ASP D 119 -10.03 45.21 54.78
C ASP D 119 -9.99 43.92 55.60
N PHE D 120 -8.85 43.23 55.56
CA PHE D 120 -8.70 42.00 56.32
C PHE D 120 -7.22 41.75 56.62
N ASN D 121 -6.94 41.26 57.82
CA ASN D 121 -5.56 40.95 58.17
C ASN D 121 -5.26 39.64 57.48
N TYR D 122 -4.17 39.62 56.74
CA TYR D 122 -3.78 38.43 56.00
C TYR D 122 -2.41 37.93 56.39
N THR D 123 -1.93 36.96 55.62
CA THR D 123 -0.62 36.39 55.84
C THR D 123 -0.28 35.51 54.63
N ILE D 124 0.49 36.06 53.71
CA ILE D 124 0.88 35.34 52.51
C ILE D 124 1.63 34.10 52.92
N VAL D 125 1.21 32.98 52.36
CA VAL D 125 1.77 31.68 52.67
C VAL D 125 2.58 31.11 51.52
N LYS D 126 3.59 30.31 51.87
CA LYS D 126 4.43 29.66 50.89
C LYS D 126 4.42 28.19 51.26
N THR D 127 4.70 27.32 50.30
CA THR D 127 4.69 25.91 50.60
C THR D 127 5.70 25.65 51.72
N GLY D 128 5.23 25.01 52.78
CA GLY D 128 6.10 24.73 53.90
C GLY D 128 5.72 25.49 55.16
N THR D 129 5.13 26.68 55.02
CA THR D 129 4.74 27.42 56.21
C THR D 129 3.63 26.65 56.91
N SER D 130 3.60 26.73 58.23
CA SER D 130 2.60 26.01 59.01
C SER D 130 2.04 26.80 60.19
N VAL D 131 0.73 27.01 60.22
CA VAL D 131 0.08 27.76 61.30
C VAL D 131 -0.52 26.81 62.33
N SER D 132 -0.37 27.15 63.60
CA SER D 132 -0.89 26.33 64.68
C SER D 132 -2.25 26.81 65.18
N LEU D 133 -3.18 25.88 65.33
CA LEU D 133 -4.52 26.20 65.79
C LEU D 133 -4.66 25.81 67.26
N GLY D 134 -3.88 24.84 67.67
CA GLY D 134 -3.90 24.35 69.04
C GLY D 134 -3.49 22.89 69.00
N LYS D 135 -4.43 21.98 69.27
CA LYS D 135 -4.15 20.54 69.25
C LYS D 135 -3.74 20.09 67.85
N ARG D 136 -4.07 20.92 66.86
CA ARG D 136 -3.78 20.62 65.45
C ARG D 136 -3.21 21.83 64.75
N SER D 137 -2.62 21.57 63.58
CA SER D 137 -2.02 22.62 62.78
C SER D 137 -2.37 22.47 61.30
N LEU D 138 -2.25 23.58 60.58
CA LEU D 138 -2.54 23.60 59.17
C LEU D 138 -1.26 23.93 58.41
N THR D 139 -0.76 22.97 57.62
CA THR D 139 0.44 23.24 56.85
C THR D 139 0.00 23.44 55.37
N PHE D 140 0.78 24.22 54.62
CA PHE D 140 0.41 24.51 53.24
C PHE D 140 1.36 24.09 52.14
N ILE D 141 0.77 23.59 51.05
CA ILE D 141 1.52 23.17 49.88
C ILE D 141 1.03 24.00 48.70
N GLU D 142 1.91 24.83 48.15
CA GLU D 142 1.53 25.65 47.01
C GLU D 142 1.33 24.75 45.79
N ALA D 143 0.34 25.11 44.97
CA ALA D 143 0.04 24.33 43.78
C ALA D 143 -0.30 25.29 42.64
N PRO D 144 0.67 26.11 42.22
CA PRO D 144 0.48 27.08 41.14
C PRO D 144 0.02 26.38 39.88
N MET D 145 -0.94 27.00 39.20
CA MET D 145 -1.51 26.48 37.96
C MET D 145 -2.12 25.09 38.04
N LEU D 146 -2.20 24.53 39.24
CA LEU D 146 -2.84 23.24 39.38
C LEU D 146 -4.26 23.73 39.49
N HIS D 147 -4.65 24.23 38.33
CA HIS D 147 -5.92 24.84 37.95
C HIS D 147 -5.71 26.35 37.84
N TRP D 148 -5.30 26.99 38.93
CA TRP D 148 -5.08 28.45 38.93
C TRP D 148 -3.79 28.88 39.61
N PRO D 149 -3.23 30.02 39.19
CA PRO D 149 -2.00 30.54 39.77
C PRO D 149 -2.05 30.54 41.30
N ASP D 150 -3.12 31.11 41.85
CA ASP D 150 -3.30 31.20 43.29
C ASP D 150 -3.56 29.86 43.99
N SER D 151 -3.91 28.83 43.25
CA SER D 151 -4.22 27.53 43.85
C SER D 151 -3.16 27.01 44.83
N MET D 152 -3.60 26.19 45.79
CA MET D 152 -2.73 25.57 46.79
C MET D 152 -3.56 24.60 47.62
N PHE D 153 -2.90 23.67 48.32
CA PHE D 153 -3.62 22.72 49.18
C PHE D 153 -3.30 23.03 50.64
N THR D 154 -4.22 22.68 51.54
CA THR D 154 -4.01 22.85 52.97
C THR D 154 -3.94 21.45 53.55
N TYR D 155 -3.00 21.22 54.47
CA TYR D 155 -2.86 19.90 55.03
C TYR D 155 -2.89 19.94 56.55
N VAL D 156 -3.70 19.06 57.14
CA VAL D 156 -3.81 18.95 58.59
C VAL D 156 -3.05 17.68 58.96
N PRO D 157 -1.75 17.82 59.22
CA PRO D 157 -0.87 16.71 59.57
C PRO D 157 -1.41 15.83 60.68
N GLU D 158 -1.84 16.44 61.78
CA GLU D 158 -2.36 15.69 62.92
C GLU D 158 -3.40 14.66 62.50
N GLU D 159 -4.17 14.95 61.46
CA GLU D 159 -5.20 14.03 61.00
C GLU D 159 -4.96 13.42 59.60
N ALA D 160 -3.82 13.72 58.98
CA ALA D 160 -3.53 13.17 57.65
C ALA D 160 -4.67 13.52 56.70
N LEU D 161 -5.17 14.74 56.84
CA LEU D 161 -6.30 15.25 56.07
C LEU D 161 -5.83 16.28 55.05
N LEU D 162 -6.11 16.03 53.78
CA LEU D 162 -5.72 16.94 52.72
C LEU D 162 -6.91 17.69 52.12
N LEU D 163 -6.81 19.02 52.10
CA LEU D 163 -7.84 19.88 51.56
C LEU D 163 -7.23 20.54 50.32
N PRO D 164 -7.29 19.87 49.15
CA PRO D 164 -6.74 20.37 47.89
C PRO D 164 -7.62 21.27 47.06
N ASN D 165 -8.80 21.57 47.56
CA ASN D 165 -9.73 22.41 46.81
C ASN D 165 -10.18 21.64 45.58
N ASP D 166 -10.08 22.26 44.39
CA ASP D 166 -10.53 21.62 43.17
C ASP D 166 -9.92 20.25 42.87
N ALA D 167 -8.60 20.13 43.03
CA ALA D 167 -7.94 18.87 42.75
C ALA D 167 -8.60 17.71 43.48
N PHE D 168 -8.69 16.56 42.81
CA PHE D 168 -9.31 15.34 43.37
C PHE D 168 -10.83 15.44 43.58
N GLY D 169 -11.45 16.50 43.05
CA GLY D 169 -12.87 16.64 43.22
C GLY D 169 -13.62 16.12 42.01
N GLN D 170 -14.93 15.96 42.16
CA GLN D 170 -15.80 15.50 41.09
C GLN D 170 -17.05 16.37 41.23
N HIS D 171 -17.63 16.73 40.10
CA HIS D 171 -18.82 17.56 40.08
C HIS D 171 -20.08 16.70 40.21
N ILE D 172 -20.53 16.46 41.44
CA ILE D 172 -21.72 15.66 41.63
C ILE D 172 -22.47 16.08 42.90
N ALA D 173 -23.81 16.09 42.81
CA ALA D 173 -24.64 16.47 43.95
C ALA D 173 -25.24 15.24 44.64
N THR D 174 -25.03 15.13 45.95
CA THR D 174 -25.54 14.02 46.73
C THR D 174 -25.87 14.43 48.17
N SER D 175 -26.71 13.66 48.85
CA SER D 175 -27.07 13.98 50.23
C SER D 175 -26.00 13.33 51.07
N VAL D 176 -25.41 12.29 50.49
CA VAL D 176 -24.33 11.53 51.11
C VAL D 176 -23.05 12.39 50.97
N ARG D 177 -22.02 12.10 51.76
CA ARG D 177 -20.80 12.91 51.71
C ARG D 177 -19.48 12.17 51.43
N PHE D 178 -19.42 10.88 51.69
CA PHE D 178 -18.17 10.14 51.50
C PHE D 178 -18.12 9.02 50.45
N ASP D 179 -16.95 8.88 49.82
CA ASP D 179 -16.73 7.87 48.80
C ASP D 179 -17.20 6.46 49.14
N ASP D 180 -17.29 6.14 50.42
CA ASP D 180 -17.74 4.80 50.81
C ASP D 180 -19.26 4.70 50.76
N GLN D 181 -19.92 5.78 50.35
CA GLN D 181 -21.38 5.79 50.29
C GLN D 181 -21.84 6.06 48.86
N VAL D 182 -20.99 5.72 47.89
CA VAL D 182 -21.31 5.96 46.49
C VAL D 182 -20.72 4.84 45.65
N ASP D 183 -21.22 4.67 44.43
CA ASP D 183 -20.70 3.60 43.57
C ASP D 183 -19.26 3.90 43.18
N ALA D 184 -18.39 2.93 43.44
CA ALA D 184 -16.98 3.07 43.11
C ALA D 184 -16.84 3.44 41.63
N GLY D 185 -17.42 2.61 40.76
CA GLY D 185 -17.34 2.87 39.33
C GLY D 185 -17.81 4.24 38.90
N LEU D 186 -19.03 4.61 39.30
CA LEU D 186 -19.59 5.90 38.92
C LEU D 186 -18.82 7.10 39.43
N ILE D 187 -18.50 7.10 40.72
CA ILE D 187 -17.78 8.22 41.31
C ILE D 187 -16.40 8.45 40.69
N MET D 188 -15.72 7.37 40.34
CA MET D 188 -14.41 7.47 39.72
C MET D 188 -14.56 8.05 38.33
N ASP D 189 -15.68 7.68 37.68
CA ASP D 189 -15.95 8.16 36.34
C ASP D 189 -16.09 9.68 36.37
N GLU D 190 -16.89 10.18 37.31
CA GLU D 190 -17.12 11.61 37.47
C GLU D 190 -15.82 12.34 37.76
N ALA D 191 -14.95 11.66 38.50
CA ALA D 191 -13.63 12.17 38.86
C ALA D 191 -12.79 12.30 37.59
N ALA D 192 -12.98 11.37 36.67
CA ALA D 192 -12.26 11.37 35.39
C ALA D 192 -12.79 12.47 34.48
N LYS D 193 -14.11 12.67 34.48
CA LYS D 193 -14.71 13.71 33.67
C LYS D 193 -14.20 15.05 34.17
N TYR D 194 -13.96 15.14 35.48
CA TYR D 194 -13.47 16.37 36.09
C TYR D 194 -12.04 16.65 35.63
N TYR D 195 -11.15 15.67 35.79
CA TYR D 195 -9.76 15.81 35.40
C TYR D 195 -9.65 16.24 33.93
N ALA D 196 -10.07 15.33 33.04
CA ALA D 196 -10.01 15.55 31.61
C ALA D 196 -10.46 16.94 31.15
N ASN D 197 -11.51 17.47 31.73
CA ASN D 197 -12.00 18.77 31.31
C ASN D 197 -11.36 19.96 31.98
N ILE D 198 -10.65 19.75 33.08
CA ILE D 198 -10.05 20.86 33.79
C ILE D 198 -8.53 20.79 34.03
N LEU D 199 -8.03 19.63 34.40
CA LEU D 199 -6.61 19.48 34.68
C LEU D 199 -5.75 18.95 33.52
N MET D 200 -6.39 18.35 32.52
CA MET D 200 -5.68 17.79 31.37
C MET D 200 -4.47 18.59 30.91
N PRO D 201 -4.64 19.90 30.69
CA PRO D 201 -3.50 20.71 30.23
C PRO D 201 -2.33 20.77 31.22
N PHE D 202 -2.59 20.43 32.48
CA PHE D 202 -1.56 20.49 33.51
C PHE D 202 -1.08 19.14 34.00
N SER D 203 -1.17 18.12 33.14
CA SER D 203 -0.75 16.78 33.51
C SER D 203 0.67 16.73 34.08
N ASN D 204 1.59 17.48 33.46
CA ASN D 204 2.96 17.48 33.92
C ASN D 204 3.08 18.08 35.31
N LEU D 205 2.39 19.20 35.54
CA LEU D 205 2.43 19.81 36.86
C LEU D 205 1.85 18.85 37.89
N ILE D 206 0.82 18.11 37.51
CA ILE D 206 0.21 17.15 38.40
C ILE D 206 1.21 16.10 38.82
N THR D 207 1.98 15.59 37.87
CA THR D 207 2.93 14.55 38.21
C THR D 207 3.99 15.10 39.15
N LYS D 208 4.51 16.27 38.84
CA LYS D 208 5.52 16.86 39.72
C LYS D 208 4.97 16.94 41.14
N LYS D 209 3.85 17.65 41.29
CA LYS D 209 3.24 17.82 42.60
C LYS D 209 3.00 16.52 43.34
N LEU D 210 2.47 15.52 42.65
CA LEU D 210 2.23 14.24 43.29
C LEU D 210 3.53 13.70 43.84
N ASP D 211 4.61 13.82 43.07
CA ASP D 211 5.91 13.34 43.51
C ASP D 211 6.43 14.11 44.71
N GLU D 212 6.37 15.44 44.63
CA GLU D 212 6.80 16.29 45.73
C GLU D 212 6.14 15.80 47.03
N ILE D 213 4.84 15.54 46.96
CA ILE D 213 4.07 15.07 48.11
C ILE D 213 4.60 13.72 48.57
N GLN D 214 4.92 12.86 47.61
CA GLN D 214 5.42 11.52 47.91
C GLN D 214 6.84 11.53 48.50
N LYS D 215 7.67 12.49 48.06
CA LYS D 215 9.04 12.61 48.55
C LYS D 215 9.03 12.83 50.06
N ILE D 216 8.32 13.88 50.47
CA ILE D 216 8.20 14.24 51.86
C ILE D 216 7.26 13.29 52.61
N ASN D 217 7.01 12.13 52.00
CA ASN D 217 6.14 11.10 52.57
C ASN D 217 4.98 11.60 53.41
N LEU D 218 4.03 12.29 52.79
CA LEU D 218 2.86 12.80 53.52
C LEU D 218 1.86 11.69 53.71
N ALA D 219 1.47 11.46 54.95
CA ALA D 219 0.49 10.42 55.26
C ALA D 219 -0.91 10.95 54.93
N ILE D 220 -1.45 10.49 53.81
CA ILE D 220 -2.78 10.92 53.38
C ILE D 220 -3.85 9.88 53.69
N LYS D 221 -4.54 10.07 54.81
CA LYS D 221 -5.60 9.14 55.21
C LYS D 221 -6.95 9.48 54.57
N THR D 222 -7.17 10.76 54.27
CA THR D 222 -8.41 11.18 53.62
C THR D 222 -8.22 12.48 52.82
N ILE D 223 -8.92 12.60 51.70
CA ILE D 223 -8.83 13.79 50.85
C ILE D 223 -10.22 14.40 50.73
N ALA D 224 -10.32 15.70 51.02
CA ALA D 224 -11.60 16.41 50.96
C ALA D 224 -11.54 17.56 49.98
N PRO D 225 -11.95 17.31 48.73
CA PRO D 225 -11.96 18.31 47.66
C PRO D 225 -13.09 19.32 47.81
N SER D 226 -13.01 20.41 47.06
CA SER D 226 -14.02 21.46 47.15
C SER D 226 -15.26 21.17 46.33
N HIS D 227 -15.30 20.02 45.67
CA HIS D 227 -16.44 19.62 44.86
C HIS D 227 -16.67 18.13 45.04
N GLY D 228 -17.91 17.77 45.35
CA GLY D 228 -18.26 16.38 45.48
C GLY D 228 -17.88 15.59 46.72
N ILE D 229 -17.78 14.29 46.50
CA ILE D 229 -17.47 13.31 47.52
C ILE D 229 -16.11 13.40 48.23
N ILE D 230 -16.10 13.04 49.50
CA ILE D 230 -14.89 13.06 50.30
C ILE D 230 -14.27 11.67 50.33
N TRP D 231 -13.05 11.55 49.80
CA TRP D 231 -12.35 10.26 49.76
C TRP D 231 -11.89 9.89 51.15
N ARG D 232 -12.74 9.15 51.86
CA ARG D 232 -12.49 8.72 53.23
C ARG D 232 -11.92 7.31 53.35
N LYS D 233 -12.51 6.36 52.62
CA LYS D 233 -12.07 4.97 52.68
C LYS D 233 -10.92 4.59 51.76
N ASP D 234 -10.75 5.28 50.64
CA ASP D 234 -9.66 4.92 49.76
C ASP D 234 -9.10 6.03 48.90
N PRO D 235 -8.40 6.99 49.52
CA PRO D 235 -7.82 8.08 48.74
C PRO D 235 -6.66 7.60 47.88
N GLY D 236 -6.35 6.32 47.98
CA GLY D 236 -5.27 5.78 47.17
C GLY D 236 -5.75 5.70 45.73
N ARG D 237 -7.01 5.31 45.56
CA ARG D 237 -7.63 5.15 44.25
C ARG D 237 -7.45 6.35 43.32
N ILE D 238 -7.86 7.54 43.76
CA ILE D 238 -7.71 8.71 42.88
C ILE D 238 -6.27 9.17 42.78
N ILE D 239 -5.46 8.92 43.80
CA ILE D 239 -4.07 9.33 43.73
C ILE D 239 -3.39 8.49 42.64
N GLU D 240 -3.70 7.20 42.58
CA GLU D 240 -3.13 6.35 41.53
C GLU D 240 -3.71 6.80 40.21
N ALA D 241 -5.04 6.96 40.18
CA ALA D 241 -5.76 7.40 38.99
C ALA D 241 -5.16 8.69 38.44
N TYR D 242 -5.01 9.70 39.29
CA TYR D 242 -4.43 10.98 38.88
C TYR D 242 -3.03 10.73 38.33
N ALA D 243 -2.29 9.87 39.00
CA ALA D 243 -0.94 9.53 38.58
C ALA D 243 -1.01 8.96 37.17
N ARG D 244 -1.87 7.97 36.98
CA ARG D 244 -2.06 7.33 35.67
C ARG D 244 -2.41 8.38 34.62
N TRP D 245 -3.51 9.10 34.87
CA TRP D 245 -3.98 10.12 33.93
C TRP D 245 -2.95 11.17 33.58
N ALA D 246 -2.15 11.58 34.56
CA ALA D 246 -1.14 12.60 34.31
C ALA D 246 0.01 12.05 33.47
N GLU D 247 0.38 10.79 33.72
CA GLU D 247 1.45 10.10 32.99
C GLU D 247 1.12 10.19 31.50
N GLY D 248 -0.09 9.78 31.14
CA GLY D 248 -0.53 9.85 29.77
C GLY D 248 -0.30 8.63 28.92
N GLN D 249 -0.01 7.50 29.54
CA GLN D 249 0.27 6.27 28.79
C GLN D 249 -0.95 5.90 27.95
N GLY D 250 -2.13 6.27 28.45
CA GLY D 250 -3.36 5.95 27.74
C GLY D 250 -3.64 4.47 27.57
N LYS D 251 -4.70 4.17 26.83
CA LYS D 251 -5.08 2.80 26.56
C LYS D 251 -5.18 2.57 25.05
N ALA D 252 -5.22 1.31 24.64
CA ALA D 252 -5.34 0.96 23.24
C ALA D 252 -6.81 1.26 22.90
N LYS D 253 -7.10 2.54 22.69
CA LYS D 253 -8.45 3.00 22.41
C LYS D 253 -8.42 4.31 21.64
N ALA D 254 -9.41 4.51 20.78
CA ALA D 254 -9.50 5.73 19.99
C ALA D 254 -10.89 6.35 20.08
N VAL D 255 -10.93 7.66 19.90
CA VAL D 255 -12.18 8.40 19.94
C VAL D 255 -12.32 9.11 18.61
N ILE D 256 -13.44 8.85 17.97
CA ILE D 256 -13.75 9.45 16.68
C ILE D 256 -14.93 10.39 16.91
N ALA D 257 -14.73 11.69 16.69
CA ALA D 257 -15.80 12.66 16.84
C ALA D 257 -15.95 13.32 15.48
N TYR D 258 -17.18 13.54 15.04
CA TYR D 258 -17.41 14.12 13.72
C TYR D 258 -18.86 14.55 13.56
N ASP D 259 -19.19 14.97 12.35
CA ASP D 259 -20.55 15.30 11.97
C ASP D 259 -20.69 15.44 10.46
N THR D 260 -21.91 15.27 9.96
CA THR D 260 -22.15 15.35 8.53
C THR D 260 -23.48 15.97 8.17
N MET D 261 -23.60 16.33 6.90
CA MET D 261 -24.82 16.91 6.36
C MET D 261 -25.56 15.83 5.59
N TRP D 262 -24.82 15.05 4.82
CA TRP D 262 -25.43 14.01 4.02
C TRP D 262 -24.84 12.60 4.16
N LEU D 263 -24.11 12.35 5.25
CA LEU D 263 -23.56 11.03 5.55
C LEU D 263 -22.24 10.51 4.99
N SER D 264 -21.67 11.15 3.96
CA SER D 264 -20.41 10.67 3.43
C SER D 264 -19.36 10.60 4.52
N THR D 265 -19.21 11.69 5.26
CA THR D 265 -18.23 11.76 6.34
C THR D 265 -18.54 10.71 7.40
N GLU D 266 -19.82 10.46 7.62
CA GLU D 266 -20.24 9.46 8.60
C GLU D 266 -19.87 8.05 8.12
N LYS D 267 -19.88 7.83 6.82
CA LYS D 267 -19.54 6.53 6.29
C LYS D 267 -18.03 6.33 6.45
N MET D 268 -17.28 7.41 6.26
CA MET D 268 -15.83 7.35 6.41
C MET D 268 -15.50 7.02 7.85
N ALA D 269 -16.16 7.74 8.77
CA ALA D 269 -15.97 7.57 10.19
C ALA D 269 -16.17 6.12 10.61
N HIS D 270 -17.16 5.47 10.00
CA HIS D 270 -17.46 4.08 10.31
C HIS D 270 -16.35 3.16 9.80
N ALA D 271 -15.91 3.42 8.56
CA ALA D 271 -14.85 2.66 7.93
C ALA D 271 -13.66 2.68 8.85
N LEU D 272 -13.20 3.89 9.15
CA LEU D 272 -12.07 4.10 10.04
C LEU D 272 -12.26 3.30 11.34
N MET D 273 -13.46 3.39 11.92
CA MET D 273 -13.74 2.65 13.14
C MET D 273 -13.58 1.15 12.94
N ASP D 274 -14.04 0.62 11.80
CA ASP D 274 -13.94 -0.80 11.51
C ASP D 274 -12.48 -1.28 11.49
N GLY D 275 -11.60 -0.48 10.91
CA GLY D 275 -10.20 -0.84 10.86
C GLY D 275 -9.55 -0.81 12.23
N LEU D 276 -9.91 0.20 13.02
CA LEU D 276 -9.37 0.34 14.38
C LEU D 276 -9.79 -0.85 15.24
N VAL D 277 -11.09 -1.12 15.26
CA VAL D 277 -11.62 -2.22 16.04
C VAL D 277 -10.97 -3.53 15.65
N ALA D 278 -10.77 -3.72 14.34
CA ALA D 278 -10.13 -4.93 13.82
C ALA D 278 -8.70 -5.05 14.35
N GLY D 279 -7.97 -3.94 14.29
CA GLY D 279 -6.60 -3.92 14.76
C GLY D 279 -6.44 -4.08 16.27
N GLY D 280 -7.56 -4.21 16.99
CA GLY D 280 -7.50 -4.40 18.43
C GLY D 280 -7.86 -3.25 19.37
N CYS D 281 -8.20 -2.09 18.82
CA CYS D 281 -8.56 -0.94 19.65
C CYS D 281 -10.05 -0.75 19.90
N GLU D 282 -10.38 -0.22 21.07
CA GLU D 282 -11.76 0.09 21.43
C GLU D 282 -12.07 1.45 20.83
N VAL D 283 -13.27 1.62 20.29
CA VAL D 283 -13.61 2.89 19.68
C VAL D 283 -14.85 3.53 20.29
N LYS D 284 -14.82 4.85 20.39
CA LYS D 284 -15.94 5.62 20.90
C LYS D 284 -16.33 6.54 19.73
N LEU D 285 -17.54 6.36 19.21
CA LEU D 285 -18.01 7.17 18.08
C LEU D 285 -18.91 8.30 18.60
N PHE D 286 -18.65 9.53 18.16
CA PHE D 286 -19.44 10.66 18.61
C PHE D 286 -19.92 11.59 17.50
N LYS D 287 -21.22 11.61 17.27
CA LYS D 287 -21.78 12.55 16.30
C LYS D 287 -21.91 13.81 17.18
N LEU D 288 -20.96 14.71 17.04
CA LEU D 288 -20.90 15.91 17.84
C LEU D 288 -22.19 16.67 18.05
N SER D 289 -23.05 16.76 17.03
CA SER D 289 -24.30 17.50 17.18
C SER D 289 -25.27 16.87 18.19
N VAL D 290 -25.03 15.63 18.58
CA VAL D 290 -25.90 14.95 19.52
C VAL D 290 -25.12 14.39 20.70
N SER D 291 -23.99 15.00 21.01
CA SER D 291 -23.14 14.52 22.09
C SER D 291 -22.67 15.61 23.03
N ASP D 292 -22.35 15.22 24.26
CA ASP D 292 -21.87 16.14 25.28
C ASP D 292 -20.34 16.31 25.15
N ARG D 293 -19.92 17.49 24.69
CA ARG D 293 -18.50 17.76 24.52
C ARG D 293 -17.66 17.34 25.71
N ASN D 294 -18.17 17.61 26.91
CA ASN D 294 -17.45 17.26 28.12
C ASN D 294 -17.29 15.75 28.22
N ASP D 295 -18.29 15.01 27.77
CA ASP D 295 -18.20 13.56 27.83
C ASP D 295 -17.26 13.06 26.74
N VAL D 296 -17.31 13.69 25.57
CA VAL D 296 -16.42 13.32 24.48
C VAL D 296 -15.00 13.47 24.99
N ILE D 297 -14.73 14.62 25.60
CA ILE D 297 -13.41 14.91 26.15
C ILE D 297 -13.02 14.00 27.31
N LYS D 298 -14.00 13.54 28.09
CA LYS D 298 -13.69 12.63 29.18
C LYS D 298 -13.08 11.38 28.57
N GLU D 299 -13.70 10.89 27.50
CA GLU D 299 -13.22 9.70 26.80
C GLU D 299 -11.84 9.88 26.18
N ILE D 300 -11.56 11.09 25.68
CA ILE D 300 -10.27 11.38 25.08
C ILE D 300 -9.09 11.23 26.04
N LEU D 301 -9.35 11.34 27.34
CA LEU D 301 -8.28 11.21 28.34
C LEU D 301 -7.54 9.86 28.21
N ASP D 302 -8.26 8.75 28.43
CA ASP D 302 -7.72 7.39 28.32
C ASP D 302 -7.20 7.11 26.91
N ALA D 303 -7.98 7.54 25.92
CA ALA D 303 -7.70 7.35 24.50
C ALA D 303 -6.33 7.74 23.98
N ARG D 304 -5.76 6.89 23.13
CA ARG D 304 -4.45 7.15 22.53
C ARG D 304 -4.60 7.77 21.15
N ALA D 305 -5.74 7.54 20.51
CA ALA D 305 -5.98 8.09 19.19
C ALA D 305 -7.19 9.02 19.18
N VAL D 306 -7.07 10.12 18.47
CA VAL D 306 -8.13 11.10 18.35
C VAL D 306 -8.31 11.47 16.88
N LEU D 307 -9.46 11.13 16.30
CA LEU D 307 -9.70 11.49 14.91
C LEU D 307 -10.99 12.28 14.81
N VAL D 308 -10.92 13.43 14.16
CA VAL D 308 -12.05 14.33 13.99
C VAL D 308 -12.42 14.51 12.52
N GLY D 309 -13.71 14.42 12.21
CA GLY D 309 -14.10 14.57 10.83
C GLY D 309 -15.22 15.56 10.60
N SER D 310 -15.17 16.22 9.45
CA SER D 310 -16.17 17.19 9.07
C SER D 310 -16.15 17.41 7.58
N PRO D 311 -17.32 17.63 6.99
CA PRO D 311 -17.46 17.87 5.55
C PRO D 311 -16.99 19.30 5.37
N THR D 312 -17.09 19.81 4.15
CA THR D 312 -16.68 21.19 3.91
C THR D 312 -17.91 22.03 3.64
N ILE D 313 -18.13 23.05 4.45
CA ILE D 313 -19.27 23.93 4.22
C ILE D 313 -18.70 25.32 4.11
N ASN D 314 -19.12 26.05 3.08
CA ASN D 314 -18.64 27.41 2.81
C ASN D 314 -17.12 27.59 2.96
N ASN D 315 -16.35 26.60 2.48
CA ASN D 315 -14.88 26.63 2.52
C ASN D 315 -14.30 26.44 3.89
N ASP D 316 -15.17 26.42 4.89
CA ASP D 316 -14.73 26.25 6.27
C ASP D 316 -15.17 24.89 6.79
N ILE D 317 -15.35 24.80 8.09
CA ILE D 317 -15.75 23.56 8.72
C ILE D 317 -17.20 23.69 9.20
N LEU D 318 -17.76 22.55 9.59
CA LEU D 318 -19.11 22.51 10.10
C LEU D 318 -18.97 23.15 11.49
N PRO D 319 -19.71 24.23 11.75
CA PRO D 319 -19.66 24.93 13.04
C PRO D 319 -19.81 24.06 14.28
N VAL D 320 -20.55 22.97 14.16
CA VAL D 320 -20.75 22.06 15.28
C VAL D 320 -19.44 21.39 15.68
N VAL D 321 -18.43 21.49 14.83
CA VAL D 321 -17.15 20.85 15.11
C VAL D 321 -16.11 21.80 15.74
N SER D 322 -16.35 23.11 15.63
CA SER D 322 -15.42 24.09 16.19
C SER D 322 -15.15 23.91 17.68
N PRO D 323 -16.21 23.88 18.50
CA PRO D 323 -16.03 23.71 19.95
C PRO D 323 -15.03 22.62 20.33
N LEU D 324 -15.23 21.41 19.84
CA LEU D 324 -14.33 20.31 20.19
C LEU D 324 -12.89 20.63 19.76
N LEU D 325 -12.72 21.30 18.63
CA LEU D 325 -11.40 21.62 18.14
C LEU D 325 -10.69 22.66 18.98
N ASP D 326 -11.38 23.73 19.34
CA ASP D 326 -10.75 24.75 20.15
C ASP D 326 -10.56 24.26 21.58
N ASP D 327 -11.47 23.43 22.05
CA ASP D 327 -11.36 22.90 23.41
C ASP D 327 -10.08 22.10 23.51
N LEU D 328 -9.82 21.28 22.49
CA LEU D 328 -8.61 20.45 22.47
C LEU D 328 -7.34 21.28 22.39
N VAL D 329 -7.36 22.36 21.61
CA VAL D 329 -6.18 23.20 21.51
C VAL D 329 -5.79 23.64 22.92
N GLY D 330 -6.78 24.18 23.64
CA GLY D 330 -6.54 24.66 24.99
C GLY D 330 -6.24 23.58 26.02
N LEU D 331 -6.90 22.44 25.94
CA LEU D 331 -6.68 21.38 26.92
C LEU D 331 -5.37 20.63 26.76
N ARG D 332 -4.66 20.90 25.66
CA ARG D 332 -3.38 20.28 25.38
C ARG D 332 -3.25 18.79 25.72
N PRO D 333 -4.08 17.93 25.08
CA PRO D 333 -4.00 16.49 25.36
C PRO D 333 -2.55 16.07 25.29
N LYS D 334 -2.20 15.04 26.04
CA LYS D 334 -0.83 14.57 26.11
C LYS D 334 -0.60 13.20 25.47
N ASN D 335 0.45 13.10 24.67
CA ASN D 335 0.79 11.84 24.04
C ASN D 335 -0.39 11.25 23.26
N LYS D 336 -0.85 11.98 22.25
CA LYS D 336 -1.98 11.54 21.44
C LYS D 336 -1.66 11.54 19.95
N VAL D 337 -2.12 10.51 19.25
CA VAL D 337 -1.94 10.42 17.80
C VAL D 337 -3.31 10.70 17.22
N GLY D 338 -3.36 11.33 16.06
CA GLY D 338 -4.65 11.64 15.46
C GLY D 338 -4.73 11.68 13.94
N LEU D 339 -5.95 11.87 13.44
CA LEU D 339 -6.20 11.90 12.01
C LEU D 339 -7.40 12.80 11.69
N ALA D 340 -7.37 13.44 10.51
CA ALA D 340 -8.46 14.29 10.06
C ALA D 340 -9.10 13.66 8.81
N PHE D 341 -10.37 13.94 8.59
CA PHE D 341 -11.07 13.39 7.43
C PHE D 341 -12.34 14.15 7.12
N GLY D 342 -12.88 13.94 5.94
CA GLY D 342 -14.11 14.61 5.56
C GLY D 342 -14.42 14.48 4.07
N ALA D 343 -15.57 15.02 3.67
CA ALA D 343 -15.99 14.99 2.29
C ALA D 343 -16.12 16.41 1.77
N TYR D 344 -16.37 16.55 0.49
CA TYR D 344 -16.54 17.87 -0.11
C TYR D 344 -17.12 17.73 -1.51
N GLY D 345 -17.67 18.82 -2.03
CA GLY D 345 -18.26 18.78 -3.35
C GLY D 345 -17.34 19.29 -4.44
N TRP D 346 -16.50 20.28 -4.11
CA TRP D 346 -15.60 20.83 -5.10
C TRP D 346 -14.22 21.24 -4.61
N GLY D 347 -14.15 22.37 -3.91
CA GLY D 347 -12.88 22.85 -3.40
C GLY D 347 -12.41 22.20 -2.10
N GLY D 348 -13.29 22.16 -1.10
CA GLY D 348 -12.93 21.58 0.17
C GLY D 348 -12.35 22.69 1.02
N GLY D 349 -11.55 22.33 2.02
CA GLY D 349 -10.96 23.36 2.86
C GLY D 349 -11.18 23.13 4.34
N ALA D 350 -11.96 22.09 4.65
CA ALA D 350 -12.23 21.76 6.03
C ALA D 350 -11.06 20.94 6.57
N GLN D 351 -10.40 20.21 5.68
CA GLN D 351 -9.28 19.34 6.05
C GLN D 351 -8.06 20.07 6.57
N LYS D 352 -7.78 21.27 6.05
CA LYS D 352 -6.61 22.00 6.52
C LYS D 352 -6.91 22.56 7.91
N ILE D 353 -8.10 23.11 8.10
CA ILE D 353 -8.48 23.65 9.39
C ILE D 353 -8.45 22.52 10.41
N LEU D 354 -9.16 21.44 10.13
CA LEU D 354 -9.15 20.29 11.03
C LEU D 354 -7.71 19.89 11.33
N GLU D 355 -6.88 19.82 10.30
CA GLU D 355 -5.50 19.42 10.51
C GLU D 355 -4.63 20.47 11.20
N GLU D 356 -4.90 21.74 10.97
CA GLU D 356 -4.08 22.76 11.63
C GLU D 356 -4.40 22.79 13.12
N ARG D 357 -5.69 22.90 13.44
CA ARG D 357 -6.17 22.92 14.81
C ARG D 357 -5.72 21.67 15.55
N LEU D 358 -5.84 20.51 14.89
CA LEU D 358 -5.43 19.24 15.49
C LEU D 358 -3.96 19.27 15.83
N LYS D 359 -3.19 19.97 14.99
CA LYS D 359 -1.76 20.08 15.23
C LYS D 359 -1.53 21.06 16.36
N ALA D 360 -2.28 22.15 16.38
CA ALA D 360 -2.16 23.15 17.44
C ALA D 360 -2.42 22.50 18.82
N ALA D 361 -3.29 21.50 18.85
CA ALA D 361 -3.59 20.81 20.11
C ALA D 361 -2.44 19.90 20.46
N LYS D 362 -1.41 19.90 19.61
CA LYS D 362 -0.22 19.09 19.81
C LYS D 362 -0.47 17.61 19.55
N ILE D 363 -1.49 17.30 18.75
CA ILE D 363 -1.79 15.91 18.41
C ILE D 363 -0.98 15.56 17.16
N GLU D 364 -0.26 14.44 17.20
CA GLU D 364 0.57 14.01 16.09
C GLU D 364 -0.23 13.28 15.02
N LEU D 365 -0.47 13.95 13.89
CA LEU D 365 -1.22 13.35 12.78
C LEU D 365 -0.56 12.08 12.28
N ILE D 366 -1.30 10.98 12.32
CA ILE D 366 -0.78 9.70 11.89
C ILE D 366 -0.59 9.63 10.37
N ALA D 367 -1.00 10.69 9.66
CA ALA D 367 -0.86 10.73 8.21
C ALA D 367 -1.38 12.05 7.67
N GLU D 368 -0.54 13.09 7.74
CA GLU D 368 -0.87 14.45 7.31
C GLU D 368 -2.10 14.60 6.41
N PRO D 369 -1.96 14.62 5.06
CA PRO D 369 -3.26 14.77 4.38
C PRO D 369 -4.15 13.56 4.64
N GLY D 370 -5.12 13.74 5.53
CA GLY D 370 -5.99 12.65 5.88
C GLY D 370 -6.99 12.29 4.81
N PRO D 371 -7.73 11.20 5.02
CA PRO D 371 -8.74 10.71 4.08
C PRO D 371 -9.71 11.79 3.69
N THR D 372 -9.84 12.02 2.39
CA THR D 372 -10.77 12.99 1.86
C THR D 372 -11.58 12.31 0.75
N VAL D 373 -12.85 12.66 0.68
CA VAL D 373 -13.76 12.08 -0.31
C VAL D 373 -14.56 13.19 -0.99
N GLN D 374 -14.86 13.02 -2.27
CA GLN D 374 -15.64 14.03 -2.98
C GLN D 374 -17.04 13.49 -3.19
N TRP D 375 -18.03 14.25 -2.72
CA TRP D 375 -19.42 13.86 -2.87
C TRP D 375 -19.75 12.60 -2.08
N VAL D 376 -19.37 11.44 -2.61
CA VAL D 376 -19.66 10.17 -1.97
C VAL D 376 -18.48 9.20 -1.98
N PRO D 377 -18.33 8.40 -0.91
CA PRO D 377 -17.24 7.44 -0.83
C PRO D 377 -17.36 6.33 -1.85
N ARG D 378 -16.22 5.90 -2.37
CA ARG D 378 -16.20 4.80 -3.33
C ARG D 378 -15.75 3.61 -2.48
N GLY D 379 -15.85 2.40 -3.03
CA GLY D 379 -15.42 1.24 -2.30
C GLY D 379 -13.95 1.42 -2.01
N GLU D 380 -13.25 2.03 -2.97
CA GLU D 380 -11.82 2.31 -2.87
C GLU D 380 -11.59 3.18 -1.64
N ASP D 381 -12.29 4.31 -1.61
CA ASP D 381 -12.20 5.26 -0.51
C ASP D 381 -12.43 4.57 0.84
N LEU D 382 -13.56 3.90 1.00
CA LEU D 382 -13.81 3.25 2.26
C LEU D 382 -12.69 2.30 2.61
N GLN D 383 -12.15 1.60 1.61
CA GLN D 383 -11.05 0.66 1.85
C GLN D 383 -9.82 1.40 2.40
N ARG D 384 -9.60 2.58 1.86
CA ARG D 384 -8.48 3.41 2.29
C ARG D 384 -8.65 3.60 3.81
N CYS D 385 -9.79 4.17 4.19
CA CYS D 385 -10.11 4.44 5.58
C CYS D 385 -9.88 3.23 6.48
N TYR D 386 -10.46 2.09 6.12
CA TYR D 386 -10.28 0.88 6.92
C TYR D 386 -8.79 0.67 7.21
N GLU D 387 -7.99 0.75 6.15
CA GLU D 387 -6.54 0.56 6.29
C GLU D 387 -5.95 1.57 7.28
N LEU D 388 -6.41 2.81 7.20
CA LEU D 388 -5.92 3.87 8.09
C LEU D 388 -6.27 3.61 9.55
N GLY D 389 -7.47 3.11 9.80
CA GLY D 389 -7.83 2.81 11.17
C GLY D 389 -7.01 1.59 11.55
N ARG D 390 -6.71 0.81 10.53
CA ARG D 390 -5.93 -0.41 10.68
C ARG D 390 -4.51 -0.01 11.08
N LYS D 391 -3.98 0.99 10.38
CA LYS D 391 -2.64 1.50 10.63
C LYS D 391 -2.55 2.17 12.00
N ILE D 392 -3.48 3.07 12.29
CA ILE D 392 -3.51 3.76 13.56
C ILE D 392 -3.52 2.75 14.71
N ALA D 393 -4.46 1.81 14.65
CA ALA D 393 -4.60 0.80 15.69
C ALA D 393 -3.28 0.10 15.97
N ALA D 394 -2.52 -0.17 14.92
CA ALA D 394 -1.24 -0.84 15.09
C ALA D 394 -0.26 0.00 15.89
N ARG D 395 -0.28 1.32 15.67
CA ARG D 395 0.63 2.19 16.38
C ARG D 395 0.24 2.33 17.85
N ILE D 396 -1.06 2.40 18.11
CA ILE D 396 -1.57 2.47 19.48
C ILE D 396 -1.35 1.08 20.09
N ALA D 397 -0.74 0.22 19.28
CA ALA D 397 -0.40 -1.16 19.64
C ALA D 397 -0.88 -1.65 20.99
N ASP D 398 0.02 -1.58 21.97
CA ASP D 398 -0.23 -2.02 23.35
C ASP D 398 0.03 -3.53 23.45
#